data_8G45
# 
_entry.id   8G45 
# 
_audit_conform.dict_name       mmcif_pdbx.dic 
_audit_conform.dict_version    5.376 
_audit_conform.dict_location   http://mmcif.pdb.org/dictionaries/ascii/mmcif_pdbx.dic 
# 
loop_
_database_2.database_id 
_database_2.database_code 
_database_2.pdbx_database_accession 
_database_2.pdbx_DOI 
PDB   8G45         pdb_00008g45 10.2210/pdb8g45/pdb 
WWPDB D_1000272169 ?            ?                   
# 
_pdbx_database_status.status_code                     REL 
_pdbx_database_status.status_code_sf                  REL 
_pdbx_database_status.status_code_mr                  ? 
_pdbx_database_status.entry_id                        8G45 
_pdbx_database_status.recvd_initial_deposition_date   2023-02-08 
_pdbx_database_status.SG_entry                        Y 
_pdbx_database_status.deposit_site                    RCSB 
_pdbx_database_status.process_site                    RCSB 
_pdbx_database_status.status_code_cs                  ? 
_pdbx_database_status.status_code_nmr_data            ? 
_pdbx_database_status.methods_development_category    ? 
_pdbx_database_status.pdb_format_compatible           Y 
# 
loop_
_audit_author.name 
_audit_author.pdbx_ordinal 
_audit_author.identifier_ORCID 
'Harding, R.J.'                        1  0000-0002-1134-391X 
'Franzoni, I.'                         2  0000-0001-8110-6218 
'Mann, M.K.'                           3  0000-0002-8252-6107 
'Szewczyk, M.'                         4  0000-0001-9243-1630 
'Mirabi, B.'                           5  0000-0002-4852-3439 
'Owens, D.D.G.'                        6  ?                   
'Ackloo, S.'                           7  0000-0002-9696-1839 
'Scheremetjew, A.'                     8  0000-0002-2091-5924 
'Juarez-Ornelas, K.A.'                 9  ?                   
'Sanichar, R.'                         10 0000-0003-4373-5317 
'Baker, R.J.'                          11 0000-0001-5514-8887 
'Dank, C.'                             12 0000-0001-7440-4153 
'Brown, P.J.'                          13 0000-0002-8454-0367 
'Barsyte-Lovejoy, D.'                  14 0000-0002-6560-9621 
'Santhakumar, V.'                      15 0000-0002-7001-557X 
'Schapira, M.'                         16 0000-0002-1047-3309 
'Lautens, M.'                          17 0000-0002-0179-2914 
'Arrowsmith, C.H.'                     18 0000-0002-4971-3250 
'Structural Genomics Consortium (SGC)' 19 ?                   
# 
_citation.abstract                  ? 
_citation.abstract_id_CAS           ? 
_citation.book_id_ISBN              ? 
_citation.book_publisher            ? 
_citation.book_publisher_city       ? 
_citation.book_title                ? 
_citation.coordinate_linkage        ? 
_citation.country                   US 
_citation.database_id_Medline       ? 
_citation.details                   ? 
_citation.id                        primary 
_citation.journal_abbrev            J.Med.Chem. 
_citation.journal_id_ASTM           JMCMAR 
_citation.journal_id_CSD            0151 
_citation.journal_id_ISSN           0022-2623 
_citation.journal_full              ? 
_citation.journal_issue             ? 
_citation.journal_volume            66 
_citation.language                  ? 
_citation.page_first                10273 
_citation.page_last                 10288 
_citation.title                     
'Discovery and Characterization of a Chemical Probe Targeting the Zinc-Finger Ubiquitin-Binding Domain of HDAC6.' 
_citation.year                      2023 
_citation.database_id_CSD           ? 
_citation.pdbx_database_id_DOI      10.1021/acs.jmedchem.3c00314 
_citation.pdbx_database_id_PubMed   37499118 
_citation.pdbx_database_id_patent   ? 
_citation.unpublished_flag          ? 
# 
loop_
_citation_author.citation_id 
_citation_author.name 
_citation_author.ordinal 
_citation_author.identifier_ORCID 
primary 'Harding, R.J.'           1  0000-0002-1134-391X 
primary 'Franzoni, I.'            2  0000-0001-8110-6218 
primary 'Mann, M.K.'              3  0000-0002-8252-6107 
primary 'Szewczyk, M.M.'          4  ?                   
primary 'Mirabi, B.'              5  0000-0002-4852-3439 
primary 'Ferreira de Freitas, R.' 6  ?                   
primary 'Owens, D.D.G.'           7  ?                   
primary 'Ackloo, S.'              8  0000-0002-9696-1839 
primary 'Scheremetjew, A.'        9  ?                   
primary 'Juarez-Ornelas, K.A.'    10 ?                   
primary 'Sanichar, R.'            11 ?                   
primary 'Baker, R.J.'             12 0000-0001-5514-8887 
primary 'Dank, C.'                13 ?                   
primary 'Brown, P.J.'             14 0000-0002-8454-0367 
primary 'Barsyte-Lovejoy, D.'     15 ?                   
primary 'Santhakumar, V.'         16 0000-0002-7001-557X 
primary 'Schapira, M.'            17 0000-0002-1047-3309 
primary 'Lautens, M.'             18 0000-0002-0179-2914 
primary 'Arrowsmith, C.H.'        19 0000-0002-4971-3250 
# 
_cell.angle_alpha                  90.00 
_cell.angle_alpha_esd              ? 
_cell.angle_beta                   90.00 
_cell.angle_beta_esd               ? 
_cell.angle_gamma                  90.00 
_cell.angle_gamma_esd              ? 
_cell.entry_id                     8G45 
_cell.details                      ? 
_cell.formula_units_Z              ? 
_cell.length_a                     40.610 
_cell.length_a_esd                 ? 
_cell.length_b                     44.910 
_cell.length_b_esd                 ? 
_cell.length_c                     55.700 
_cell.length_c_esd                 ? 
_cell.volume                       ? 
_cell.volume_esd                   ? 
_cell.Z_PDB                        4 
_cell.reciprocal_angle_alpha       ? 
_cell.reciprocal_angle_beta        ? 
_cell.reciprocal_angle_gamma       ? 
_cell.reciprocal_angle_alpha_esd   ? 
_cell.reciprocal_angle_beta_esd    ? 
_cell.reciprocal_angle_gamma_esd   ? 
_cell.reciprocal_length_a          ? 
_cell.reciprocal_length_b          ? 
_cell.reciprocal_length_c          ? 
_cell.reciprocal_length_a_esd      ? 
_cell.reciprocal_length_b_esd      ? 
_cell.reciprocal_length_c_esd      ? 
_cell.pdbx_unique_axis             ? 
_cell.pdbx_esd_method              ? 
# 
_symmetry.entry_id                         8G45 
_symmetry.cell_setting                     ? 
_symmetry.Int_Tables_number                19 
_symmetry.space_group_name_Hall            ? 
_symmetry.space_group_name_H-M             'P 21 21 21' 
_symmetry.pdbx_full_space_group_name_H-M   ? 
# 
loop_
_entity.id 
_entity.type 
_entity.src_method 
_entity.pdbx_description 
_entity.formula_weight 
_entity.pdbx_number_of_molecules 
_entity.pdbx_ec 
_entity.pdbx_mutation 
_entity.pdbx_fragment 
_entity.details 
1 polymer     man 'Histone deacetylase 6'                                                                                         
11932.607 1  3.5.1.98 ? ? ? 
2 non-polymer syn 'ZINC ION'                                                                                                      
65.409    3  ?        ? ? ? 
3 non-polymer syn '3-[8-chloro-3-(2-{[(2-methoxyphenyl)methyl]amino}-2-oxoethyl)-4-oxo-3,4-dihydroquinazolin-2-yl]propanoic acid' 
429.854   1  ?        ? ? ? 
4 water       nat water                                                                                                           
18.015    56 ?        ? ? ? 
# 
_entity_name_com.entity_id   1 
_entity_name_com.name        HD6 
# 
_entity_poly.entity_id                      1 
_entity_poly.type                           'polypeptide(L)' 
_entity_poly.nstd_linkage                   no 
_entity_poly.nstd_monomer                   no 
_entity_poly.pdbx_seq_one_letter_code       
;GSPLPWCPHLVAVCPIPAAGLDVTQPCGDCGTIQENWVCLSCYQVYCGRYINGHMLQHHGNSGHPLVLSYIDLSAWCYYC
QAYVHHQALLDVKNIAHQNKFGEDMPH
;
_entity_poly.pdbx_seq_one_letter_code_can   
;GSPLPWCPHLVAVCPIPAAGLDVTQPCGDCGTIQENWVCLSCYQVYCGRYINGHMLQHHGNSGHPLVLSYIDLSAWCYYC
QAYVHHQALLDVKNIAHQNKFGEDMPH
;
_entity_poly.pdbx_strand_id                 A 
_entity_poly.pdbx_target_identifier         ? 
# 
loop_
_entity_poly_seq.entity_id 
_entity_poly_seq.num 
_entity_poly_seq.mon_id 
_entity_poly_seq.hetero 
1 1   GLY n 
1 2   SER n 
1 3   PRO n 
1 4   LEU n 
1 5   PRO n 
1 6   TRP n 
1 7   CYS n 
1 8   PRO n 
1 9   HIS n 
1 10  LEU n 
1 11  VAL n 
1 12  ALA n 
1 13  VAL n 
1 14  CYS n 
1 15  PRO n 
1 16  ILE n 
1 17  PRO n 
1 18  ALA n 
1 19  ALA n 
1 20  GLY n 
1 21  LEU n 
1 22  ASP n 
1 23  VAL n 
1 24  THR n 
1 25  GLN n 
1 26  PRO n 
1 27  CYS n 
1 28  GLY n 
1 29  ASP n 
1 30  CYS n 
1 31  GLY n 
1 32  THR n 
1 33  ILE n 
1 34  GLN n 
1 35  GLU n 
1 36  ASN n 
1 37  TRP n 
1 38  VAL n 
1 39  CYS n 
1 40  LEU n 
1 41  SER n 
1 42  CYS n 
1 43  TYR n 
1 44  GLN n 
1 45  VAL n 
1 46  TYR n 
1 47  CYS n 
1 48  GLY n 
1 49  ARG n 
1 50  TYR n 
1 51  ILE n 
1 52  ASN n 
1 53  GLY n 
1 54  HIS n 
1 55  MET n 
1 56  LEU n 
1 57  GLN n 
1 58  HIS n 
1 59  HIS n 
1 60  GLY n 
1 61  ASN n 
1 62  SER n 
1 63  GLY n 
1 64  HIS n 
1 65  PRO n 
1 66  LEU n 
1 67  VAL n 
1 68  LEU n 
1 69  SER n 
1 70  TYR n 
1 71  ILE n 
1 72  ASP n 
1 73  LEU n 
1 74  SER n 
1 75  ALA n 
1 76  TRP n 
1 77  CYS n 
1 78  TYR n 
1 79  TYR n 
1 80  CYS n 
1 81  GLN n 
1 82  ALA n 
1 83  TYR n 
1 84  VAL n 
1 85  HIS n 
1 86  HIS n 
1 87  GLN n 
1 88  ALA n 
1 89  LEU n 
1 90  LEU n 
1 91  ASP n 
1 92  VAL n 
1 93  LYS n 
1 94  ASN n 
1 95  ILE n 
1 96  ALA n 
1 97  HIS n 
1 98  GLN n 
1 99  ASN n 
1 100 LYS n 
1 101 PHE n 
1 102 GLY n 
1 103 GLU n 
1 104 ASP n 
1 105 MET n 
1 106 PRO n 
1 107 HIS n 
# 
_entity_src_gen.entity_id                          1 
_entity_src_gen.pdbx_src_id                        1 
_entity_src_gen.pdbx_alt_source_flag               sample 
_entity_src_gen.pdbx_seq_type                      'Biological sequence' 
_entity_src_gen.pdbx_beg_seq_num                   1 
_entity_src_gen.pdbx_end_seq_num                   107 
_entity_src_gen.gene_src_common_name               human 
_entity_src_gen.gene_src_genus                     ? 
_entity_src_gen.pdbx_gene_src_gene                 'HDAC6, KIAA0901, JM21' 
_entity_src_gen.gene_src_species                   ? 
_entity_src_gen.gene_src_strain                    ? 
_entity_src_gen.gene_src_tissue                    ? 
_entity_src_gen.gene_src_tissue_fraction           ? 
_entity_src_gen.gene_src_details                   ? 
_entity_src_gen.pdbx_gene_src_fragment             ? 
_entity_src_gen.pdbx_gene_src_scientific_name      'Homo sapiens' 
_entity_src_gen.pdbx_gene_src_ncbi_taxonomy_id     9606 
_entity_src_gen.pdbx_gene_src_variant              ? 
_entity_src_gen.pdbx_gene_src_cell_line            ? 
_entity_src_gen.pdbx_gene_src_atcc                 ? 
_entity_src_gen.pdbx_gene_src_organ                ? 
_entity_src_gen.pdbx_gene_src_organelle            ? 
_entity_src_gen.pdbx_gene_src_cell                 ? 
_entity_src_gen.pdbx_gene_src_cellular_location    ? 
_entity_src_gen.host_org_common_name               ? 
_entity_src_gen.pdbx_host_org_scientific_name      'Escherichia coli' 
_entity_src_gen.pdbx_host_org_ncbi_taxonomy_id     562 
_entity_src_gen.host_org_genus                     ? 
_entity_src_gen.pdbx_host_org_gene                 ? 
_entity_src_gen.pdbx_host_org_organ                ? 
_entity_src_gen.host_org_species                   ? 
_entity_src_gen.pdbx_host_org_tissue               ? 
_entity_src_gen.pdbx_host_org_tissue_fraction      ? 
_entity_src_gen.pdbx_host_org_strain               ? 
_entity_src_gen.pdbx_host_org_variant              ? 
_entity_src_gen.pdbx_host_org_cell_line            ? 
_entity_src_gen.pdbx_host_org_atcc                 ? 
_entity_src_gen.pdbx_host_org_culture_collection   ? 
_entity_src_gen.pdbx_host_org_cell                 ? 
_entity_src_gen.pdbx_host_org_organelle            ? 
_entity_src_gen.pdbx_host_org_cellular_location    ? 
_entity_src_gen.pdbx_host_org_vector_type          ? 
_entity_src_gen.pdbx_host_org_vector               ? 
_entity_src_gen.host_org_details                   ? 
_entity_src_gen.expression_system_id               ? 
_entity_src_gen.plasmid_name                       ? 
_entity_src_gen.plasmid_details                    ? 
_entity_src_gen.pdbx_description                   ? 
# 
_struct_ref.id                         1 
_struct_ref.db_name                    UNP 
_struct_ref.db_code                    HDAC6_HUMAN 
_struct_ref.pdbx_db_accession          Q9UBN7 
_struct_ref.pdbx_db_isoform            ? 
_struct_ref.entity_id                  1 
_struct_ref.pdbx_seq_one_letter_code   
;PLPWCPHLVAVCPIPAAGLDVTQPCGDCGTIQENWVCLSCYQVYCGRYINGHMLQHHGNSGHPLVLSYIDLSAWCYYCQA
YVHHQALLDVKNIAHQNKFGEDMPH
;
_struct_ref.pdbx_align_begin           1109 
# 
_struct_ref_seq.align_id                      1 
_struct_ref_seq.ref_id                        1 
_struct_ref_seq.pdbx_PDB_id_code              8G45 
_struct_ref_seq.pdbx_strand_id                A 
_struct_ref_seq.seq_align_beg                 3 
_struct_ref_seq.pdbx_seq_align_beg_ins_code   ? 
_struct_ref_seq.seq_align_end                 107 
_struct_ref_seq.pdbx_seq_align_end_ins_code   ? 
_struct_ref_seq.pdbx_db_accession             Q9UBN7 
_struct_ref_seq.db_align_beg                  1109 
_struct_ref_seq.pdbx_db_align_beg_ins_code    ? 
_struct_ref_seq.db_align_end                  1213 
_struct_ref_seq.pdbx_db_align_end_ins_code    ? 
_struct_ref_seq.pdbx_auth_seq_align_beg       1109 
_struct_ref_seq.pdbx_auth_seq_align_end       1213 
# 
loop_
_struct_ref_seq_dif.align_id 
_struct_ref_seq_dif.pdbx_pdb_id_code 
_struct_ref_seq_dif.mon_id 
_struct_ref_seq_dif.pdbx_pdb_strand_id 
_struct_ref_seq_dif.seq_num 
_struct_ref_seq_dif.pdbx_pdb_ins_code 
_struct_ref_seq_dif.pdbx_seq_db_name 
_struct_ref_seq_dif.pdbx_seq_db_accession_code 
_struct_ref_seq_dif.db_mon_id 
_struct_ref_seq_dif.pdbx_seq_db_seq_num 
_struct_ref_seq_dif.details 
_struct_ref_seq_dif.pdbx_auth_seq_num 
_struct_ref_seq_dif.pdbx_ordinal 
1 8G45 GLY A 1 ? UNP Q9UBN7 ? ? 'expression tag' 1107 1 
1 8G45 SER A 2 ? UNP Q9UBN7 ? ? 'expression tag' 1108 2 
# 
loop_
_chem_comp.id 
_chem_comp.type 
_chem_comp.mon_nstd_flag 
_chem_comp.name 
_chem_comp.pdbx_synonyms 
_chem_comp.formula 
_chem_comp.formula_weight 
ALA 'L-peptide linking' y ALANINE ? 'C3 H7 N O2'       89.093  
ARG 'L-peptide linking' y ARGININE ? 'C6 H15 N4 O2 1'   175.209 
ASN 'L-peptide linking' y ASPARAGINE ? 'C4 H8 N2 O3'      132.118 
ASP 'L-peptide linking' y 'ASPARTIC ACID' ? 'C4 H7 N O4'       133.103 
CYS 'L-peptide linking' y CYSTEINE ? 'C3 H7 N O2 S'     121.158 
GLN 'L-peptide linking' y GLUTAMINE ? 'C5 H10 N2 O3'     146.144 
GLU 'L-peptide linking' y 'GLUTAMIC ACID' ? 'C5 H9 N O4'       147.129 
GLY 'peptide linking'   y GLYCINE ? 'C2 H5 N O2'       75.067  
HIS 'L-peptide linking' y HISTIDINE ? 'C6 H10 N3 O2 1'   156.162 
HOH non-polymer         . WATER ? 'H2 O'             18.015  
ILE 'L-peptide linking' y ISOLEUCINE ? 'C6 H13 N O2'      131.173 
LEU 'L-peptide linking' y LEUCINE ? 'C6 H13 N O2'      131.173 
LYS 'L-peptide linking' y LYSINE ? 'C6 H15 N2 O2 1'   147.195 
MET 'L-peptide linking' y METHIONINE ? 'C5 H11 N O2 S'    149.211 
PHE 'L-peptide linking' y PHENYLALANINE ? 'C9 H11 N O2'      165.189 
PRO 'L-peptide linking' y PROLINE ? 'C5 H9 N O2'       115.130 
SER 'L-peptide linking' y SERINE ? 'C3 H7 N O3'       105.093 
THR 'L-peptide linking' y THREONINE ? 'C4 H9 N O3'       119.119 
TRP 'L-peptide linking' y TRYPTOPHAN ? 'C11 H12 N2 O2'    204.225 
TYR 'L-peptide linking' y TYROSINE ? 'C9 H11 N O3'      181.189 
VAL 'L-peptide linking' y VALINE ? 'C5 H11 N O2'      117.146 
ZN  non-polymer         . 'ZINC ION' ? 'Zn 2'             65.409  
ZUE non-polymer         . 
'3-[8-chloro-3-(2-{[(2-methoxyphenyl)methyl]amino}-2-oxoethyl)-4-oxo-3,4-dihydroquinazolin-2-yl]propanoic acid' ? 
'C21 H20 Cl N3 O5' 429.854 
# 
_exptl.absorpt_coefficient_mu     ? 
_exptl.absorpt_correction_T_max   ? 
_exptl.absorpt_correction_T_min   ? 
_exptl.absorpt_correction_type    ? 
_exptl.absorpt_process_details    ? 
_exptl.entry_id                   8G45 
_exptl.crystals_number            1 
_exptl.details                    ? 
_exptl.method                     'X-RAY DIFFRACTION' 
_exptl.method_details             ? 
# 
_exptl_crystal.colour                       ? 
_exptl_crystal.density_diffrn               ? 
_exptl_crystal.density_Matthews             2.13 
_exptl_crystal.density_method               ? 
_exptl_crystal.density_percent_sol          42.21 
_exptl_crystal.description                  ? 
_exptl_crystal.F_000                        ? 
_exptl_crystal.id                           1 
_exptl_crystal.preparation                  ? 
_exptl_crystal.size_max                     ? 
_exptl_crystal.size_mid                     ? 
_exptl_crystal.size_min                     ? 
_exptl_crystal.size_rad                     ? 
_exptl_crystal.colour_lustre                ? 
_exptl_crystal.colour_modifier              ? 
_exptl_crystal.colour_primary               ? 
_exptl_crystal.density_meas                 ? 
_exptl_crystal.density_meas_esd             ? 
_exptl_crystal.density_meas_gt              ? 
_exptl_crystal.density_meas_lt              ? 
_exptl_crystal.density_meas_temp            ? 
_exptl_crystal.density_meas_temp_esd        ? 
_exptl_crystal.density_meas_temp_gt         ? 
_exptl_crystal.density_meas_temp_lt         ? 
_exptl_crystal.pdbx_crystal_image_url       ? 
_exptl_crystal.pdbx_crystal_image_format    ? 
_exptl_crystal.pdbx_mosaicity               ? 
_exptl_crystal.pdbx_mosaicity_esd           ? 
_exptl_crystal.pdbx_mosaic_method           ? 
_exptl_crystal.pdbx_mosaic_block_size       ? 
_exptl_crystal.pdbx_mosaic_block_size_esd   ? 
# 
_exptl_crystal_grow.apparatus       ? 
_exptl_crystal_grow.atmosphere      ? 
_exptl_crystal_grow.crystal_id      1 
_exptl_crystal_grow.details         ? 
_exptl_crystal_grow.method          'VAPOR DIFFUSION, SITTING DROP' 
_exptl_crystal_grow.method_ref      ? 
_exptl_crystal_grow.pH              ? 
_exptl_crystal_grow.pressure        ? 
_exptl_crystal_grow.pressure_esd    ? 
_exptl_crystal_grow.seeding         ? 
_exptl_crystal_grow.seeding_ref     ? 
_exptl_crystal_grow.temp_details    ? 
_exptl_crystal_grow.temp_esd        ? 
_exptl_crystal_grow.time            ? 
_exptl_crystal_grow.pdbx_details    '2 M sodium formate, 0.2 M sodium acetate pH4.6, 5 % ethylene glycol' 
_exptl_crystal_grow.pdbx_pH_range   ? 
_exptl_crystal_grow.temp            291 
# 
_diffrn.ambient_environment              ? 
_diffrn.ambient_temp                     100 
_diffrn.ambient_temp_details             ? 
_diffrn.ambient_temp_esd                 ? 
_diffrn.crystal_id                       1 
_diffrn.crystal_support                  ? 
_diffrn.crystal_treatment                ? 
_diffrn.details                          ? 
_diffrn.id                               1 
_diffrn.ambient_pressure                 ? 
_diffrn.ambient_pressure_esd             ? 
_diffrn.ambient_pressure_gt              ? 
_diffrn.ambient_pressure_lt              ? 
_diffrn.ambient_temp_gt                  ? 
_diffrn.ambient_temp_lt                  ? 
_diffrn.pdbx_serial_crystal_experiment   N 
# 
_diffrn_detector.details                      ? 
_diffrn_detector.detector                     PIXEL 
_diffrn_detector.diffrn_id                    1 
_diffrn_detector.type                         'DECTRIS EIGER X 16M' 
_diffrn_detector.area_resol_mean              ? 
_diffrn_detector.dtime                        ? 
_diffrn_detector.pdbx_frames_total            ? 
_diffrn_detector.pdbx_collection_time_total   ? 
_diffrn_detector.pdbx_collection_date         2019-04-02 
_diffrn_detector.pdbx_frequency               ? 
_diffrn_detector.id                           ? 
_diffrn_detector.number_of_axes               ? 
# 
_diffrn_radiation.collimation                      ? 
_diffrn_radiation.diffrn_id                        1 
_diffrn_radiation.filter_edge                      ? 
_diffrn_radiation.inhomogeneity                    ? 
_diffrn_radiation.monochromator                    ? 
_diffrn_radiation.polarisn_norm                    ? 
_diffrn_radiation.polarisn_ratio                   ? 
_diffrn_radiation.probe                            ? 
_diffrn_radiation.type                             ? 
_diffrn_radiation.xray_symbol                      ? 
_diffrn_radiation.wavelength_id                    1 
_diffrn_radiation.pdbx_monochromatic_or_laue_m_l   M 
_diffrn_radiation.pdbx_wavelength_list             ? 
_diffrn_radiation.pdbx_wavelength                  ? 
_diffrn_radiation.pdbx_diffrn_protocol             'SINGLE WAVELENGTH' 
_diffrn_radiation.pdbx_analyzer                    ? 
_diffrn_radiation.pdbx_scattering_type             x-ray 
# 
_diffrn_radiation_wavelength.id           1 
_diffrn_radiation_wavelength.wavelength   0.97918 
_diffrn_radiation_wavelength.wt           1.0 
# 
_diffrn_source.current                     ? 
_diffrn_source.details                     ? 
_diffrn_source.diffrn_id                   1 
_diffrn_source.power                       ? 
_diffrn_source.size                        ? 
_diffrn_source.source                      SYNCHROTRON 
_diffrn_source.target                      ? 
_diffrn_source.type                        'APS BEAMLINE 24-ID-E' 
_diffrn_source.voltage                     ? 
_diffrn_source.take-off_angle              ? 
_diffrn_source.pdbx_wavelength_list        0.97918 
_diffrn_source.pdbx_wavelength             ? 
_diffrn_source.pdbx_synchrotron_beamline   24-ID-E 
_diffrn_source.pdbx_synchrotron_site       APS 
# 
_reflns.B_iso_Wilson_estimate                          ? 
_reflns.entry_id                                       8G45 
_reflns.data_reduction_details                         ? 
_reflns.data_reduction_method                          ? 
_reflns.d_resolution_high                              1.62 
_reflns.d_resolution_low                               55.70 
_reflns.details                                        ? 
_reflns.limit_h_max                                    ? 
_reflns.limit_h_min                                    ? 
_reflns.limit_k_max                                    ? 
_reflns.limit_k_min                                    ? 
_reflns.limit_l_max                                    ? 
_reflns.limit_l_min                                    ? 
_reflns.number_all                                     ? 
_reflns.number_obs                                     13460 
_reflns.observed_criterion                             ? 
_reflns.observed_criterion_F_max                       ? 
_reflns.observed_criterion_F_min                       ? 
_reflns.observed_criterion_I_max                       ? 
_reflns.observed_criterion_I_min                       ? 
_reflns.observed_criterion_sigma_F                     ? 
_reflns.observed_criterion_sigma_I                     ? 
_reflns.percent_possible_obs                           99.7 
_reflns.R_free_details                                 ? 
_reflns.Rmerge_F_all                                   ? 
_reflns.Rmerge_F_obs                                   ? 
_reflns.Friedel_coverage                               ? 
_reflns.number_gt                                      ? 
_reflns.threshold_expression                           ? 
_reflns.pdbx_redundancy                                7.1 
_reflns.pdbx_netI_over_av_sigmaI                       ? 
_reflns.pdbx_netI_over_sigmaI                          14.6 
_reflns.pdbx_res_netI_over_av_sigmaI_2                 ? 
_reflns.pdbx_res_netI_over_sigmaI_2                    ? 
_reflns.pdbx_chi_squared                               0.90 
_reflns.pdbx_scaling_rejects                           ? 
_reflns.pdbx_d_res_high_opt                            ? 
_reflns.pdbx_d_res_low_opt                             ? 
_reflns.pdbx_d_res_opt_method                          ? 
_reflns.phase_calculation_details                      ? 
_reflns.pdbx_Rrim_I_all                                0.066 
_reflns.pdbx_Rpim_I_all                                0.024 
_reflns.pdbx_d_opt                                     ? 
_reflns.pdbx_number_measured_all                       95583 
_reflns.pdbx_diffrn_id                                 1 
_reflns.pdbx_ordinal                                   1 
_reflns.pdbx_CC_half                                   0.999 
_reflns.pdbx_CC_star                                   ? 
_reflns.pdbx_R_split                                   ? 
_reflns.pdbx_Rmerge_I_obs                              0.061 
_reflns.pdbx_Rmerge_I_all                              ? 
_reflns.pdbx_Rsym_value                                ? 
_reflns.pdbx_CC_split_method                           ? 
_reflns.pdbx_aniso_diffraction_limit_axis_1_ortho[1]   ? 
_reflns.pdbx_aniso_diffraction_limit_axis_1_ortho[2]   ? 
_reflns.pdbx_aniso_diffraction_limit_axis_1_ortho[3]   ? 
_reflns.pdbx_aniso_diffraction_limit_axis_2_ortho[1]   ? 
_reflns.pdbx_aniso_diffraction_limit_axis_2_ortho[2]   ? 
_reflns.pdbx_aniso_diffraction_limit_axis_2_ortho[3]   ? 
_reflns.pdbx_aniso_diffraction_limit_axis_3_ortho[1]   ? 
_reflns.pdbx_aniso_diffraction_limit_axis_3_ortho[2]   ? 
_reflns.pdbx_aniso_diffraction_limit_axis_3_ortho[3]   ? 
_reflns.pdbx_aniso_diffraction_limit_1                 ? 
_reflns.pdbx_aniso_diffraction_limit_2                 ? 
_reflns.pdbx_aniso_diffraction_limit_3                 ? 
_reflns.pdbx_aniso_B_tensor_eigenvector_1_ortho[1]     ? 
_reflns.pdbx_aniso_B_tensor_eigenvector_1_ortho[2]     ? 
_reflns.pdbx_aniso_B_tensor_eigenvector_1_ortho[3]     ? 
_reflns.pdbx_aniso_B_tensor_eigenvector_2_ortho[1]     ? 
_reflns.pdbx_aniso_B_tensor_eigenvector_2_ortho[2]     ? 
_reflns.pdbx_aniso_B_tensor_eigenvector_2_ortho[3]     ? 
_reflns.pdbx_aniso_B_tensor_eigenvector_3_ortho[1]     ? 
_reflns.pdbx_aniso_B_tensor_eigenvector_3_ortho[2]     ? 
_reflns.pdbx_aniso_B_tensor_eigenvector_3_ortho[3]     ? 
_reflns.pdbx_aniso_B_tensor_eigenvalue_1               ? 
_reflns.pdbx_aniso_B_tensor_eigenvalue_2               ? 
_reflns.pdbx_aniso_B_tensor_eigenvalue_3               ? 
_reflns.pdbx_orthogonalization_convention              ? 
_reflns.pdbx_percent_possible_ellipsoidal              ? 
_reflns.pdbx_percent_possible_spherical                ? 
_reflns.pdbx_percent_possible_ellipsoidal_anomalous    ? 
_reflns.pdbx_percent_possible_spherical_anomalous      ? 
_reflns.pdbx_redundancy_anomalous                      ? 
_reflns.pdbx_CC_half_anomalous                         ? 
_reflns.pdbx_absDiff_over_sigma_anomalous              ? 
_reflns.pdbx_percent_possible_anomalous                ? 
_reflns.pdbx_observed_signal_threshold                 ? 
_reflns.pdbx_signal_type                               ? 
_reflns.pdbx_signal_details                            ? 
_reflns.pdbx_signal_software_id                        ? 
# 
_reflns_shell.d_res_high                                    1.62 
_reflns_shell.d_res_low                                     1.65 
_reflns_shell.meanI_over_sigI_all                           ? 
_reflns_shell.meanI_over_sigI_obs                           ? 
_reflns_shell.number_measured_all                           4881 
_reflns_shell.number_measured_obs                           ? 
_reflns_shell.number_possible                               ? 
_reflns_shell.number_unique_all                             ? 
_reflns_shell.number_unique_obs                             652 
_reflns_shell.percent_possible_obs                          99.2 
_reflns_shell.Rmerge_F_all                                  ? 
_reflns_shell.Rmerge_F_obs                                  ? 
_reflns_shell.meanI_over_sigI_gt                            ? 
_reflns_shell.meanI_over_uI_all                             ? 
_reflns_shell.meanI_over_uI_gt                              ? 
_reflns_shell.number_measured_gt                            ? 
_reflns_shell.number_unique_gt                              ? 
_reflns_shell.percent_possible_gt                           ? 
_reflns_shell.Rmerge_F_gt                                   ? 
_reflns_shell.Rmerge_I_gt                                   ? 
_reflns_shell.pdbx_redundancy                               7.5 
_reflns_shell.pdbx_chi_squared                              0.97 
_reflns_shell.pdbx_netI_over_sigmaI_all                     ? 
_reflns_shell.pdbx_netI_over_sigmaI_obs                     3.4 
_reflns_shell.pdbx_Rrim_I_all                               0.629 
_reflns_shell.pdbx_Rpim_I_all                               0.227 
_reflns_shell.pdbx_rejects                                  ? 
_reflns_shell.pdbx_ordinal                                  1 
_reflns_shell.pdbx_diffrn_id                                1 
_reflns_shell.pdbx_CC_half                                  0.923 
_reflns_shell.pdbx_CC_star                                  ? 
_reflns_shell.pdbx_R_split                                  ? 
_reflns_shell.percent_possible_all                          ? 
_reflns_shell.Rmerge_I_all                                  ? 
_reflns_shell.Rmerge_I_obs                                  0.586 
_reflns_shell.pdbx_Rsym_value                               ? 
_reflns_shell.pdbx_percent_possible_ellipsoidal             ? 
_reflns_shell.pdbx_percent_possible_spherical               ? 
_reflns_shell.pdbx_percent_possible_ellipsoidal_anomalous   ? 
_reflns_shell.pdbx_percent_possible_spherical_anomalous     ? 
_reflns_shell.pdbx_redundancy_anomalous                     ? 
_reflns_shell.pdbx_CC_half_anomalous                        ? 
_reflns_shell.pdbx_absDiff_over_sigma_anomalous             ? 
_reflns_shell.pdbx_percent_possible_anomalous               ? 
# 
_refine.aniso_B[1][1]                            -0.26 
_refine.aniso_B[1][2]                            -0.00 
_refine.aniso_B[1][3]                            0.00 
_refine.aniso_B[2][2]                            2.07 
_refine.aniso_B[2][3]                            -0.00 
_refine.aniso_B[3][3]                            -1.81 
_refine.B_iso_max                                ? 
_refine.B_iso_mean                               29.165 
_refine.B_iso_min                                ? 
_refine.correlation_coeff_Fo_to_Fc               0.976 
_refine.correlation_coeff_Fo_to_Fc_free          0.967 
_refine.details                                  'HYDROGENS HAVE BEEN ADDED IN THE RIDING POSITIONS' 
_refine.diff_density_max                         ? 
_refine.diff_density_max_esd                     ? 
_refine.diff_density_min                         ? 
_refine.diff_density_min_esd                     ? 
_refine.diff_density_rms                         ? 
_refine.diff_density_rms_esd                     ? 
_refine.entry_id                                 8G45 
_refine.pdbx_refine_id                           'X-RAY DIFFRACTION' 
_refine.ls_abs_structure_details                 ? 
_refine.ls_abs_structure_Flack                   ? 
_refine.ls_abs_structure_Flack_esd               ? 
_refine.ls_abs_structure_Rogers                  ? 
_refine.ls_abs_structure_Rogers_esd              ? 
_refine.ls_d_res_high                            1.62 
_refine.ls_d_res_low                             34.96 
_refine.ls_extinction_coef                       ? 
_refine.ls_extinction_coef_esd                   ? 
_refine.ls_extinction_expression                 ? 
_refine.ls_extinction_method                     ? 
_refine.ls_goodness_of_fit_all                   ? 
_refine.ls_goodness_of_fit_all_esd               ? 
_refine.ls_goodness_of_fit_obs                   ? 
_refine.ls_goodness_of_fit_obs_esd               ? 
_refine.ls_hydrogen_treatment                    ? 
_refine.ls_matrix_type                           ? 
_refine.ls_number_constraints                    ? 
_refine.ls_number_parameters                     ? 
_refine.ls_number_reflns_all                     ? 
_refine.ls_number_reflns_obs                     12739 
_refine.ls_number_reflns_R_free                  681 
_refine.ls_number_reflns_R_work                  ? 
_refine.ls_number_restraints                     ? 
_refine.ls_percent_reflns_obs                    99.62 
_refine.ls_percent_reflns_R_free                 5.1 
_refine.ls_R_factor_all                          ? 
_refine.ls_R_factor_obs                          0.16162 
_refine.ls_R_factor_R_free                       0.19036 
_refine.ls_R_factor_R_free_error                 ? 
_refine.ls_R_factor_R_free_error_details         ? 
_refine.ls_R_factor_R_work                       0.16003 
_refine.ls_R_Fsqd_factor_obs                     ? 
_refine.ls_R_I_factor_obs                        ? 
_refine.ls_redundancy_reflns_all                 ? 
_refine.ls_redundancy_reflns_obs                 ? 
_refine.ls_restrained_S_all                      ? 
_refine.ls_restrained_S_obs                      ? 
_refine.ls_shift_over_esd_max                    ? 
_refine.ls_shift_over_esd_mean                   ? 
_refine.ls_structure_factor_coef                 ? 
_refine.ls_weighting_details                     ? 
_refine.ls_weighting_scheme                      ? 
_refine.ls_wR_factor_all                         ? 
_refine.ls_wR_factor_obs                         ? 
_refine.ls_wR_factor_R_free                      ? 
_refine.ls_wR_factor_R_work                      ? 
_refine.occupancy_max                            ? 
_refine.occupancy_min                            ? 
_refine.solvent_model_details                    MASK 
_refine.solvent_model_param_bsol                 ? 
_refine.solvent_model_param_ksol                 ? 
_refine.pdbx_R_complete                          ? 
_refine.ls_R_factor_gt                           ? 
_refine.ls_goodness_of_fit_gt                    ? 
_refine.ls_goodness_of_fit_ref                   ? 
_refine.ls_shift_over_su_max                     ? 
_refine.ls_shift_over_su_max_lt                  ? 
_refine.ls_shift_over_su_mean                    ? 
_refine.ls_shift_over_su_mean_lt                 ? 
_refine.pdbx_ls_sigma_I                          ? 
_refine.pdbx_ls_sigma_F                          ? 
_refine.pdbx_ls_sigma_Fsqd                       ? 
_refine.pdbx_data_cutoff_high_absF               ? 
_refine.pdbx_data_cutoff_high_rms_absF           ? 
_refine.pdbx_data_cutoff_low_absF                ? 
_refine.pdbx_isotropic_thermal_model             ? 
_refine.pdbx_ls_cross_valid_method               THROUGHOUT 
_refine.pdbx_method_to_determine_struct          'MOLECULAR REPLACEMENT' 
_refine.pdbx_starting_model                      ? 
_refine.pdbx_stereochemistry_target_values       'MAXIMUM LIKELIHOOD' 
_refine.pdbx_R_Free_selection_details            RANDOM 
_refine.pdbx_stereochem_target_val_spec_case     ? 
_refine.pdbx_overall_ESU_R                       0.080 
_refine.pdbx_overall_ESU_R_Free                  0.082 
_refine.pdbx_solvent_vdw_probe_radii             1.20 
_refine.pdbx_solvent_ion_probe_radii             0.80 
_refine.pdbx_solvent_shrinkage_radii             0.80 
_refine.pdbx_real_space_R                        ? 
_refine.pdbx_density_correlation                 ? 
_refine.pdbx_pd_number_of_powder_patterns        ? 
_refine.pdbx_pd_number_of_points                 ? 
_refine.pdbx_pd_meas_number_of_points            ? 
_refine.pdbx_pd_proc_ls_prof_R_factor            ? 
_refine.pdbx_pd_proc_ls_prof_wR_factor           ? 
_refine.pdbx_pd_Marquardt_correlation_coeff      ? 
_refine.pdbx_pd_Fsqrd_R_factor                   ? 
_refine.pdbx_pd_ls_matrix_band_width             ? 
_refine.pdbx_overall_phase_error                 ? 
_refine.pdbx_overall_SU_R_free_Cruickshank_DPI   ? 
_refine.pdbx_overall_SU_R_free_Blow_DPI          ? 
_refine.pdbx_overall_SU_R_Blow_DPI               ? 
_refine.pdbx_TLS_residual_ADP_flag               ? 
_refine.pdbx_diffrn_id                           1 
_refine.overall_SU_B                             1.782 
_refine.overall_SU_ML                            0.060 
_refine.overall_SU_R_Cruickshank_DPI             ? 
_refine.overall_SU_R_free                        ? 
_refine.overall_FOM_free_R_set                   ? 
_refine.overall_FOM_work_R_set                   ? 
_refine.pdbx_average_fsc_overall                 ? 
_refine.pdbx_average_fsc_work                    ? 
_refine.pdbx_average_fsc_free                    ? 
# 
_refine_hist.pdbx_refine_id                   'X-RAY DIFFRACTION' 
_refine_hist.cycle_id                         1 
_refine_hist.details                          ? 
_refine_hist.d_res_high                       1.62 
_refine_hist.d_res_low                        34.96 
_refine_hist.number_atoms_solvent             56 
_refine_hist.number_atoms_total               860 
_refine_hist.number_reflns_all                ? 
_refine_hist.number_reflns_obs                ? 
_refine_hist.number_reflns_R_free             ? 
_refine_hist.number_reflns_R_work             ? 
_refine_hist.R_factor_all                     ? 
_refine_hist.R_factor_obs                     ? 
_refine_hist.R_factor_R_free                  ? 
_refine_hist.R_factor_R_work                  ? 
_refine_hist.pdbx_number_residues_total       ? 
_refine_hist.pdbx_B_iso_mean_ligand           ? 
_refine_hist.pdbx_B_iso_mean_solvent          ? 
_refine_hist.pdbx_number_atoms_protein        771 
_refine_hist.pdbx_number_atoms_nucleic_acid   0 
_refine_hist.pdbx_number_atoms_ligand         33 
_refine_hist.pdbx_number_atoms_lipid          ? 
_refine_hist.pdbx_number_atoms_carb           ? 
_refine_hist.pdbx_pseudo_atom_details         ? 
# 
loop_
_refine_ls_restr.pdbx_refine_id 
_refine_ls_restr.criterion 
_refine_ls_restr.dev_ideal 
_refine_ls_restr.dev_ideal_target 
_refine_ls_restr.number 
_refine_ls_restr.rejects 
_refine_ls_restr.type 
_refine_ls_restr.weight 
_refine_ls_restr.pdbx_restraint_function 
'X-RAY DIFFRACTION' ? 0.011  0.012  831  ? r_bond_refined_d             ? ? 
'X-RAY DIFFRACTION' ? 0.001  0.016  719  ? r_bond_other_d               ? ? 
'X-RAY DIFFRACTION' ? 1.671  1.616  1140 ? r_angle_refined_deg          ? ? 
'X-RAY DIFFRACTION' ? 1.518  1.599  1654 ? r_angle_other_deg            ? ? 
'X-RAY DIFFRACTION' ? 6.765  5.000  98   ? r_dihedral_angle_1_deg       ? ? 
'X-RAY DIFFRACTION' ? 34.193 23.611 36   ? r_dihedral_angle_2_deg       ? ? 
'X-RAY DIFFRACTION' ? 13.038 15.000 108  ? r_dihedral_angle_3_deg       ? ? 
'X-RAY DIFFRACTION' ? 18.904 15.000 1    ? r_dihedral_angle_4_deg       ? ? 
'X-RAY DIFFRACTION' ? 0.106  0.200  99   ? r_chiral_restr               ? ? 
'X-RAY DIFFRACTION' ? 0.010  0.020  1056 ? r_gen_planes_refined         ? ? 
'X-RAY DIFFRACTION' ? 0.001  0.020  194  ? r_gen_planes_other           ? ? 
'X-RAY DIFFRACTION' ? ?      ?      ?    ? r_nbd_refined                ? ? 
'X-RAY DIFFRACTION' ? ?      ?      ?    ? r_nbd_other                  ? ? 
'X-RAY DIFFRACTION' ? ?      ?      ?    ? r_nbtor_refined              ? ? 
'X-RAY DIFFRACTION' ? ?      ?      ?    ? r_nbtor_other                ? ? 
'X-RAY DIFFRACTION' ? ?      ?      ?    ? r_xyhbond_nbd_refined        ? ? 
'X-RAY DIFFRACTION' ? ?      ?      ?    ? r_xyhbond_nbd_other          ? ? 
'X-RAY DIFFRACTION' ? ?      ?      ?    ? r_metal_ion_refined          ? ? 
'X-RAY DIFFRACTION' ? ?      ?      ?    ? r_metal_ion_other            ? ? 
'X-RAY DIFFRACTION' ? ?      ?      ?    ? r_symmetry_vdw_refined       ? ? 
'X-RAY DIFFRACTION' ? ?      ?      ?    ? r_symmetry_vdw_other         ? ? 
'X-RAY DIFFRACTION' ? ?      ?      ?    ? r_symmetry_hbond_refined     ? ? 
'X-RAY DIFFRACTION' ? ?      ?      ?    ? r_symmetry_hbond_other       ? ? 
'X-RAY DIFFRACTION' ? ?      ?      ?    ? r_symmetry_metal_ion_refined ? ? 
'X-RAY DIFFRACTION' ? ?      ?      ?    ? r_symmetry_metal_ion_other   ? ? 
'X-RAY DIFFRACTION' ? 2.324  2.916  396  ? r_mcbond_it                  ? ? 
'X-RAY DIFFRACTION' ? 2.321  2.921  397  ? r_mcbond_other               ? ? 
'X-RAY DIFFRACTION' ? 3.183  4.359  492  ? r_mcangle_it                 ? ? 
'X-RAY DIFFRACTION' ? 3.180  4.365  493  ? r_mcangle_other              ? ? 
'X-RAY DIFFRACTION' ? 3.468  3.205  435  ? r_scbond_it                  ? ? 
'X-RAY DIFFRACTION' ? 3.473  3.206  433  ? r_scbond_other               ? ? 
'X-RAY DIFFRACTION' ? ?      ?      ?    ? r_scangle_it                 ? ? 
'X-RAY DIFFRACTION' ? 5.122  4.708  648  ? r_scangle_other              ? ? 
'X-RAY DIFFRACTION' ? 5.963  36.007 961  ? r_long_range_B_refined       ? ? 
'X-RAY DIFFRACTION' ? 5.970  35.922 957  ? r_long_range_B_other         ? ? 
'X-RAY DIFFRACTION' ? ?      ?      ?    ? r_rigid_bond_restr           ? ? 
'X-RAY DIFFRACTION' ? ?      ?      ?    ? r_sphericity_free            ? ? 
'X-RAY DIFFRACTION' ? ?      ?      ?    ? r_sphericity_bonded          ? ? 
# 
_refine_ls_shell.pdbx_refine_id                   'X-RAY DIFFRACTION' 
_refine_ls_shell.d_res_high                       1.620 
_refine_ls_shell.d_res_low                        1.662 
_refine_ls_shell.number_reflns_all                ? 
_refine_ls_shell.number_reflns_obs                ? 
_refine_ls_shell.number_reflns_R_free             44 
_refine_ls_shell.number_reflns_R_work             913 
_refine_ls_shell.percent_reflns_obs               99.38 
_refine_ls_shell.percent_reflns_R_free            ? 
_refine_ls_shell.R_factor_all                     ? 
_refine_ls_shell.R_factor_obs                     ? 
_refine_ls_shell.R_factor_R_free_error            ? 
_refine_ls_shell.R_factor_R_work                  0.243 
_refine_ls_shell.redundancy_reflns_all            ? 
_refine_ls_shell.redundancy_reflns_obs            ? 
_refine_ls_shell.wR_factor_all                    ? 
_refine_ls_shell.wR_factor_obs                    ? 
_refine_ls_shell.wR_factor_R_free                 ? 
_refine_ls_shell.wR_factor_R_work                 ? 
_refine_ls_shell.pdbx_R_complete                  ? 
_refine_ls_shell.pdbx_total_number_of_bins_used   20 
_refine_ls_shell.pdbx_phase_error                 ? 
_refine_ls_shell.pdbx_fsc_work                    ? 
_refine_ls_shell.pdbx_fsc_free                    ? 
_refine_ls_shell.R_factor_R_free                  0.274 
# 
_struct.entry_id                     8G45 
_struct.title                        
'Structure of HDAC6 zinc-finger ubiquitin binding domain in complex with SGC-UBD253 chemical probe' 
_struct.pdbx_model_details           ? 
_struct.pdbx_formula_weight          ? 
_struct.pdbx_formula_weight_method   ? 
_struct.pdbx_model_type_details      ? 
_struct.pdbx_CASP_flag               N 
# 
_struct_keywords.entry_id        8G45 
_struct_keywords.text            
;Inhibitor, chemical probe, HDAC6, histone deacetylase, HYDROLASE, Structural Genomics, Structural Genomics Consortium, SGC, HYDROLASE-INHIBITOR complex
;
_struct_keywords.pdbx_keywords   HYDROLASE/INHIBITOR 
# 
loop_
_struct_asym.id 
_struct_asym.pdbx_blank_PDB_chainid_flag 
_struct_asym.pdbx_modified 
_struct_asym.entity_id 
_struct_asym.details 
A N N 1 ? 
B N N 2 ? 
C N N 2 ? 
D N N 2 ? 
E N N 3 ? 
F N N 4 ? 
# 
loop_
_struct_conf.conf_type_id 
_struct_conf.id 
_struct_conf.pdbx_PDB_helix_id 
_struct_conf.beg_label_comp_id 
_struct_conf.beg_label_asym_id 
_struct_conf.beg_label_seq_id 
_struct_conf.pdbx_beg_PDB_ins_code 
_struct_conf.end_label_comp_id 
_struct_conf.end_label_asym_id 
_struct_conf.end_label_seq_id 
_struct_conf.pdbx_end_PDB_ins_code 
_struct_conf.beg_auth_comp_id 
_struct_conf.beg_auth_asym_id 
_struct_conf.beg_auth_seq_id 
_struct_conf.end_auth_comp_id 
_struct_conf.end_auth_asym_id 
_struct_conf.end_auth_seq_id 
_struct_conf.pdbx_PDB_helix_class 
_struct_conf.details 
_struct_conf.pdbx_PDB_helix_length 
HELX_P HELX_P1 AA1 HIS A 9  ? VAL A 13  ? HIS A 1115 VAL A 1119 5 ? 5  
HELX_P HELX_P2 AA2 GLY A 53 ? GLY A 63  ? GLY A 1159 GLY A 1169 1 ? 11 
HELX_P HELX_P3 AA3 HIS A 86 ? ALA A 88  ? HIS A 1192 ALA A 1194 5 ? 3  
HELX_P HELX_P4 AA4 LEU A 89 ? PHE A 101 ? LEU A 1195 PHE A 1207 1 ? 13 
# 
_struct_conf_type.id          HELX_P 
_struct_conf_type.criteria    ? 
_struct_conf_type.reference   ? 
# 
loop_
_struct_conn.id 
_struct_conn.conn_type_id 
_struct_conn.pdbx_leaving_atom_flag 
_struct_conn.pdbx_PDB_id 
_struct_conn.ptnr1_label_asym_id 
_struct_conn.ptnr1_label_comp_id 
_struct_conn.ptnr1_label_seq_id 
_struct_conn.ptnr1_label_atom_id 
_struct_conn.pdbx_ptnr1_label_alt_id 
_struct_conn.pdbx_ptnr1_PDB_ins_code 
_struct_conn.pdbx_ptnr1_standard_comp_id 
_struct_conn.ptnr1_symmetry 
_struct_conn.ptnr2_label_asym_id 
_struct_conn.ptnr2_label_comp_id 
_struct_conn.ptnr2_label_seq_id 
_struct_conn.ptnr2_label_atom_id 
_struct_conn.pdbx_ptnr2_label_alt_id 
_struct_conn.pdbx_ptnr2_PDB_ins_code 
_struct_conn.ptnr1_auth_asym_id 
_struct_conn.ptnr1_auth_comp_id 
_struct_conn.ptnr1_auth_seq_id 
_struct_conn.ptnr2_auth_asym_id 
_struct_conn.ptnr2_auth_comp_id 
_struct_conn.ptnr2_auth_seq_id 
_struct_conn.ptnr2_symmetry 
_struct_conn.pdbx_ptnr3_label_atom_id 
_struct_conn.pdbx_ptnr3_label_seq_id 
_struct_conn.pdbx_ptnr3_label_comp_id 
_struct_conn.pdbx_ptnr3_label_asym_id 
_struct_conn.pdbx_ptnr3_label_alt_id 
_struct_conn.pdbx_ptnr3_PDB_ins_code 
_struct_conn.details 
_struct_conn.pdbx_dist_value 
_struct_conn.pdbx_value_order 
_struct_conn.pdbx_role 
metalc1  metalc ? ? A CYS 7  SG  ? ? ? 1_555 D ZN . ZN ? ? A CYS 1113 A ZN 1303 1_555 ? ? ? ? ? ? ? 2.392 ? ? 
metalc2  metalc ? ? A HIS 9  ND1 ? ? ? 1_555 D ZN . ZN ? ? A HIS 1115 A ZN 1303 1_555 ? ? ? ? ? ? ? 2.058 ? ? 
metalc3  metalc ? ? A CYS 27 SG  ? ? ? 1_555 C ZN . ZN ? ? A CYS 1133 A ZN 1302 1_555 ? ? ? ? ? ? ? 2.380 ? ? 
metalc4  metalc ? ? A CYS 30 SG  ? ? ? 1_555 C ZN . ZN ? ? A CYS 1136 A ZN 1302 1_555 ? ? ? ? ? ? ? 2.328 ? ? 
metalc5  metalc ? ? A CYS 39 SG  ? ? ? 1_555 B ZN . ZN ? ? A CYS 1145 A ZN 1301 1_555 ? ? ? ? ? ? ? 2.424 ? ? 
metalc6  metalc ? ? A CYS 42 SG  ? ? ? 1_555 B ZN . ZN ? ? A CYS 1148 A ZN 1301 1_555 ? ? ? ? ? ? ? 2.868 ? ? 
metalc7  metalc ? ? A CYS 47 SG  ? ? ? 1_555 C ZN . ZN ? ? A CYS 1153 A ZN 1302 1_555 ? ? ? ? ? ? ? 2.285 ? ? 
metalc8  metalc ? ? A HIS 54 ND1 ? ? ? 1_555 C ZN . ZN ? ? A HIS 1160 A ZN 1302 1_555 ? ? ? ? ? ? ? 2.037 ? ? 
metalc9  metalc ? ? A HIS 58 NE2 ? ? ? 1_555 B ZN . ZN ? ? A HIS 1164 A ZN 1301 1_555 ? ? ? ? ? ? ? 1.971 ? ? 
metalc10 metalc ? ? A HIS 64 ND1 ? ? ? 1_555 B ZN . ZN ? ? A HIS 1170 A ZN 1301 1_555 ? ? ? ? ? ? ? 2.035 ? ? 
metalc11 metalc ? ? A CYS 77 SG  ? ? ? 1_555 D ZN . ZN ? ? A CYS 1183 A ZN 1303 1_555 ? ? ? ? ? ? ? 2.366 ? ? 
metalc12 metalc ? ? A CYS 80 SG  ? ? ? 1_555 D ZN . ZN ? ? A CYS 1186 A ZN 1303 1_555 ? ? ? ? ? ? ? 2.316 ? ? 
# 
_struct_conn_type.id          metalc 
_struct_conn_type.criteria    ? 
_struct_conn_type.reference   ? 
# 
_struct_sheet.id               AA1 
_struct_sheet.type             ? 
_struct_sheet.number_strands   5 
_struct_sheet.details          ? 
# 
loop_
_struct_sheet_order.sheet_id 
_struct_sheet_order.range_id_1 
_struct_sheet_order.range_id_2 
_struct_sheet_order.offset 
_struct_sheet_order.sense 
AA1 1 2 ? anti-parallel 
AA1 2 3 ? anti-parallel 
AA1 3 4 ? anti-parallel 
AA1 4 5 ? anti-parallel 
# 
loop_
_struct_sheet_range.sheet_id 
_struct_sheet_range.id 
_struct_sheet_range.beg_label_comp_id 
_struct_sheet_range.beg_label_asym_id 
_struct_sheet_range.beg_label_seq_id 
_struct_sheet_range.pdbx_beg_PDB_ins_code 
_struct_sheet_range.end_label_comp_id 
_struct_sheet_range.end_label_asym_id 
_struct_sheet_range.end_label_seq_id 
_struct_sheet_range.pdbx_end_PDB_ins_code 
_struct_sheet_range.beg_auth_comp_id 
_struct_sheet_range.beg_auth_asym_id 
_struct_sheet_range.beg_auth_seq_id 
_struct_sheet_range.end_auth_comp_id 
_struct_sheet_range.end_auth_asym_id 
_struct_sheet_range.end_auth_seq_id 
AA1 1 VAL A 45 ? CYS A 47 ? VAL A 1151 CYS A 1153 
AA1 2 ASN A 36 ? CYS A 39 ? ASN A 1142 CYS A 1145 
AA1 3 LEU A 66 ? SER A 69 ? LEU A 1172 SER A 1175 
AA1 4 ALA A 75 ? CYS A 77 ? ALA A 1181 CYS A 1183 
AA1 5 ALA A 82 ? VAL A 84 ? ALA A 1188 VAL A 1190 
# 
loop_
_pdbx_struct_sheet_hbond.sheet_id 
_pdbx_struct_sheet_hbond.range_id_1 
_pdbx_struct_sheet_hbond.range_id_2 
_pdbx_struct_sheet_hbond.range_1_label_atom_id 
_pdbx_struct_sheet_hbond.range_1_label_comp_id 
_pdbx_struct_sheet_hbond.range_1_label_asym_id 
_pdbx_struct_sheet_hbond.range_1_label_seq_id 
_pdbx_struct_sheet_hbond.range_1_PDB_ins_code 
_pdbx_struct_sheet_hbond.range_1_auth_atom_id 
_pdbx_struct_sheet_hbond.range_1_auth_comp_id 
_pdbx_struct_sheet_hbond.range_1_auth_asym_id 
_pdbx_struct_sheet_hbond.range_1_auth_seq_id 
_pdbx_struct_sheet_hbond.range_2_label_atom_id 
_pdbx_struct_sheet_hbond.range_2_label_comp_id 
_pdbx_struct_sheet_hbond.range_2_label_asym_id 
_pdbx_struct_sheet_hbond.range_2_label_seq_id 
_pdbx_struct_sheet_hbond.range_2_PDB_ins_code 
_pdbx_struct_sheet_hbond.range_2_auth_atom_id 
_pdbx_struct_sheet_hbond.range_2_auth_comp_id 
_pdbx_struct_sheet_hbond.range_2_auth_asym_id 
_pdbx_struct_sheet_hbond.range_2_auth_seq_id 
AA1 1 2 O TYR A 46 ? O TYR A 1152 N TRP A 37 ? N TRP A 1143 
AA1 2 3 N VAL A 38 ? N VAL A 1144 O LEU A 68 ? O LEU A 1174 
AA1 3 4 N VAL A 67 ? N VAL A 1173 O TRP A 76 ? O TRP A 1182 
AA1 4 5 N CYS A 77 ? N CYS A 1183 O ALA A 82 ? O ALA A 1188 
# 
_atom_sites.entry_id                    8G45 
_atom_sites.Cartn_transf_matrix[1][1]   ? 
_atom_sites.Cartn_transf_matrix[1][2]   ? 
_atom_sites.Cartn_transf_matrix[1][3]   ? 
_atom_sites.Cartn_transf_matrix[2][1]   ? 
_atom_sites.Cartn_transf_matrix[2][2]   ? 
_atom_sites.Cartn_transf_matrix[2][3]   ? 
_atom_sites.Cartn_transf_matrix[3][1]   ? 
_atom_sites.Cartn_transf_matrix[3][2]   ? 
_atom_sites.Cartn_transf_matrix[3][3]   ? 
_atom_sites.Cartn_transf_vector[1]      ? 
_atom_sites.Cartn_transf_vector[2]      ? 
_atom_sites.Cartn_transf_vector[3]      ? 
_atom_sites.fract_transf_matrix[1][1]   -0.01298530 
_atom_sites.fract_transf_matrix[1][2]   0.01213037 
_atom_sites.fract_transf_matrix[1][3]   0.01704633 
_atom_sites.fract_transf_matrix[2][1]   -0.01885559 
_atom_sites.fract_transf_matrix[2][2]   -0.00529875 
_atom_sites.fract_transf_matrix[2][3]   -0.01059289 
_atom_sites.fract_transf_matrix[3][1]   -0.00124984 
_atom_sites.fract_transf_matrix[3][2]   -0.01502801 
_atom_sites.fract_transf_matrix[3][3]   0.00974202 
_atom_sites.fract_transf_vector[1]      0.189145 
_atom_sites.fract_transf_vector[2]      -0.096664 
_atom_sites.fract_transf_vector[3]      0.155846 
_atom_sites.solution_primary            ? 
_atom_sites.solution_secondary          ? 
_atom_sites.solution_hydrogens          ? 
_atom_sites.special_details             ? 
# 
loop_
_atom_type.symbol 
C  
CL 
H  
N  
O  
S  
ZN 
# 
loop_
_atom_site.group_PDB 
_atom_site.id 
_atom_site.type_symbol 
_atom_site.label_atom_id 
_atom_site.label_alt_id 
_atom_site.label_comp_id 
_atom_site.label_asym_id 
_atom_site.label_entity_id 
_atom_site.label_seq_id 
_atom_site.pdbx_PDB_ins_code 
_atom_site.Cartn_x 
_atom_site.Cartn_y 
_atom_site.Cartn_z 
_atom_site.occupancy 
_atom_site.B_iso_or_equiv 
_atom_site.pdbx_formal_charge 
_atom_site.auth_seq_id 
_atom_site.auth_comp_id 
_atom_site.auth_asym_id 
_atom_site.auth_atom_id 
_atom_site.pdbx_PDB_model_num 
ATOM   1   N  N   . PRO A 1 3   ? 11.793  -6.348  -8.639  1.00 42.12 ? 1109 PRO A N   1 
ATOM   2   C  CA  . PRO A 1 3   ? 11.148  -5.017  -8.615  1.00 36.25 ? 1109 PRO A CA  1 
ATOM   3   C  C   . PRO A 1 3   ? 12.102  -3.916  -9.115  1.00 37.62 ? 1109 PRO A C   1 
ATOM   4   O  O   . PRO A 1 3   ? 13.321  -4.177  -9.183  1.00 34.04 ? 1109 PRO A O   1 
ATOM   5   C  CB  . PRO A 1 3   ? 10.837  -4.783  -7.125  1.00 36.19 ? 1109 PRO A CB  1 
ATOM   6   C  CG  . PRO A 1 3   ? 11.950  -5.497  -6.404  1.00 45.23 ? 1109 PRO A CG  1 
ATOM   7   C  CD  . PRO A 1 3   ? 12.215  -6.711  -7.276  1.00 40.39 ? 1109 PRO A CD  1 
ATOM   8   N  N   . LEU A 1 4   ? 11.574  -2.734  -9.477  1.00 30.01 ? 1110 LEU A N   1 
ATOM   9   C  CA  . LEU A 1 4   ? 12.412  -1.537  -9.737  1.00 28.85 ? 1110 LEU A CA  1 
ATOM   10  C  C   . LEU A 1 4   ? 13.137  -1.124  -8.471  1.00 29.70 ? 1110 LEU A C   1 
ATOM   11  O  O   . LEU A 1 4   ? 12.570  -1.169  -7.370  1.00 30.26 ? 1110 LEU A O   1 
ATOM   12  C  CB  . LEU A 1 4   ? 11.572  -0.378  -10.251 1.00 29.43 ? 1110 LEU A CB  1 
ATOM   13  C  CG  . LEU A 1 4   ? 10.833  -0.610  -11.562 1.00 30.37 ? 1110 LEU A CG  1 
ATOM   14  C  CD1 . LEU A 1 4   ? 9.902   0.562   -11.841 1.00 35.83 ? 1110 LEU A CD1 1 
ATOM   15  C  CD2 . LEU A 1 4   ? 11.825  -0.786  -12.697 1.00 36.25 ? 1110 LEU A CD2 1 
ATOM   16  N  N   . PRO A 1 5   ? 14.411  -0.696  -8.575  1.00 26.84 ? 1111 PRO A N   1 
ATOM   17  C  CA  . PRO A 1 5   ? 15.145  -0.192  -7.413  1.00 27.39 ? 1111 PRO A CA  1 
ATOM   18  C  C   . PRO A 1 5   ? 14.786  1.242   -7.000  1.00 27.56 ? 1111 PRO A C   1 
ATOM   19  O  O   . PRO A 1 5   ? 15.240  1.722   -5.997  1.00 31.85 ? 1111 PRO A O   1 
ATOM   20  C  CB  . PRO A 1 5   ? 16.607  -0.253  -7.863  1.00 31.68 ? 1111 PRO A CB  1 
ATOM   21  C  CG  . PRO A 1 5   ? 16.540  -0.134  -9.384  1.00 28.38 ? 1111 PRO A CG  1 
ATOM   22  C  CD  . PRO A 1 5   ? 15.281  -0.889  -9.761  1.00 29.72 ? 1111 PRO A CD  1 
ATOM   23  N  N   . TRP A 1 6   ? 13.995  1.915   -7.824  1.00 26.47 ? 1112 TRP A N   1 
ATOM   24  C  CA  . TRP A 1 6   ? 13.582  3.328   -7.640  1.00 26.00 ? 1112 TRP A CA  1 
ATOM   25  C  C   . TRP A 1 6   ? 12.391  3.621   -8.561  1.00 26.43 ? 1112 TRP A C   1 
ATOM   26  O  O   . TRP A 1 6   ? 12.237  2.994   -9.630  1.00 28.95 ? 1112 TRP A O   1 
ATOM   27  C  CB  . TRP A 1 6   ? 14.770  4.254   -7.960  1.00 29.23 ? 1112 TRP A CB  1 
ATOM   28  C  CG  . TRP A 1 6   ? 14.583  5.718   -7.714  1.00 27.02 ? 1112 TRP A CG  1 
ATOM   29  C  CD1 . TRP A 1 6   ? 14.812  6.404   -6.552  1.00 29.62 ? 1112 TRP A CD1 1 
ATOM   30  C  CD2 . TRP A 1 6   ? 14.102  6.686   -8.671  1.00 25.05 ? 1112 TRP A CD2 1 
ATOM   31  N  NE1 . TRP A 1 6   ? 14.473  7.723   -6.709  1.00 31.70 ? 1112 TRP A NE1 1 
ATOM   32  C  CE2 . TRP A 1 6   ? 14.073  7.931   -8.006  1.00 28.03 ? 1112 TRP A CE2 1 
ATOM   33  C  CE3 . TRP A 1 6   ? 13.790  6.642   -10.034 1.00 26.84 ? 1112 TRP A CE3 1 
ATOM   34  C  CZ2 . TRP A 1 6   ? 13.733  9.105   -8.656  1.00 28.38 ? 1112 TRP A CZ2 1 
ATOM   35  C  CZ3 . TRP A 1 6   ? 13.374  7.801   -10.659 1.00 25.79 ? 1112 TRP A CZ3 1 
ATOM   36  C  CH2 . TRP A 1 6   ? 13.387  9.021   -9.977  1.00 26.63 ? 1112 TRP A CH2 1 
ATOM   37  N  N   . CYS A 1 7   ? 11.612  4.633   -8.227  1.00 26.64 ? 1113 CYS A N   1 
ATOM   38  C  CA  . CYS A 1 7   ? 10.646  5.204   -9.194  1.00 24.18 ? 1113 CYS A CA  1 
ATOM   39  C  C   . CYS A 1 7   ? 10.417  6.641   -8.771  1.00 24.08 ? 1113 CYS A C   1 
ATOM   40  O  O   . CYS A 1 7   ? 10.753  7.039   -7.662  1.00 26.17 ? 1113 CYS A O   1 
ATOM   41  C  CB  . CYS A 1 7   ? 9.373   4.392   -9.335  1.00 22.37 ? 1113 CYS A CB  1 
ATOM   42  S  SG  . CYS A 1 7   ? 8.011   4.989   -8.261  1.00 25.11 ? 1113 CYS A SG  1 
ATOM   43  N  N   . PRO A 1 8   ? 9.999   7.475   -9.731  1.00 26.05 ? 1114 PRO A N   1 
ATOM   44  C  CA  . PRO A 1 8   ? 9.882   8.900   -9.494  1.00 28.45 ? 1114 PRO A CA  1 
ATOM   45  C  C   . PRO A 1 8   ? 8.737   9.257   -8.542  1.00 29.68 ? 1114 PRO A C   1 
ATOM   46  O  O   . PRO A 1 8   ? 8.588   10.441  -8.244  1.00 28.43 ? 1114 PRO A O   1 
ATOM   47  C  CB  . PRO A 1 8   ? 9.604   9.477   -10.892 1.00 30.47 ? 1114 PRO A CB  1 
ATOM   48  C  CG  . PRO A 1 8   ? 9.085   8.330   -11.708 1.00 33.69 ? 1114 PRO A CG  1 
ATOM   49  C  CD  . PRO A 1 8   ? 9.667   7.071   -11.113 1.00 27.73 ? 1114 PRO A CD  1 
ATOM   50  N  N   . HIS A 1 9   ? 7.987   8.253   -8.061  1.00 26.31 ? 1115 HIS A N   1 
ATOM   51  C  CA  . HIS A 1 9   ? 6.835   8.503   -7.134  1.00 26.97 ? 1115 HIS A CA  1 
ATOM   52  C  C   . HIS A 1 9   ? 7.197   8.230   -5.682  1.00 29.49 ? 1115 HIS A C   1 
ATOM   53  O  O   . HIS A 1 9   ? 6.363   8.544   -4.819  1.00 26.41 ? 1115 HIS A O   1 
ATOM   54  C  CB  . HIS A 1 9   ? 5.576   7.739   -7.594  1.00 24.40 ? 1115 HIS A CB  1 
ATOM   55  C  CG  . HIS A 1 9   ? 5.288   8.024   -9.009  1.00 26.06 ? 1115 HIS A CG  1 
ATOM   56  N  ND1 . HIS A 1 9   ? 5.658   7.142   -10.023 1.00 25.60 ? 1115 HIS A ND1 1 
ATOM   57  C  CD2 . HIS A 1 9   ? 4.774   9.142   -9.601  1.00 30.61 ? 1115 HIS A CD2 1 
ATOM   58  C  CE1 . HIS A 1 9   ? 5.385   7.727   -11.184 1.00 30.09 ? 1115 HIS A CE1 1 
ATOM   59  N  NE2 . HIS A 1 9   ? 4.828   8.942   -10.950 1.00 29.82 ? 1115 HIS A NE2 1 
ATOM   60  N  N   . LEU A 1 10  ? 8.415   7.782   -5.375  1.00 25.68 ? 1116 LEU A N   1 
ATOM   61  C  CA  . LEU A 1 10  ? 8.834   7.557   -3.961  1.00 28.41 ? 1116 LEU A CA  1 
ATOM   62  C  C   . LEU A 1 10  ? 8.748   8.832   -3.132  1.00 28.18 ? 1116 LEU A C   1 
ATOM   63  O  O   . LEU A 1 10  ? 8.559   8.695   -1.911  1.00 28.96 ? 1116 LEU A O   1 
ATOM   64  C  CB  . LEU A 1 10  ? 10.222  6.938   -3.923  1.00 26.31 ? 1116 LEU A CB  1 
ATOM   65  C  CG  . LEU A 1 10  ? 10.287  5.522   -4.459  1.00 27.09 ? 1116 LEU A CG  1 
ATOM   66  C  CD1 . LEU A 1 10  ? 11.755  5.126   -4.567  1.00 29.23 ? 1116 LEU A CD1 1 
ATOM   67  C  CD2 . LEU A 1 10  ? 9.553   4.479   -3.583  1.00 29.70 ? 1116 LEU A CD2 1 
ATOM   68  N  N   . VAL A 1 11  ? 8.810   10.005  -3.769  1.00 29.43 ? 1117 VAL A N   1 
ATOM   69  C  CA  . VAL A 1 11  ? 8.665   11.304  -3.052  1.00 31.83 ? 1117 VAL A CA  1 
ATOM   70  C  C   . VAL A 1 11  ? 7.288   11.402  -2.385  1.00 33.70 ? 1117 VAL A C   1 
ATOM   71  O  O   . VAL A 1 11  ? 7.130   12.200  -1.455  1.00 32.04 ? 1117 VAL A O   1 
ATOM   72  C  CB  . VAL A 1 11  ? 8.952   12.471  -4.019  1.00 35.30 ? 1117 VAL A CB  1 
ATOM   73  C  CG1 . VAL A 1 11  ? 10.413  12.439  -4.436  1.00 34.96 ? 1117 VAL A CG1 1 
ATOM   74  C  CG2 . VAL A 1 11  ? 8.025   12.437  -5.237  1.00 34.36 ? 1117 VAL A CG2 1 
ATOM   75  N  N   . ALA A 1 12  ? 6.296   10.633  -2.838  1.00 31.23 ? 1118 ALA A N   1 
ATOM   76  C  CA  . ALA A 1 12  ? 4.914   10.681  -2.301  1.00 28.47 ? 1118 ALA A CA  1 
ATOM   77  C  C   . ALA A 1 12  ? 4.738   9.746   -1.113  1.00 29.85 ? 1118 ALA A C   1 
ATOM   78  O  O   . ALA A 1 12  ? 3.625   9.706   -0.541  1.00 31.51 ? 1118 ALA A O   1 
ATOM   79  C  CB  . ALA A 1 12  ? 3.940   10.381  -3.404  1.00 31.52 ? 1118 ALA A CB  1 
ATOM   80  N  N   . VAL A 1 13  ? 5.749   8.941   -0.788  1.00 28.77 ? 1119 VAL A N   1 
ATOM   81  C  CA  . VAL A 1 13  ? 5.653   8.020   0.381   1.00 25.72 ? 1119 VAL A CA  1 
ATOM   82  C  C   . VAL A 1 13  ? 5.763   8.876   1.641   1.00 30.68 ? 1119 VAL A C   1 
ATOM   83  O  O   . VAL A 1 13  ? 6.823   9.578   1.846   1.00 31.06 ? 1119 VAL A O   1 
ATOM   84  C  CB  . VAL A 1 13  ? 6.716   6.934   0.374   1.00 29.12 ? 1119 VAL A CB  1 
ATOM   85  C  CG1 . VAL A 1 13  ? 6.629   6.103   1.639   1.00 31.07 ? 1119 VAL A CG1 1 
ATOM   86  C  CG2 . VAL A 1 13  ? 6.585   6.056   -0.864  1.00 29.87 ? 1119 VAL A CG2 1 
ATOM   87  N  N   . CYS A 1 14  ? 4.757   8.749   2.489   1.00 27.35 ? 1120 CYS A N   1 
ATOM   88  C  CA  . CYS A 1 14  ? 4.636   9.588   3.702   1.00 29.49 ? 1120 CYS A CA  1 
ATOM   89  C  C   . CYS A 1 14  ? 5.015   8.802   4.951   1.00 30.04 ? 1120 CYS A C   1 
ATOM   90  O  O   . CYS A 1 14  ? 5.068   7.572   4.992   1.00 29.24 ? 1120 CYS A O   1 
ATOM   91  C  CB  . CYS A 1 14  ? 3.239   10.170  3.759   1.00 28.81 ? 1120 CYS A CB  1 
ATOM   92  S  SG  . CYS A 1 14  ? 2.911   11.291  2.379   1.00 31.72 ? 1120 CYS A SG  1 
ATOM   93  N  N   . PRO A 1 15  ? 5.318   9.515   6.054   1.00 32.86 ? 1121 PRO A N   1 
ATOM   94  C  CA  . PRO A 1 15  ? 5.644   8.865   7.308   1.00 33.25 ? 1121 PRO A CA  1 
ATOM   95  C  C   . PRO A 1 15  ? 4.486   8.014   7.804   1.00 32.56 ? 1121 PRO A C   1 
ATOM   96  O  O   . PRO A 1 15  ? 3.290   8.284   7.575   1.00 32.75 ? 1121 PRO A O   1 
ATOM   97  C  CB  . PRO A 1 15  ? 5.970   10.038  8.259   1.00 34.35 ? 1121 PRO A CB  1 
ATOM   98  C  CG  . PRO A 1 15  ? 6.361   11.124  7.311   1.00 33.62 ? 1121 PRO A CG  1 
ATOM   99  C  CD  . PRO A 1 15  ? 5.404   10.980  6.157   1.00 34.38 ? 1121 PRO A CD  1 
ATOM   100 N  N   . ILE A 1 16  ? 4.899   6.922   8.432   1.00 37.28 ? 1122 ILE A N   1 
ATOM   101 C  CA  . ILE A 1 16  ? 4.023   5.894   9.028   1.00 43.57 ? 1122 ILE A CA  1 
ATOM   102 C  C   . ILE A 1 16  ? 3.295   6.592   10.155  1.00 42.73 ? 1122 ILE A C   1 
ATOM   103 O  O   . ILE A 1 16  ? 3.956   7.252   10.947  1.00 48.19 ? 1122 ILE A O   1 
ATOM   104 C  CB  . ILE A 1 16  ? 4.889   4.726   9.548   1.00 50.10 ? 1122 ILE A CB  1 
ATOM   105 C  CG1 . ILE A 1 16  ? 5.623   4.021   8.400   1.00 56.45 ? 1122 ILE A CG1 1 
ATOM   106 C  CG2 . ILE A 1 16  ? 4.041   3.766   10.367  1.00 57.01 ? 1122 ILE A CG2 1 
ATOM   107 C  CD1 . ILE A 1 16  ? 7.143   3.975   8.552   1.00 59.52 ? 1122 ILE A CD1 1 
ATOM   108 N  N   . PRO A 1 17  ? 1.967   6.457   10.272  1.00 42.38 ? 1123 PRO A N   1 
ATOM   109 C  CA  . PRO A 1 17  ? 1.288   6.917   11.482  1.00 51.97 ? 1123 PRO A CA  1 
ATOM   110 C  C   . PRO A 1 17  ? 1.926   6.222   12.692  1.00 53.10 ? 1123 PRO A C   1 
ATOM   111 O  O   . PRO A 1 17  ? 2.131   5.032   12.613  1.00 59.26 ? 1123 PRO A O   1 
ATOM   112 C  CB  . PRO A 1 17  ? -0.181  6.512   11.321  1.00 52.69 ? 1123 PRO A CB  1 
ATOM   113 C  CG  . PRO A 1 17  ? -0.313  5.958   9.906   1.00 49.39 ? 1123 PRO A CG  1 
ATOM   114 C  CD  . PRO A 1 17  ? 1.077   5.763   9.345   1.00 45.19 ? 1123 PRO A CD  1 
ATOM   115 N  N   . ALA A 1 18  ? 2.259   6.959   13.763  1.00 56.85 ? 1124 ALA A N   1 
ATOM   116 C  CA  . ALA A 1 18  ? 2.736   6.377   15.050  1.00 55.32 ? 1124 ALA A CA  1 
ATOM   117 C  C   . ALA A 1 18  ? 1.654   5.431   15.618  1.00 49.88 ? 1124 ALA A C   1 
ATOM   118 O  O   . ALA A 1 18  ? 2.010   4.541   16.414  1.00 54.40 ? 1124 ALA A O   1 
ATOM   119 C  CB  . ALA A 1 18  ? 3.141   7.465   16.047  1.00 48.24 ? 1124 ALA A CB  1 
ATOM   120 N  N   . ALA A 1 19  ? 0.385   5.586   15.218  1.00 54.02 ? 1125 ALA A N   1 
ATOM   121 C  CA  . ALA A 1 19  ? -0.686  4.565   15.410  1.00 57.20 ? 1125 ALA A CA  1 
ATOM   122 C  C   . ALA A 1 19  ? -0.222  3.214   14.836  1.00 56.03 ? 1125 ALA A C   1 
ATOM   123 O  O   . ALA A 1 19  ? -0.660  2.154   15.331  1.00 55.12 ? 1125 ALA A O   1 
ATOM   124 C  CB  . ALA A 1 19  ? -1.976  5.031   14.764  1.00 60.72 ? 1125 ALA A CB  1 
ATOM   125 N  N   . GLY A 1 20  ? 0.695   3.242   13.861  1.00 48.39 ? 1126 GLY A N   1 
ATOM   126 C  CA  . GLY A 1 20  ? 1.260   2.038   13.233  1.00 44.03 ? 1126 GLY A CA  1 
ATOM   127 C  C   . GLY A 1 20  ? 0.307   1.485   12.186  1.00 40.25 ? 1126 GLY A C   1 
ATOM   128 O  O   . GLY A 1 20  ? -0.653  2.199   11.734  1.00 40.57 ? 1126 GLY A O   1 
ATOM   129 N  N   . LEU A 1 21  ? 0.595   0.276   11.733  1.00 37.60 ? 1127 LEU A N   1 
ATOM   130 C  CA  . LEU A 1 21  ? -0.171  -0.356  10.635  1.00 36.07 ? 1127 LEU A CA  1 
ATOM   131 C  C   . LEU A 1 21  ? -0.922  -1.546  11.220  1.00 36.17 ? 1127 LEU A C   1 
ATOM   132 O  O   . LEU A 1 21  ? -0.371  -2.228  12.097  1.00 37.27 ? 1127 LEU A O   1 
ATOM   133 C  CB  . LEU A 1 21  ? 0.801   -0.842  9.568   1.00 36.27 ? 1127 LEU A CB  1 
ATOM   134 C  CG  . LEU A 1 21  ? 1.601   0.244   8.882   1.00 36.61 ? 1127 LEU A CG  1 
ATOM   135 C  CD1 . LEU A 1 21  ? 2.643   -0.396  7.996   1.00 39.55 ? 1127 LEU A CD1 1 
ATOM   136 C  CD2 . LEU A 1 21  ? 0.674   1.140   8.083   1.00 38.17 ? 1127 LEU A CD2 1 
ATOM   137 N  N   . ASP A 1 22  ? -2.115  -1.802  10.713  1.00 31.78 ? 1128 ASP A N   1 
ATOM   138 C  CA  . ASP A 1 22  ? -2.871  -3.007  11.097  1.00 32.67 ? 1128 ASP A CA  1 
ATOM   139 C  C   . ASP A 1 22  ? -3.063  -3.844  9.842   1.00 28.89 ? 1128 ASP A C   1 
ATOM   140 O  O   . ASP A 1 22  ? -3.918  -3.497  9.010   1.00 28.19 ? 1128 ASP A O   1 
ATOM   141 C  CB  . ASP A 1 22  ? -4.178  -2.606  11.761  1.00 38.13 ? 1128 ASP A CB  1 
ATOM   142 C  CG  . ASP A 1 22  ? -5.043  -3.784  12.158  1.00 41.93 ? 1128 ASP A CG  1 
ATOM   143 O  OD1 . ASP A 1 22  ? -4.631  -4.941  11.899  1.00 37.75 ? 1128 ASP A OD1 1 
ATOM   144 O  OD2 . ASP A 1 22  ? -6.147  -3.536  12.674  1.00 51.61 ? 1128 ASP A OD2 1 
ATOM   145 N  N   . VAL A 1 23  ? -2.283  -4.903  9.694   1.00 28.09 ? 1129 VAL A N   1 
ATOM   146 C  CA  . VAL A 1 23  ? -2.294  -5.667  8.421   1.00 29.18 ? 1129 VAL A CA  1 
ATOM   147 C  C   . VAL A 1 23  ? -3.646  -6.415  8.298   1.00 25.99 ? 1129 VAL A C   1 
ATOM   148 O  O   . VAL A 1 23  ? -3.903  -6.913  7.201   1.00 27.34 ? 1129 VAL A O   1 
ATOM   149 C  CB  . VAL A 1 23  ? -1.092  -6.624  8.294   1.00 33.67 ? 1129 VAL A CB  1 
ATOM   150 C  CG1 . VAL A 1 23  ? 0.234   -5.891  8.476   1.00 31.89 ? 1129 VAL A CG1 1 
ATOM   151 C  CG2 . VAL A 1 23  ? -1.187  -7.776  9.290   1.00 34.70 ? 1129 VAL A CG2 1 
ATOM   152 N  N   . THR A 1 24  ? -4.457  -6.486  9.381   1.00 26.98 ? 1130 THR A N   1 
ATOM   153 C  CA  . THR A 1 24  ? -5.791  -7.108  9.290   1.00 28.74 ? 1130 THR A CA  1 
ATOM   154 C  C   . THR A 1 24  ? -6.916  -6.076  9.145   1.00 30.82 ? 1130 THR A C   1 
ATOM   155 O  O   . THR A 1 24  ? -8.097  -6.489  9.105   1.00 34.27 ? 1130 THR A O   1 
ATOM   156 C  CB  . THR A 1 24  ? -6.086  -7.995  10.504  1.00 30.09 ? 1130 THR A CB  1 
ATOM   157 O  OG1 . THR A 1 24  ? -6.163  -7.218  11.691  1.00 30.90 ? 1130 THR A OG1 1 
ATOM   158 C  CG2 . THR A 1 24  ? -5.111  -9.139  10.610  1.00 32.37 ? 1130 THR A CG2 1 
ATOM   159 N  N   . GLN A 1 25  ? -6.610  -4.815  8.889   1.00 26.28 ? 1131 GLN A N   1 
ATOM   160 C  CA  . GLN A 1 25  ? -7.629  -3.770  8.664   1.00 28.35 ? 1131 GLN A CA  1 
ATOM   161 C  C   . GLN A 1 25  ? -8.420  -4.116  7.409   1.00 30.87 ? 1131 GLN A C   1 
ATOM   162 O  O   . GLN A 1 25  ? -7.852  -4.442  6.354   1.00 27.44 ? 1131 GLN A O   1 
ATOM   163 C  CB  . GLN A 1 25  ? -6.916  -2.417  8.559   1.00 29.72 ? 1131 GLN A CB  1 
ATOM   164 C  CG  . GLN A 1 25  ? -7.856  -1.249  8.370   1.00 28.19 ? 1131 GLN A CG  1 
ATOM   165 C  CD  . GLN A 1 25  ? -7.118  0.060   8.542   1.00 31.22 ? 1131 GLN A CD  1 
ATOM   166 O  OE1 . GLN A 1 25  ? -6.059  0.145   9.167   1.00 33.92 ? 1131 GLN A OE1 1 
ATOM   167 N  NE2 . GLN A 1 25  ? -7.655  1.094   7.941   1.00 35.93 ? 1131 GLN A NE2 1 
ATOM   168 N  N   . PRO A 1 26  ? -9.770  -4.060  7.444   1.00 29.06 ? 1132 PRO A N   1 
ATOM   169 C  CA  . PRO A 1 26  ? -10.570 -4.306  6.245   1.00 29.44 ? 1132 PRO A CA  1 
ATOM   170 C  C   . PRO A 1 26  ? -10.586 -3.156  5.231   1.00 26.03 ? 1132 PRO A C   1 
ATOM   171 O  O   . PRO A 1 26  ? -10.212 -2.000  5.557   1.00 27.62 ? 1132 PRO A O   1 
ATOM   172 C  CB  . PRO A 1 26  ? -11.990 -4.494  6.783   1.00 32.33 ? 1132 PRO A CB  1 
ATOM   173 C  CG  . PRO A 1 26  ? -11.994 -3.701  8.052   1.00 34.94 ? 1132 PRO A CG  1 
ATOM   174 C  CD  . PRO A 1 26  ? -10.592 -3.775  8.625   1.00 30.79 ? 1132 PRO A CD  1 
ATOM   175 N  N   . CYS A 1 27  ? -11.097 -3.463  4.051   1.00 27.18 ? 1133 CYS A N   1 
ATOM   176 C  CA  . CYS A 1 27  ? -11.292 -2.462  2.986   1.00 23.97 ? 1133 CYS A CA  1 
ATOM   177 C  C   . CYS A 1 27  ? -12.184 -1.339  3.504   1.00 27.50 ? 1133 CYS A C   1 
ATOM   178 O  O   . CYS A 1 27  ? -13.303 -1.634  4.048   1.00 27.91 ? 1133 CYS A O   1 
ATOM   179 C  CB  . CYS A 1 27  ? -11.902 -3.051  1.728   1.00 25.58 ? 1133 CYS A CB  1 
ATOM   180 S  SG  . CYS A 1 27  ? -12.151 -1.838  0.428   1.00 26.87 ? 1133 CYS A SG  1 
ATOM   181 N  N   . GLY A 1 28  ? -11.732 -0.102  3.346   1.00 27.03 ? 1134 GLY A N   1 
ATOM   182 C  CA  . GLY A 1 28  ? -12.512 1.063   3.802   1.00 30.60 ? 1134 GLY A CA  1 
ATOM   183 C  C   . GLY A 1 28  ? -13.860 1.205   3.106   1.00 34.37 ? 1134 GLY A C   1 
ATOM   184 O  O   . GLY A 1 28  ? -14.723 1.899   3.673   1.00 36.50 ? 1134 GLY A O   1 
ATOM   185 N  N   . ASP A 1 29  ? -14.031 0.657   1.906   1.00 34.68 ? 1135 ASP A N   1 
ATOM   186 C  CA  . ASP A 1 29  ? -15.247 0.779   1.065   1.00 34.96 ? 1135 ASP A CA  1 
ATOM   187 C  C   . ASP A 1 29  ? -16.148 -0.437  1.298   1.00 38.74 ? 1135 ASP A C   1 
ATOM   188 O  O   . ASP A 1 29  ? -17.270 -0.235  1.748   1.00 39.68 ? 1135 ASP A O   1 
ATOM   189 C  CB  . ASP A 1 29  ? -14.937 0.932   -0.422  1.00 39.06 ? 1135 ASP A CB  1 
ATOM   190 C  CG  . ASP A 1 29  ? -14.459 2.305   -0.866  1.00 52.58 ? 1135 ASP A CG  1 
ATOM   191 O  OD1 . ASP A 1 29  ? -14.576 3.269   -0.070  1.00 55.79 ? 1135 ASP A OD1 1 
ATOM   192 O  OD2 . ASP A 1 29  ? -13.975 2.402   -2.018  1.00 57.03 ? 1135 ASP A OD2 1 
ATOM   193 N  N   . CYS A 1 30  ? -15.666 -1.660  1.092   1.00 31.47 ? 1136 CYS A N   1 
ATOM   194 C  CA  . CYS A 1 30  ? -16.542 -2.869  1.064   1.00 31.52 ? 1136 CYS A CA  1 
ATOM   195 C  C   . CYS A 1 30  ? -16.351 -3.741  2.300   1.00 30.95 ? 1136 CYS A C   1 
ATOM   196 O  O   . CYS A 1 30  ? -17.132 -4.673  2.474   1.00 34.75 ? 1136 CYS A O   1 
ATOM   197 C  CB  . CYS A 1 30  ? -16.328 -3.685  -0.199  1.00 34.55 ? 1136 CYS A CB  1 
ATOM   198 S  SG  . CYS A 1 30  ? -14.760 -4.581  -0.278  1.00 29.97 ? 1136 CYS A SG  1 
ATOM   199 N  N   . GLY A 1 31  ? -15.344 -3.484  3.134   1.00 29.52 ? 1137 GLY A N   1 
ATOM   200 C  CA  . GLY A 1 31  ? -15.147 -4.216  4.390   1.00 30.05 ? 1137 GLY A CA  1 
ATOM   201 C  C   . GLY A 1 31  ? -14.550 -5.594  4.177   1.00 30.07 ? 1137 GLY A C   1 
ATOM   202 O  O   . GLY A 1 31  ? -14.413 -6.318  5.193   1.00 32.02 ? 1137 GLY A O   1 
ATOM   203 N  N   . THR A 1 32  ? -14.133 -5.966  2.967   1.00 28.95 ? 1138 THR A N   1 
ATOM   204 C  CA  . THR A 1 32  ? -13.524 -7.299  2.762   1.00 28.85 ? 1138 THR A CA  1 
ATOM   205 C  C   . THR A 1 32  ? -12.238 -7.382  3.585   1.00 32.79 ? 1138 THR A C   1 
ATOM   206 O  O   . THR A 1 32  ? -11.563 -6.352  3.731   1.00 28.68 ? 1138 THR A O   1 
ATOM   207 C  CB  . THR A 1 32  ? -13.236 -7.599  1.287   1.00 32.21 ? 1138 THR A CB  1 
ATOM   208 O  OG1 . THR A 1 32  ? -12.769 -8.943  1.256   1.00 33.26 ? 1138 THR A OG1 1 
ATOM   209 C  CG2 . THR A 1 32  ? -12.197 -6.685  0.695   1.00 31.16 ? 1138 THR A CG2 1 
ATOM   210 N  N   . ILE A 1 33  ? -11.913 -8.574  4.084   1.00 31.98 ? 1139 ILE A N   1 
ATOM   211 C  CA  . ILE A 1 33  ? -10.665 -8.873  4.818   1.00 32.67 ? 1139 ILE A CA  1 
ATOM   212 C  C   . ILE A 1 33  ? -9.670  -9.510  3.844   1.00 34.63 ? 1139 ILE A C   1 
ATOM   213 O  O   . ILE A 1 33  ? -8.582  -9.812  4.304   1.00 38.50 ? 1139 ILE A O   1 
ATOM   214 C  CB  . ILE A 1 33  ? -10.958 -9.778  6.021   1.00 39.09 ? 1139 ILE A CB  1 
ATOM   215 C  CG1 . ILE A 1 33  ? -11.668 -11.064 5.587   1.00 43.36 ? 1139 ILE A CG1 1 
ATOM   216 C  CG2 . ILE A 1 33  ? -11.748 -9.007  7.063   1.00 46.67 ? 1139 ILE A CG2 1 
ATOM   217 C  CD1 . ILE A 1 33  ? -11.346 -12.276 6.409   1.00 46.08 ? 1139 ILE A CD1 1 
ATOM   218 N  N   . GLN A 1 34  ? -10.022 -9.642  2.550   1.00 31.78 ? 1140 GLN A N   1 
ATOM   219 C  CA  . GLN A 1 34  ? -9.159  -10.312 1.536   1.00 33.31 ? 1140 GLN A CA  1 
ATOM   220 C  C   . GLN A 1 34  ? -8.381  -9.303  0.673   1.00 27.67 ? 1140 GLN A C   1 
ATOM   221 O  O   . GLN A 1 34  ? -8.981  -8.306  0.229   1.00 30.92 ? 1140 GLN A O   1 
ATOM   222 C  CB  . GLN A 1 34  ? -9.976  -11.153 0.559   1.00 34.03 ? 1140 GLN A CB  1 
ATOM   223 C  CG  . GLN A 1 34  ? -10.892 -12.153 1.223   1.00 41.61 ? 1140 GLN A CG  1 
ATOM   224 C  CD  . GLN A 1 34  ? -11.556 -12.996 0.155   1.00 43.67 ? 1140 GLN A CD  1 
ATOM   225 O  OE1 . GLN A 1 34  ? -10.892 -13.606 -0.692  1.00 40.79 ? 1140 GLN A OE1 1 
ATOM   226 N  NE2 . GLN A 1 34  ? -12.876 -13.008 0.173   1.00 43.94 ? 1140 GLN A NE2 1 
ATOM   227 N  N   . GLU A 1 35  ? -7.104  -9.607  0.467   1.00 31.08 ? 1141 GLU A N   1 
ATOM   228 C  CA  . GLU A 1 35  ? -6.180  -8.952  -0.486  1.00 28.55 ? 1141 GLU A CA  1 
ATOM   229 C  C   . GLU A 1 35  ? -6.294  -7.440  -0.360  1.00 25.42 ? 1141 GLU A C   1 
ATOM   230 O  O   . GLU A 1 35  ? -6.378  -6.768  -1.378  1.00 26.32 ? 1141 GLU A O   1 
ATOM   231 C  CB  . GLU A 1 35  ? -6.452  -9.483  -1.880  1.00 35.89 ? 1141 GLU A CB  1 
ATOM   232 C  CG  . GLU A 1 35  ? -6.178  -10.976 -1.884  1.00 45.97 ? 1141 GLU A CG  1 
ATOM   233 C  CD  . GLU A 1 35  ? -5.652  -11.533 -3.192  1.00 50.09 ? 1141 GLU A CD  1 
ATOM   234 O  OE1 . GLU A 1 35  ? -5.837  -10.856 -4.241  1.00 50.89 ? 1141 GLU A OE1 1 
ATOM   235 O  OE2 . GLU A 1 35  ? -5.092  -12.654 -3.155  1.00 54.71 ? 1141 GLU A OE2 1 
ATOM   236 N  N   . ASN A 1 36  ? -6.146  -6.937  0.849   1.00 23.15 ? 1142 ASN A N   1 
ATOM   237 C  CA  . ASN A 1 36  ? -6.080  -5.476  1.001   1.00 22.45 ? 1142 ASN A CA  1 
ATOM   238 C  C   . ASN A 1 36  ? -4.651  -4.950  0.755   1.00 23.16 ? 1142 ASN A C   1 
ATOM   239 O  O   . ASN A 1 36  ? -3.661  -5.632  0.993   1.00 22.18 ? 1142 ASN A O   1 
ATOM   240 C  CB  . ASN A 1 36  ? -6.628  -5.027  2.343   1.00 23.87 ? 1142 ASN A CB  1 
ATOM   241 C  CG  . ASN A 1 36  ? -8.119  -5.239  2.396   1.00 26.54 ? 1142 ASN A CG  1 
ATOM   242 O  OD1 . ASN A 1 36  ? -8.837  -4.775  1.520   1.00 29.01 ? 1142 ASN A OD1 1 
ATOM   243 N  ND2 . ASN A 1 36  ? -8.587  -5.941  3.409   1.00 28.13 ? 1142 ASN A ND2 1 
ATOM   244 N  N   . TRP A 1 37  ? -4.630  -3.688  0.403   1.00 23.59 ? 1143 TRP A N   1 
ATOM   245 C  CA  . TRP A 1 37  ? -3.437  -2.866  0.198   1.00 21.62 ? 1143 TRP A CA  1 
ATOM   246 C  C   . TRP A 1 37  ? -3.577  -1.632  1.068   1.00 22.37 ? 1143 TRP A C   1 
ATOM   247 O  O   . TRP A 1 37  ? -4.698  -1.212  1.321   1.00 22.84 ? 1143 TRP A O   1 
ATOM   248 C  CB  . TRP A 1 37  ? -3.290  -2.480  -1.258  1.00 21.29 ? 1143 TRP A CB  1 
ATOM   249 C  CG  . TRP A 1 37  ? -3.089  -3.646  -2.185  1.00 23.05 ? 1143 TRP A CG  1 
ATOM   250 C  CD1 . TRP A 1 37  ? -4.046  -4.531  -2.615  1.00 23.66 ? 1143 TRP A CD1 1 
ATOM   251 C  CD2 . TRP A 1 37  ? -1.864  -4.006  -2.837  1.00 23.73 ? 1143 TRP A CD2 1 
ATOM   252 N  NE1 . TRP A 1 37  ? -3.494  -5.450  -3.476  1.00 25.50 ? 1143 TRP A NE1 1 
ATOM   253 C  CE2 . TRP A 1 37  ? -2.156  -5.152  -3.623  1.00 26.45 ? 1143 TRP A CE2 1 
ATOM   254 C  CE3 . TRP A 1 37  ? -0.564  -3.478  -2.826  1.00 22.51 ? 1143 TRP A CE3 1 
ATOM   255 C  CZ2 . TRP A 1 37  ? -1.181  -5.731  -4.430  1.00 24.39 ? 1143 TRP A CZ2 1 
ATOM   256 C  CZ3 . TRP A 1 37  ? 0.386   -4.074  -3.621  1.00 24.40 ? 1143 TRP A CZ3 1 
ATOM   257 C  CH2 . TRP A 1 37  ? 0.082   -5.209  -4.365  1.00 24.01 ? 1143 TRP A CH2 1 
ATOM   258 N  N   . VAL A 1 38  ? -2.468  -1.091  1.528   1.00 22.94 ? 1144 VAL A N   1 
ATOM   259 C  CA  . VAL A 1 38  ? -2.491  0.215   2.237   1.00 22.29 ? 1144 VAL A CA  1 
ATOM   260 C  C   . VAL A 1 38  ? -1.827  1.234   1.330   1.00 20.30 ? 1144 VAL A C   1 
ATOM   261 O  O   . VAL A 1 38  ? -0.744  0.976   0.743   1.00 21.44 ? 1144 VAL A O   1 
ATOM   262 C  CB  . VAL A 1 38  ? -1.828  0.108   3.627   1.00 22.93 ? 1144 VAL A CB  1 
ATOM   263 C  CG1 . VAL A 1 38  ? -0.403  -0.374  3.567   1.00 23.54 ? 1144 VAL A CG1 1 
ATOM   264 C  CG2 . VAL A 1 38  ? -1.956  1.442   4.361   1.00 22.60 ? 1144 VAL A CG2 1 
ATOM   265 N  N   . CYS A 1 39  ? -2.411  2.444   1.259   1.00 20.41 ? 1145 CYS A N   1 
ATOM   266 C  CA  . CYS A 1 39  ? -1.850  3.552   0.470   1.00 22.10 ? 1145 CYS A CA  1 
ATOM   267 C  C   . CYS A 1 39  ? -0.688  4.209   1.244   1.00 23.22 ? 1145 CYS A C   1 
ATOM   268 O  O   . CYS A 1 39  ? -0.854  4.576   2.418   1.00 24.02 ? 1145 CYS A O   1 
ATOM   269 C  CB  . CYS A 1 39  ? -2.918  4.557   0.171   1.00 24.72 ? 1145 CYS A CB  1 
ATOM   270 S  SG  . CYS A 1 39  ? -2.297  5.836   -0.939  1.00 27.44 ? 1145 CYS A SG  1 
ATOM   271 N  N   . LEU A 1 40  ? 0.457   4.353   0.616   1.00 20.57 ? 1146 LEU A N   1 
ATOM   272 C  CA  . LEU A 1 40  ? 1.674   4.832   1.308   1.00 20.89 ? 1146 LEU A CA  1 
ATOM   273 C  C   . LEU A 1 40  ? 1.679   6.361   1.306   1.00 24.59 ? 1146 LEU A C   1 
ATOM   274 O  O   . LEU A 1 40  ? 2.663   6.891   1.821   1.00 25.26 ? 1146 LEU A O   1 
ATOM   275 C  CB  . LEU A 1 40  ? 2.929   4.275   0.629   1.00 22.92 ? 1146 LEU A CB  1 
ATOM   276 C  CG  . LEU A 1 40  ? 3.053   2.761   0.743   1.00 24.38 ? 1146 LEU A CG  1 
ATOM   277 C  CD1 . LEU A 1 40  ? 4.373   2.253   0.241   1.00 26.77 ? 1146 LEU A CD1 1 
ATOM   278 C  CD2 . LEU A 1 40  ? 2.810   2.306   2.162   1.00 25.54 ? 1146 LEU A CD2 1 
ATOM   279 N  N   . SER A 1 41  ? 0.626   7.007   0.818   1.00 23.49 ? 1147 SER A N   1 
ATOM   280 C  CA  . SER A 1 41  ? 0.498   8.480   0.947   1.00 24.37 ? 1147 SER A CA  1 
ATOM   281 C  C   . SER A 1 41  ? -0.354  8.760   2.181   1.00 26.60 ? 1147 SER A C   1 
ATOM   282 O  O   . SER A 1 41  ? 0.202   9.330   3.102   1.00 31.44 ? 1147 SER A O   1 
ATOM   283 C  CB  . SER A 1 41  ? 0.040   9.118   -0.298  1.00 24.67 ? 1147 SER A CB  1 
ATOM   284 O  OG  . SER A 1 41  ? 1.014   8.945   -1.323  1.00 26.63 ? 1147 SER A OG  1 
ATOM   285 N  N   . CYS A 1 42  ? -1.566  8.247   2.246   1.00 24.48 ? 1148 CYS A N   1 
ATOM   286 C  CA  . CYS A 1 42  ? -2.534  8.634   3.295   1.00 24.75 ? 1148 CYS A CA  1 
ATOM   287 C  C   . CYS A 1 42  ? -2.927  7.446   4.156   1.00 24.01 ? 1148 CYS A C   1 
ATOM   288 O  O   . CYS A 1 42  ? -3.711  7.655   5.100   1.00 26.97 ? 1148 CYS A O   1 
ATOM   289 C  CB  . CYS A 1 42  ? -3.784  9.307   2.739   1.00 29.52 ? 1148 CYS A CB  1 
ATOM   290 S  SG  . CYS A 1 42  ? -4.902  8.196   1.830   1.00 33.98 ? 1148 CYS A SG  1 
ATOM   291 N  N   . TYR A 1 43  ? -2.420  6.236   3.906   1.00 23.12 ? 1149 TYR A N   1 
ATOM   292 C  CA  . TYR A 1 43  ? -2.547  5.083   4.840   1.00 24.71 ? 1149 TYR A CA  1 
ATOM   293 C  C   . TYR A 1 43  ? -4.007  4.661   5.023   1.00 24.66 ? 1149 TYR A C   1 
ATOM   294 O  O   . TYR A 1 43  ? -4.304  3.914   5.973   1.00 27.88 ? 1149 TYR A O   1 
ATOM   295 C  CB  . TYR A 1 43  ? -1.763  5.343   6.132   1.00 27.76 ? 1149 TYR A CB  1 
ATOM   296 C  CG  . TYR A 1 43  ? -0.282  5.321   5.867   1.00 28.66 ? 1149 TYR A CG  1 
ATOM   297 C  CD1 . TYR A 1 43  ? 0.426   4.129   5.870   1.00 28.48 ? 1149 TYR A CD1 1 
ATOM   298 C  CD2 . TYR A 1 43  ? 0.402   6.479   5.508   1.00 28.47 ? 1149 TYR A CD2 1 
ATOM   299 C  CE1 . TYR A 1 43  ? 1.780   4.112   5.603   1.00 30.67 ? 1149 TYR A CE1 1 
ATOM   300 C  CE2 . TYR A 1 43  ? 1.748   6.475   5.174   1.00 27.78 ? 1149 TYR A CE2 1 
ATOM   301 C  CZ  . TYR A 1 43  ? 2.438   5.274   5.239   1.00 28.58 ? 1149 TYR A CZ  1 
ATOM   302 O  OH  . TYR A 1 43  ? 3.742   5.224   4.890   1.00 30.77 ? 1149 TYR A OH  1 
ATOM   303 N  N   . GLN A 1 44  ? -4.853  4.945   4.046   1.00 24.13 ? 1150 GLN A N   1 
ATOM   304 C  CA  . GLN A 1 44  ? -6.165  4.273   3.886   1.00 25.71 ? 1150 GLN A CA  1 
ATOM   305 C  C   . GLN A 1 44  ? -5.949  2.861   3.327   1.00 25.66 ? 1150 GLN A C   1 
ATOM   306 O  O   . GLN A 1 44  ? -5.009  2.638   2.565   1.00 25.80 ? 1150 GLN A O   1 
ATOM   307 C  CB  . GLN A 1 44  ? -7.118  5.094   3.053   1.00 28.13 ? 1150 GLN A CB  1 
ATOM   308 C  CG  . GLN A 1 44  ? -7.624  6.324   3.818   1.00 31.36 ? 1150 GLN A CG  1 
ATOM   309 C  CD  . GLN A 1 44  ? -8.327  7.336   2.954   1.00 35.26 ? 1150 GLN A CD  1 
ATOM   310 O  OE1 . GLN A 1 44  ? -8.814  7.060   1.859   1.00 37.01 ? 1150 GLN A OE1 1 
ATOM   311 N  NE2 . GLN A 1 44  ? -8.382  8.570   3.439   1.00 40.09 ? 1150 GLN A NE2 1 
ATOM   312 N  N   . VAL A 1 45  ? -6.845  1.957   3.680   1.00 23.21 ? 1151 VAL A N   1 
ATOM   313 C  CA  . VAL A 1 45  ? -6.750  0.518   3.295   1.00 21.92 ? 1151 VAL A CA  1 
ATOM   314 C  C   . VAL A 1 45  ? -7.917  0.168   2.372   1.00 24.61 ? 1151 VAL A C   1 
ATOM   315 O  O   . VAL A 1 45  ? -9.087  0.468   2.726   1.00 25.32 ? 1151 VAL A O   1 
ATOM   316 C  CB  . VAL A 1 45  ? -6.751  -0.372  4.536   1.00 22.44 ? 1151 VAL A CB  1 
ATOM   317 C  CG1 . VAL A 1 45  ? -6.859  -1.832  4.150   1.00 23.63 ? 1151 VAL A CG1 1 
ATOM   318 C  CG2 . VAL A 1 45  ? -5.539  -0.099  5.395   1.00 21.52 ? 1151 VAL A CG2 1 
ATOM   319 N  N   . TYR A 1 46  ? -7.627  -0.433  1.219   1.00 21.02 ? 1152 TYR A N   1 
ATOM   320 C  CA  . TYR A 1 46  ? -8.654  -0.750  0.210   1.00 20.89 ? 1152 TYR A CA  1 
ATOM   321 C  C   . TYR A 1 46  ? -8.263  -2.059  -0.483  1.00 22.68 ? 1152 TYR A C   1 
ATOM   322 O  O   . TYR A 1 46  ? -7.051  -2.367  -0.577  1.00 21.19 ? 1152 TYR A O   1 
ATOM   323 C  CB  . TYR A 1 46  ? -8.837  0.354   -0.840  1.00 22.14 ? 1152 TYR A CB  1 
ATOM   324 C  CG  . TYR A 1 46  ? -9.372  1.660   -0.328  1.00 24.44 ? 1152 TYR A CG  1 
ATOM   325 C  CD1 . TYR A 1 46  ? -10.696 1.747   0.085   1.00 26.44 ? 1152 TYR A CD1 1 
ATOM   326 C  CD2 . TYR A 1 46  ? -8.550  2.771   -0.226  1.00 26.73 ? 1152 TYR A CD2 1 
ATOM   327 C  CE1 . TYR A 1 46  ? -11.190 2.944   0.568   1.00 31.81 ? 1152 TYR A CE1 1 
ATOM   328 C  CE2 . TYR A 1 46  ? -9.036  3.973   0.287   1.00 26.62 ? 1152 TYR A CE2 1 
ATOM   329 C  CZ  . TYR A 1 46  ? -10.366 4.052   0.673   1.00 31.99 ? 1152 TYR A CZ  1 
ATOM   330 O  OH  . TYR A 1 46  ? -10.863 5.222   1.224   1.00 32.29 ? 1152 TYR A OH  1 
ATOM   331 N  N   . CYS A 1 47  ? -9.251  -2.740  -1.043  1.00 23.76 ? 1153 CYS A N   1 
ATOM   332 C  CA  . CYS A 1 47  ? -9.045  -4.109  -1.564  1.00 23.39 ? 1153 CYS A CA  1 
ATOM   333 C  C   . CYS A 1 47  ? -8.442  -4.058  -2.973  1.00 22.66 ? 1153 CYS A C   1 
ATOM   334 O  O   . CYS A 1 47  ? -8.557  -3.084  -3.744  1.00 23.89 ? 1153 CYS A O   1 
ATOM   335 C  CB  . CYS A 1 47  ? -10.355 -4.898  -1.521  1.00 26.17 ? 1153 CYS A CB  1 
ATOM   336 S  SG  . CYS A 1 47  ? -11.675 -4.256  -2.584  1.00 25.37 ? 1153 CYS A SG  1 
ATOM   337 N  N   . GLY A 1 48  ? -7.789  -5.149  -3.297  1.00 21.54 ? 1154 GLY A N   1 
ATOM   338 C  CA  . GLY A 1 48  ? -7.136  -5.330  -4.582  1.00 21.82 ? 1154 GLY A CA  1 
ATOM   339 C  C   . GLY A 1 48  ? -8.060  -5.602  -5.734  1.00 25.12 ? 1154 GLY A C   1 
ATOM   340 O  O   . GLY A 1 48  ? -9.250  -5.855  -5.544  1.00 25.40 ? 1154 GLY A O   1 
ATOM   341 N  N   . ARG A 1 49  ? -7.467  -5.605  -6.932  1.00 25.82 ? 1155 ARG A N   1 
ATOM   342 C  CA  . ARG A 1 49  ? -8.221  -5.670  -8.186  1.00 28.24 ? 1155 ARG A CA  1 
ATOM   343 C  C   . ARG A 1 49  ? -8.948  -7.007  -8.337  1.00 27.84 ? 1155 ARG A C   1 
ATOM   344 O  O   . ARG A 1 49  ? -9.993  -6.988  -9.042  1.00 29.72 ? 1155 ARG A O   1 
ATOM   345 C  CB  . ARG A 1 49  ? -7.279  -5.440  -9.371  1.00 28.69 ? 1155 ARG A CB  1 
ATOM   346 C  CG  . ARG A 1 49  ? -6.180  -6.465  -9.490  1.00 31.24 ? 1155 ARG A CG  1 
ATOM   347 C  CD  . ARG A 1 49  ? -5.093  -5.917  -10.392 1.00 32.51 ? 1155 ARG A CD  1 
ATOM   348 N  NE  . ARG A 1 49  ? -4.017  -6.870  -10.459 1.00 33.03 ? 1155 ARG A NE  1 
ATOM   349 C  CZ  . ARG A 1 49  ? -3.722  -7.607  -11.526 1.00 36.68 ? 1155 ARG A CZ  1 
ATOM   350 N  NH1 . ARG A 1 49  ? -4.475  -7.538  -12.613 1.00 39.22 ? 1155 ARG A NH1 1 
ATOM   351 N  NH2 . ARG A 1 49  ? -2.670  -8.400  -11.497 1.00 37.37 ? 1155 ARG A NH2 1 
ATOM   352 N  N   . TYR A 1 50  ? -8.469  -8.095  -7.728  1.00 26.71 ? 1156 TYR A N   1 
ATOM   353 C  CA  . TYR A 1 50  ? -9.155  -9.401  -7.833  1.00 29.49 ? 1156 TYR A CA  1 
ATOM   354 C  C   . TYR A 1 50  ? -10.317 -9.490  -6.862  1.00 30.95 ? 1156 TYR A C   1 
ATOM   355 O  O   . TYR A 1 50  ? -11.082 -10.453 -6.996  1.00 33.61 ? 1156 TYR A O   1 
ATOM   356 C  CB  . TYR A 1 50  ? -8.177  -10.553 -7.662  1.00 28.70 ? 1156 TYR A CB  1 
ATOM   357 C  CG  . TYR A 1 50  ? -7.178  -10.613 -8.787  1.00 30.72 ? 1156 TYR A CG  1 
ATOM   358 C  CD1 . TYR A 1 50  ? -7.593  -10.677 -10.106 1.00 33.00 ? 1156 TYR A CD1 1 
ATOM   359 C  CD2 . TYR A 1 50  ? -5.824  -10.607 -8.535  1.00 31.68 ? 1156 TYR A CD2 1 
ATOM   360 C  CE1 . TYR A 1 50  ? -6.681  -10.750 -11.148 1.00 31.79 ? 1156 TYR A CE1 1 
ATOM   361 C  CE2 . TYR A 1 50  ? -4.898  -10.679 -9.558  1.00 32.50 ? 1156 TYR A CE2 1 
ATOM   362 C  CZ  . TYR A 1 50  ? -5.323  -10.738 -10.874 1.00 33.96 ? 1156 TYR A CZ  1 
ATOM   363 O  OH  . TYR A 1 50  ? -4.394  -10.821 -11.880 1.00 35.50 ? 1156 TYR A OH  1 
ATOM   364 N  N   . ILE A 1 51  ? -10.479 -8.545  -5.938  1.00 27.49 ? 1157 ILE A N   1 
ATOM   365 C  CA  . ILE A 1 51  ? -11.648 -8.510  -5.027  1.00 30.27 ? 1157 ILE A CA  1 
ATOM   366 C  C   . ILE A 1 51  ? -12.640 -7.508  -5.625  1.00 30.68 ? 1157 ILE A C   1 
ATOM   367 O  O   . ILE A 1 51  ? -13.345 -7.858  -6.569  1.00 33.45 ? 1157 ILE A O   1 
ATOM   368 C  CB  . ILE A 1 51  ? -11.216 -8.233  -3.574  1.00 31.33 ? 1157 ILE A CB  1 
ATOM   369 C  CG1 . ILE A 1 51  ? -10.030 -9.109  -3.166  1.00 32.43 ? 1157 ILE A CG1 1 
ATOM   370 C  CG2 . ILE A 1 51  ? -12.385 -8.397  -2.616  1.00 33.21 ? 1157 ILE A CG2 1 
ATOM   371 C  CD1 . ILE A 1 51  ? -10.321 -10.594 -3.188  1.00 36.38 ? 1157 ILE A CD1 1 
ATOM   372 N  N   . ASN A 1 52  ? -12.688 -6.267  -5.162  1.00 28.84 ? 1158 ASN A N   1 
ATOM   373 C  CA  . ASN A 1 52  ? -13.647 -5.278  -5.693  1.00 30.44 ? 1158 ASN A CA  1 
ATOM   374 C  C   . ASN A 1 52  ? -12.913 -4.083  -6.303  1.00 30.77 ? 1158 ASN A C   1 
ATOM   375 O  O   . ASN A 1 52  ? -13.590 -3.166  -6.736  1.00 31.06 ? 1158 ASN A O   1 
ATOM   376 C  CB  . ASN A 1 52  ? -14.653 -4.896  -4.605  1.00 35.91 ? 1158 ASN A CB  1 
ATOM   377 C  CG  . ASN A 1 52  ? -15.584 -6.060  -4.294  1.00 37.68 ? 1158 ASN A CG  1 
ATOM   378 O  OD1 . ASN A 1 52  ? -16.083 -6.718  -5.196  1.00 37.95 ? 1158 ASN A OD1 1 
ATOM   379 N  ND2 . ASN A 1 52  ? -15.793 -6.342  -3.031  1.00 35.61 ? 1158 ASN A ND2 1 
ATOM   380 N  N   . GLY A 1 53  ? -11.573 -4.083  -6.326  1.00 30.33 ? 1159 GLY A N   1 
ATOM   381 C  CA  . GLY A 1 53  ? -10.803 -3.021  -6.990  1.00 25.63 ? 1159 GLY A CA  1 
ATOM   382 C  C   . GLY A 1 53  ? -10.907 -1.672  -6.324  1.00 25.25 ? 1159 GLY A C   1 
ATOM   383 O  O   . GLY A 1 53  ? -10.735 -0.648  -7.020  1.00 27.10 ? 1159 GLY A O   1 
ATOM   384 N  N   . HIS A 1 54  ? -11.169 -1.597  -5.031  1.00 25.56 ? 1160 HIS A N   1 
ATOM   385 C  CA  . HIS A 1 54  ? -11.311 -0.289  -4.351  1.00 24.11 ? 1160 HIS A CA  1 
ATOM   386 C  C   . HIS A 1 54  ? -9.976  0.470   -4.257  1.00 23.20 ? 1160 HIS A C   1 
ATOM   387 O  O   . HIS A 1 54  ? -10.050 1.710   -4.218  1.00 25.51 ? 1160 HIS A O   1 
ATOM   388 C  CB  . HIS A 1 54  ? -12.015 -0.419  -3.002  1.00 25.38 ? 1160 HIS A CB  1 
ATOM   389 C  CG  . HIS A 1 54  ? -13.442 -0.787  -3.204  1.00 31.09 ? 1160 HIS A CG  1 
ATOM   390 N  ND1 . HIS A 1 54  ? -14.041 -1.829  -2.520  1.00 29.57 ? 1160 HIS A ND1 1 
ATOM   391 C  CD2 . HIS A 1 54  ? -14.371 -0.265  -4.061  1.00 32.89 ? 1160 HIS A CD2 1 
ATOM   392 C  CE1 . HIS A 1 54  ? -15.314 -1.918  -2.954  1.00 31.03 ? 1160 HIS A CE1 1 
ATOM   393 N  NE2 . HIS A 1 54  ? -15.525 -0.980  -3.905  1.00 32.79 ? 1160 HIS A NE2 1 
ATOM   394 N  N   . MET A 1 55  ? -8.830  -0.231  -4.192  1.00 24.27 ? 1161 MET A N   1 
ATOM   395 C  CA  . MET A 1 55  ? -7.539  0.509   -4.133  1.00 24.15 ? 1161 MET A CA  1 
ATOM   396 C  C   . MET A 1 55  ? -7.295  1.156   -5.505  1.00 24.50 ? 1161 MET A C   1 
ATOM   397 O  O   . MET A 1 55  ? -6.833  2.312   -5.533  1.00 24.44 ? 1161 MET A O   1 
ATOM   398 C  CB  . MET A 1 55  ? -6.335  -0.318  -3.690  1.00 21.65 ? 1161 MET A CB  1 
ATOM   399 C  CG  . MET A 1 55  ? -5.067  0.557   -3.502  1.00 22.15 ? 1161 MET A CG  1 
ATOM   400 S  SD  . MET A 1 55  ? -5.299  1.906   -2.288  1.00 23.53 ? 1161 MET A SD  1 
ATOM   401 C  CE  . MET A 1 55  ? -5.008  0.990   -0.788  1.00 24.71 ? 1161 MET A CE  1 
ATOM   402 N  N   . LEU A 1 56  ? -7.602  0.470   -6.602  1.00 24.86 ? 1162 LEU A N   1 
ATOM   403 C  CA  . LEU A 1 56  ? -7.444  1.063   -7.953  1.00 25.47 ? 1162 LEU A CA  1 
ATOM   404 C  C   . LEU A 1 56  ? -8.391  2.263   -8.068  1.00 27.27 ? 1162 LEU A C   1 
ATOM   405 O  O   . LEU A 1 56  ? -8.008  3.295   -8.634  1.00 29.51 ? 1162 LEU A O   1 
ATOM   406 C  CB  . LEU A 1 56  ? -7.744  0.006   -9.024  1.00 30.89 ? 1162 LEU A CB  1 
ATOM   407 C  CG  . LEU A 1 56  ? -7.771  0.511   -10.467 1.00 34.91 ? 1162 LEU A CG  1 
ATOM   408 C  CD1 . LEU A 1 56  ? -6.480  1.206   -10.830 1.00 37.05 ? 1162 LEU A CD1 1 
ATOM   409 C  CD2 . LEU A 1 56  ? -8.035  -0.647  -11.416 1.00 37.56 ? 1162 LEU A CD2 1 
ATOM   410 N  N   . GLN A 1 57  ? -9.598  2.190   -7.521  1.00 26.46 ? 1163 GLN A N   1 
ATOM   411 C  CA  . GLN A 1 57  ? -10.530 3.333   -7.517  1.00 27.65 ? 1163 GLN A CA  1 
ATOM   412 C  C   . GLN A 1 57  ? -9.928  4.487   -6.703  1.00 28.44 ? 1163 GLN A C   1 
ATOM   413 O  O   . GLN A 1 57  ? -10.082 5.660   -7.131  1.00 28.61 ? 1163 GLN A O   1 
ATOM   414 C  CB  . GLN A 1 57  ? -11.876 2.860   -6.998  1.00 32.17 ? 1163 GLN A CB  1 
ATOM   415 C  CG  . GLN A 1 57  ? -12.940 3.925   -6.877  1.00 37.78 ? 1163 GLN A CG  1 
ATOM   416 C  CD  . GLN A 1 57  ? -14.138 3.314   -6.183  1.00 49.19 ? 1163 GLN A CD  1 
ATOM   417 O  OE1 . GLN A 1 57  ? -14.687 2.310   -6.637  1.00 52.40 ? 1163 GLN A OE1 1 
ATOM   418 N  NE2 . GLN A 1 57  ? -14.519 3.882   -5.052  1.00 53.89 ? 1163 GLN A NE2 1 
ATOM   419 N  N   . HIS A 1 58  ? -9.366  4.191   -5.527  1.00 27.08 ? 1164 HIS A N   1 
ATOM   420 C  CA  . HIS A 1 58  ? -8.735  5.206   -4.658  1.00 26.48 ? 1164 HIS A CA  1 
ATOM   421 C  C   . HIS A 1 58  ? -7.645  5.900   -5.485  1.00 24.73 ? 1164 HIS A C   1 
ATOM   422 O  O   . HIS A 1 58  ? -7.543  7.127   -5.415  1.00 28.37 ? 1164 HIS A O   1 
ATOM   423 C  CB  . HIS A 1 58  ? -8.212  4.606   -3.376  1.00 26.07 ? 1164 HIS A CB  1 
ATOM   424 C  CG  . HIS A 1 58  ? -7.411  5.585   -2.575  1.00 25.32 ? 1164 HIS A CG  1 
ATOM   425 N  ND1 . HIS A 1 58  ? -8.011  6.628   -1.917  1.00 27.15 ? 1164 HIS A ND1 1 
ATOM   426 C  CD2 . HIS A 1 58  ? -6.088  5.679   -2.326  1.00 24.00 ? 1164 HIS A CD2 1 
ATOM   427 C  CE1 . HIS A 1 58  ? -7.086  7.326   -1.273  1.00 27.86 ? 1164 HIS A CE1 1 
ATOM   428 N  NE2 . HIS A 1 58  ? -5.850  6.784   -1.526  1.00 23.65 ? 1164 HIS A NE2 1 
ATOM   429 N  N   . HIS A 1 59  ? -6.786  5.128   -6.141  1.00 23.29 ? 1165 HIS A N   1 
ATOM   430 C  CA  . HIS A 1 59  ? -5.727  5.690   -7.008  1.00 23.19 ? 1165 HIS A CA  1 
ATOM   431 C  C   . HIS A 1 59  ? -6.386  6.680   -7.985  1.00 25.30 ? 1165 HIS A C   1 
ATOM   432 O  O   . HIS A 1 59  ? -5.876  7.797   -8.190  1.00 26.77 ? 1165 HIS A O   1 
ATOM   433 C  CB  . HIS A 1 59  ? -4.989  4.597   -7.774  1.00 24.59 ? 1165 HIS A CB  1 
ATOM   434 C  CG  . HIS A 1 59  ? -4.182  5.179   -8.886  1.00 24.42 ? 1165 HIS A CG  1 
ATOM   435 N  ND1 . HIS A 1 59  ? -3.062  5.950   -8.636  1.00 24.48 ? 1165 HIS A ND1 1 
ATOM   436 C  CD2 . HIS A 1 59  ? -4.329  5.111   -10.236 1.00 24.99 ? 1165 HIS A CD2 1 
ATOM   437 C  CE1 . HIS A 1 59  ? -2.538  6.334   -9.799  1.00 28.20 ? 1165 HIS A CE1 1 
ATOM   438 N  NE2 . HIS A 1 59  ? -3.319  5.855   -10.805 1.00 28.15 ? 1165 HIS A NE2 1 
ATOM   439 N  N   . GLY A 1 60  ? -7.424  6.227   -8.699  1.00 26.89 ? 1166 GLY A N   1 
ATOM   440 C  CA  . GLY A 1 60  ? -8.073  7.064   -9.728  1.00 28.02 ? 1166 GLY A CA  1 
ATOM   441 C  C   . GLY A 1 60  ? -8.613  8.348   -9.163  1.00 28.20 ? 1166 GLY A C   1 
ATOM   442 O  O   . GLY A 1 60  ? -8.528  9.355   -9.848  1.00 31.91 ? 1166 GLY A O   1 
ATOM   443 N  N   . ASN A 1 61  ? -9.134  8.351   -7.948  1.00 28.09 ? 1167 ASN A N   1 
ATOM   444 C  CA  . ASN A 1 61  ? -9.777  9.557   -7.387  1.00 30.64 ? 1167 ASN A CA  1 
ATOM   445 C  C   . ASN A 1 61  ? -8.855  10.391  -6.483  1.00 33.02 ? 1167 ASN A C   1 
ATOM   446 O  O   . ASN A 1 61  ? -9.262  11.532  -6.150  1.00 33.39 ? 1167 ASN A O   1 
ATOM   447 C  CB  . ASN A 1 61  ? -11.100 9.173   -6.747  1.00 39.06 ? 1167 ASN A CB  1 
ATOM   448 C  CG  . ASN A 1 61  ? -10.946 8.476   -5.433  1.00 41.10 ? 1167 ASN A CG  1 
ATOM   449 O  OD1 . ASN A 1 61  ? -10.051 8.825   -4.666  1.00 45.88 ? 1167 ASN A OD1 1 
ATOM   450 N  ND2 . ASN A 1 61  ? -11.845 7.531   -5.159  1.00 41.69 ? 1167 ASN A ND2 1 
ATOM   451 N  N   . SER A 1 62  ? -7.631  9.932   -6.166  1.00 26.84 ? 1168 SER A N   1 
ATOM   452 C  CA  . SER A 1 62  ? -6.628  10.653  -5.342  1.00 26.24 ? 1168 SER A CA  1 
ATOM   453 C  C   . SER A 1 62  ? -5.359  11.011  -6.143  1.00 25.64 ? 1168 SER A C   1 
ATOM   454 O  O   . SER A 1 62  ? -4.660  11.990  -5.754  1.00 27.12 ? 1168 SER A O   1 
ATOM   455 C  CB  . SER A 1 62  ? -6.289  9.832   -4.121  1.00 27.65 ? 1168 SER A CB  1 
ATOM   456 O  OG  . SER A 1 62  ? -5.430  8.736   -4.473  1.00 27.08 ? 1168 SER A OG  1 
ATOM   457 N  N   . GLY A 1 63  ? -5.030  10.189  -7.140  1.00 28.52 ? 1169 GLY A N   1 
ATOM   458 C  CA  . GLY A 1 63  ? -3.738  10.135  -7.850  1.00 28.33 ? 1169 GLY A CA  1 
ATOM   459 C  C   . GLY A 1 63  ? -2.598  9.567   -6.996  1.00 25.95 ? 1169 GLY A C   1 
ATOM   460 O  O   . GLY A 1 63  ? -1.438  9.619   -7.450  1.00 28.19 ? 1169 GLY A O   1 
ATOM   461 N  N   . HIS A 1 64  ? -2.863  9.031   -5.803  1.00 24.64 ? 1170 HIS A N   1 
ATOM   462 C  CA  . HIS A 1 64  ? -1.762  8.512   -4.957  1.00 24.68 ? 1170 HIS A CA  1 
ATOM   463 C  C   . HIS A 1 64  ? -1.132  7.294   -5.618  1.00 23.06 ? 1170 HIS A C   1 
ATOM   464 O  O   . HIS A 1 64  ? -1.824  6.422   -6.138  1.00 24.13 ? 1170 HIS A O   1 
ATOM   465 C  CB  . HIS A 1 64  ? -2.226  8.144   -3.564  1.00 22.68 ? 1170 HIS A CB  1 
ATOM   466 C  CG  . HIS A 1 64  ? -2.737  9.301   -2.806  1.00 24.96 ? 1170 HIS A CG  1 
ATOM   467 N  ND1 . HIS A 1 64  ? -3.598  9.173   -1.721  1.00 22.00 ? 1170 HIS A ND1 1 
ATOM   468 C  CD2 . HIS A 1 64  ? -2.508  10.621  -2.976  1.00 26.72 ? 1170 HIS A CD2 1 
ATOM   469 C  CE1 . HIS A 1 64  ? -3.848  10.360  -1.209  1.00 27.97 ? 1170 HIS A CE1 1 
ATOM   470 N  NE2 . HIS A 1 64  ? -3.213  11.280  -1.998  1.00 25.50 ? 1170 HIS A NE2 1 
ATOM   471 N  N   . PRO A 1 65  ? 0.196   7.280   -5.706  1.00 22.92 ? 1171 PRO A N   1 
ATOM   472 C  CA  . PRO A 1 65  ? 0.891   6.341   -6.583  1.00 22.65 ? 1171 PRO A CA  1 
ATOM   473 C  C   . PRO A 1 65  ? 1.161   4.937   -6.040  1.00 22.68 ? 1171 PRO A C   1 
ATOM   474 O  O   . PRO A 1 65  ? 1.208   4.028   -6.845  1.00 22.94 ? 1171 PRO A O   1 
ATOM   475 C  CB  . PRO A 1 65  ? 2.237   7.064   -6.804  1.00 24.44 ? 1171 PRO A CB  1 
ATOM   476 C  CG  . PRO A 1 65  ? 2.467   7.848   -5.561  1.00 25.99 ? 1171 PRO A CG  1 
ATOM   477 C  CD  . PRO A 1 65  ? 1.097   8.280   -5.097  1.00 24.99 ? 1171 PRO A CD  1 
ATOM   478 N  N   . LEU A 1 66  ? 1.538   4.815   -4.763  1.00 23.06 ? 1172 LEU A N   1 
ATOM   479 C  CA  . LEU A 1 66  ? 2.243   3.611   -4.258  1.00 22.58 ? 1172 LEU A CA  1 
ATOM   480 C  C   . LEU A 1 66  ? 1.431   2.968   -3.150  1.00 22.37 ? 1172 LEU A C   1 
ATOM   481 O  O   . LEU A 1 66  ? 0.953   3.719   -2.242  1.00 22.56 ? 1172 LEU A O   1 
ATOM   482 C  CB  . LEU A 1 66  ? 3.619   3.972   -3.703  1.00 24.35 ? 1172 LEU A CB  1 
ATOM   483 C  CG  . LEU A 1 66  ? 4.686   4.111   -4.781  1.00 24.77 ? 1172 LEU A CG  1 
ATOM   484 C  CD1 . LEU A 1 66  ? 5.754   5.091   -4.380  1.00 27.52 ? 1172 LEU A CD1 1 
ATOM   485 C  CD2 . LEU A 1 66  ? 5.284   2.740   -5.080  1.00 25.97 ? 1172 LEU A CD2 1 
ATOM   486 N  N   . VAL A 1 67  ? 1.291   1.656   -3.251  1.00 21.42 ? 1173 VAL A N   1 
ATOM   487 C  CA  . VAL A 1 67  ? 0.448   0.918   -2.285  1.00 20.29 ? 1173 VAL A CA  1 
ATOM   488 C  C   . VAL A 1 67  ? 1.225   -0.332  -1.904  1.00 21.80 ? 1173 VAL A C   1 
ATOM   489 O  O   . VAL A 1 67  ? 1.943   -0.890  -2.712  1.00 22.62 ? 1173 VAL A O   1 
ATOM   490 C  CB  . VAL A 1 67  ? -0.945  0.637   -2.904  1.00 19.20 ? 1173 VAL A CB  1 
ATOM   491 C  CG1 . VAL A 1 67  ? -1.679  1.943   -3.167  1.00 21.37 ? 1173 VAL A CG1 1 
ATOM   492 C  CG2 . VAL A 1 67  ? -0.823  -0.182  -4.225  1.00 20.76 ? 1173 VAL A CG2 1 
ATOM   493 N  N   . LEU A 1 68  ? 1.013   -0.754  -0.677  1.00 21.10 ? 1174 LEU A N   1 
ATOM   494 C  CA  . LEU A 1 68  ? 1.719   -1.910  -0.101  1.00 22.12 ? 1174 LEU A CA  1 
ATOM   495 C  C   . LEU A 1 68  ? 0.719   -3.031  0.190   1.00 22.21 ? 1174 LEU A C   1 
ATOM   496 O  O   . LEU A 1 68  ? -0.352  -2.817  0.797   1.00 21.62 ? 1174 LEU A O   1 
ATOM   497 C  CB  . LEU A 1 68  ? 2.480   -1.449  1.136   1.00 23.60 ? 1174 LEU A CB  1 
ATOM   498 C  CG  . LEU A 1 68  ? 3.172   -2.533  1.939   1.00 25.09 ? 1174 LEU A CG  1 
ATOM   499 C  CD1 . LEU A 1 68  ? 4.423   -2.964  1.229   1.00 31.25 ? 1174 LEU A CD1 1 
ATOM   500 C  CD2 . LEU A 1 68  ? 3.463   -2.088  3.357   1.00 30.07 ? 1174 LEU A CD2 1 
ATOM   501 N  N   . SER A 1 69  ? 1.099   -4.232  -0.215  1.00 21.08 ? 1175 SER A N   1 
ATOM   502 C  CA  . SER A 1 69  ? 0.261   -5.442  -0.065  1.00 20.86 ? 1175 SER A CA  1 
ATOM   503 C  C   . SER A 1 69  ? 0.328   -5.965  1.363   1.00 22.68 ? 1175 SER A C   1 
ATOM   504 O  O   . SER A 1 69  ? 1.430   -6.209  1.895   1.00 24.47 ? 1175 SER A O   1 
ATOM   505 C  CB  . SER A 1 69  ? 0.685   -6.538  -1.002  1.00 22.62 ? 1175 SER A CB  1 
ATOM   506 O  OG  . SER A 1 69  ? -0.042  -7.732  -0.681  1.00 26.14 ? 1175 SER A OG  1 
ATOM   507 N  N   . TYR A 1 70  ? -0.825  -6.194  1.959   1.00 25.46 ? 1176 TYR A N   1 
ATOM   508 C  CA  . TYR A 1 70  ? -0.897  -6.866  3.282   1.00 25.45 ? 1176 TYR A CA  1 
ATOM   509 C  C   . TYR A 1 70  ? -0.805  -8.371  3.124   1.00 30.17 ? 1176 TYR A C   1 
ATOM   510 O  O   . TYR A 1 70  ? -0.884  -9.048  4.159   1.00 31.43 ? 1176 TYR A O   1 
ATOM   511 C  CB  . TYR A 1 70  ? -2.141  -6.381  4.001   1.00 25.68 ? 1176 TYR A CB  1 
ATOM   512 C  CG  . TYR A 1 70  ? -1.999  -5.046  4.686   1.00 26.03 ? 1176 TYR A CG  1 
ATOM   513 C  CD1 . TYR A 1 70  ? -0.764  -4.476  4.996   1.00 26.41 ? 1176 TYR A CD1 1 
ATOM   514 C  CD2 . TYR A 1 70  ? -3.137  -4.361  5.045   1.00 26.40 ? 1176 TYR A CD2 1 
ATOM   515 C  CE1 . TYR A 1 70  ? -0.675  -3.243  5.641   1.00 28.74 ? 1176 TYR A CE1 1 
ATOM   516 C  CE2 . TYR A 1 70  ? -3.073  -3.158  5.739   1.00 25.36 ? 1176 TYR A CE2 1 
ATOM   517 C  CZ  . TYR A 1 70  ? -1.835  -2.607  6.058   1.00 26.72 ? 1176 TYR A CZ  1 
ATOM   518 O  OH  . TYR A 1 70  ? -1.797  -1.411  6.712   1.00 30.81 ? 1176 TYR A OH  1 
ATOM   519 N  N   . ILE A 1 71  ? -0.652  -8.885  1.905   1.00 26.34 ? 1177 ILE A N   1 
ATOM   520 C  CA  . ILE A 1 71  ? -0.395  -10.347 1.675   1.00 29.39 ? 1177 ILE A CA  1 
ATOM   521 C  C   . ILE A 1 71  ? 1.105   -10.569 1.733   1.00 30.52 ? 1177 ILE A C   1 
ATOM   522 O  O   . ILE A 1 71  ? 1.552   -11.434 2.525   1.00 33.11 ? 1177 ILE A O   1 
ATOM   523 C  CB  . ILE A 1 71  ? -0.990  -10.846 0.349   1.00 31.84 ? 1177 ILE A CB  1 
ATOM   524 C  CG1 . ILE A 1 71  ? -2.495  -10.613 0.289   1.00 38.66 ? 1177 ILE A CG1 1 
ATOM   525 C  CG2 . ILE A 1 71  ? -0.630  -12.318 0.072   1.00 33.23 ? 1177 ILE A CG2 1 
ATOM   526 C  CD1 . ILE A 1 71  ? -3.223  -10.970 1.557   1.00 44.91 ? 1177 ILE A CD1 1 
ATOM   527 N  N   . ASP A 1 72  ? 1.894   -9.898  0.894   1.00 28.55 ? 1178 ASP A N   1 
ATOM   528 C  CA  . ASP A 1 72  ? 3.343   -10.246 0.825   1.00 33.05 ? 1178 ASP A CA  1 
ATOM   529 C  C   . ASP A 1 72  ? 4.261   -9.032  0.992   1.00 31.59 ? 1178 ASP A C   1 
ATOM   530 O  O   . ASP A 1 72  ? 5.481   -9.201  0.774   1.00 29.29 ? 1178 ASP A O   1 
ATOM   531 C  CB  . ASP A 1 72  ? 3.637   -10.953 -0.498  1.00 37.23 ? 1178 ASP A CB  1 
ATOM   532 C  CG  . ASP A 1 72  ? 3.705   -10.004 -1.677  1.00 42.07 ? 1178 ASP A CG  1 
ATOM   533 O  OD1 . ASP A 1 72  ? 3.108   -8.887  -1.586  1.00 33.51 ? 1178 ASP A OD1 1 
ATOM   534 O  OD2 . ASP A 1 72  ? 4.390   -10.345 -2.648  1.00 44.44 ? 1178 ASP A OD2 1 
ATOM   535 N  N   . LEU A 1 73  ? 3.730   -7.864  1.392   1.00 27.18 ? 1179 LEU A N   1 
ATOM   536 C  CA  . LEU A 1 73  ? 4.522   -6.650  1.699   1.00 27.10 ? 1179 LEU A CA  1 
ATOM   537 C  C   . LEU A 1 73  ? 5.266   -6.170  0.457   1.00 27.78 ? 1179 LEU A C   1 
ATOM   538 O  O   . LEU A 1 73  ? 6.296   -5.502  0.634   1.00 32.02 ? 1179 LEU A O   1 
ATOM   539 C  CB  . LEU A 1 73  ? 5.495   -6.925  2.841   1.00 30.88 ? 1179 LEU A CB  1 
ATOM   540 C  CG  . LEU A 1 73  ? 4.861   -7.583  4.069   1.00 35.37 ? 1179 LEU A CG  1 
ATOM   541 C  CD1 . LEU A 1 73  ? 5.864   -7.650  5.202   1.00 36.25 ? 1179 LEU A CD1 1 
ATOM   542 C  CD2 . LEU A 1 73  ? 3.606   -6.851  4.527   1.00 35.84 ? 1179 LEU A CD2 1 
ATOM   543 N  N   . SER A 1 74  ? 4.772   -6.460  -0.726  1.00 25.44 ? 1180 SER A N   1 
ATOM   544 C  CA  . SER A 1 74  ? 5.340   -5.894  -1.975  1.00 25.43 ? 1180 SER A CA  1 
ATOM   545 C  C   . SER A 1 74  ? 4.702   -4.513  -2.184  1.00 26.11 ? 1180 SER A C   1 
ATOM   546 O  O   . SER A 1 74  ? 3.562   -4.316  -1.741  1.00 26.66 ? 1180 SER A O   1 
ATOM   547 C  CB  . SER A 1 74  ? 5.140   -6.785  -3.115  1.00 33.40 ? 1180 SER A CB  1 
ATOM   548 O  OG  . SER A 1 74  ? 3.775   -6.815  -3.412  1.00 41.39 ? 1180 SER A OG  1 
ATOM   549 N  N   . ALA A 1 75  ? 5.421   -3.585  -2.792  1.00 23.89 ? 1181 ALA A N   1 
ATOM   550 C  CA  . ALA A 1 75  ? 4.933   -2.206  -3.055  1.00 22.42 ? 1181 ALA A CA  1 
ATOM   551 C  C   . ALA A 1 75  ? 4.705   -2.030  -4.554  1.00 26.32 ? 1181 ALA A C   1 
ATOM   552 O  O   . ALA A 1 75  ? 5.589   -2.404  -5.341  1.00 26.01 ? 1181 ALA A O   1 
ATOM   553 C  CB  . ALA A 1 75  ? 5.892   -1.173  -2.538  1.00 24.97 ? 1181 ALA A CB  1 
ATOM   554 N  N   . TRP A 1 76  ? 3.498   -1.601  -4.947  1.00 23.70 ? 1182 TRP A N   1 
ATOM   555 C  CA  . TRP A 1 76  ? 3.088   -1.438  -6.351  1.00 24.02 ? 1182 TRP A CA  1 
ATOM   556 C  C   . TRP A 1 76  ? 2.962   0.051   -6.638  1.00 22.99 ? 1182 TRP A C   1 
ATOM   557 O  O   . TRP A 1 76  ? 2.320   0.767   -5.848  1.00 22.72 ? 1182 TRP A O   1 
ATOM   558 C  CB  . TRP A 1 76  ? 1.761   -2.156  -6.620  1.00 21.94 ? 1182 TRP A CB  1 
ATOM   559 C  CG  . TRP A 1 76  ? 1.269   -2.035  -8.015  1.00 24.59 ? 1182 TRP A CG  1 
ATOM   560 C  CD1 . TRP A 1 76  ? 0.298   -1.178  -8.443  1.00 26.66 ? 1182 TRP A CD1 1 
ATOM   561 C  CD2 . TRP A 1 76  ? 1.726   -2.748  -9.170  1.00 26.34 ? 1182 TRP A CD2 1 
ATOM   562 N  NE1 . TRP A 1 76  ? 0.131   -1.294  -9.788  1.00 27.45 ? 1182 TRP A NE1 1 
ATOM   563 C  CE2 . TRP A 1 76  ? 0.953   -2.280  -10.258 1.00 27.49 ? 1182 TRP A CE2 1 
ATOM   564 C  CE3 . TRP A 1 76  ? 2.680   -3.749  -9.398  1.00 28.82 ? 1182 TRP A CE3 1 
ATOM   565 C  CZ2 . TRP A 1 76  ? 1.114   -2.763  -11.555 1.00 29.52 ? 1182 TRP A CZ2 1 
ATOM   566 C  CZ3 . TRP A 1 76  ? 2.832   -4.224  -10.684 1.00 30.90 ? 1182 TRP A CZ3 1 
ATOM   567 C  CH2 . TRP A 1 76  ? 2.062   -3.742  -11.727 1.00 29.64 ? 1182 TRP A CH2 1 
ATOM   568 N  N   . CYS A 1 77  ? 3.525   0.511   -7.754  1.00 21.76 ? 1183 CYS A N   1 
ATOM   569 C  CA  . CYS A 1 77  ? 3.283   1.865   -8.258  1.00 23.66 ? 1183 CYS A CA  1 
ATOM   570 C  C   . CYS A 1 77  ? 2.294   1.793   -9.423  1.00 23.92 ? 1183 CYS A C   1 
ATOM   571 O  O   . CYS A 1 77  ? 2.608   1.170   -10.450 1.00 24.18 ? 1183 CYS A O   1 
ATOM   572 C  CB  . CYS A 1 77  ? 4.538   2.574   -8.718  1.00 23.30 ? 1183 CYS A CB  1 
ATOM   573 S  SG  . CYS A 1 77  ? 4.156   4.248   -9.266  1.00 23.64 ? 1183 CYS A SG  1 
ATOM   574 N  N   . TYR A 1 78  ? 1.175   2.475   -9.287  1.00 21.81 ? 1184 TYR A N   1 
ATOM   575 C  CA  . TYR A 1 78  ? 0.110   2.462   -10.327 1.00 23.47 ? 1184 TYR A CA  1 
ATOM   576 C  C   . TYR A 1 78  ? 0.554   3.217   -11.591 1.00 25.57 ? 1184 TYR A C   1 
ATOM   577 O  O   . TYR A 1 78  ? 0.093   2.877   -12.683 1.00 30.26 ? 1184 TYR A O   1 
ATOM   578 C  CB  . TYR A 1 78  ? -1.184  3.087   -9.821  1.00 24.27 ? 1184 TYR A CB  1 
ATOM   579 C  CG  . TYR A 1 78  ? -1.978  2.202   -8.903  1.00 22.26 ? 1184 TYR A CG  1 
ATOM   580 C  CD1 . TYR A 1 78  ? -2.685  1.109   -9.392  1.00 26.14 ? 1184 TYR A CD1 1 
ATOM   581 C  CD2 . TYR A 1 78  ? -2.041  2.468   -7.559  1.00 26.07 ? 1184 TYR A CD2 1 
ATOM   582 C  CE1 . TYR A 1 78  ? -3.428  0.290   -8.552  1.00 25.79 ? 1184 TYR A CE1 1 
ATOM   583 C  CE2 . TYR A 1 78  ? -2.760  1.654   -6.715  1.00 27.77 ? 1184 TYR A CE2 1 
ATOM   584 C  CZ  . TYR A 1 78  ? -3.483  0.591   -7.217  1.00 28.41 ? 1184 TYR A CZ  1 
ATOM   585 O  OH  . TYR A 1 78  ? -4.196  -0.168  -6.357  1.00 28.51 ? 1184 TYR A OH  1 
ATOM   586 N  N   . TYR A 1 79  ? 1.449   4.172   -11.461 1.00 25.46 ? 1185 TYR A N   1 
ATOM   587 C  CA  . TYR A 1 79  ? 1.909   4.980   -12.615 1.00 26.47 ? 1185 TYR A CA  1 
ATOM   588 C  C   . TYR A 1 79  ? 2.960   4.220   -13.402 1.00 29.75 ? 1185 TYR A C   1 
ATOM   589 O  O   . TYR A 1 79  ? 2.877   4.129   -14.649 1.00 30.69 ? 1185 TYR A O   1 
ATOM   590 C  CB  . TYR A 1 79  ? 2.498   6.296   -12.142 1.00 25.32 ? 1185 TYR A CB  1 
ATOM   591 C  CG  . TYR A 1 79  ? 1.518   7.289   -11.577 1.00 27.34 ? 1185 TYR A CG  1 
ATOM   592 C  CD1 . TYR A 1 79  ? 0.777   8.127   -12.388 1.00 30.79 ? 1185 TYR A CD1 1 
ATOM   593 C  CD2 . TYR A 1 79  ? 1.405   7.467   -10.228 1.00 28.16 ? 1185 TYR A CD2 1 
ATOM   594 C  CE1 . TYR A 1 79  ? -0.076  9.081   -11.852 1.00 32.38 ? 1185 TYR A CE1 1 
ATOM   595 C  CE2 . TYR A 1 79  ? 0.536   8.382   -9.671  1.00 28.86 ? 1185 TYR A CE2 1 
ATOM   596 C  CZ  . TYR A 1 79  ? -0.236  9.193   -10.488 1.00 30.09 ? 1185 TYR A CZ  1 
ATOM   597 O  OH  . TYR A 1 79  ? -1.071  10.137  -9.941  1.00 31.90 ? 1185 TYR A OH  1 
ATOM   598 N  N   . CYS A 1 80  ? 3.941   3.675   -12.686 1.00 27.93 ? 1186 CYS A N   1 
ATOM   599 C  CA  . CYS A 1 80  ? 5.051   2.903   -13.292 1.00 28.37 ? 1186 CYS A CA  1 
ATOM   600 C  C   . CYS A 1 80  ? 4.540   1.505   -13.690 1.00 30.60 ? 1186 CYS A C   1 
ATOM   601 O  O   . CYS A 1 80  ? 5.200   0.859   -14.525 1.00 30.29 ? 1186 CYS A O   1 
ATOM   602 C  CB  . CYS A 1 80  ? 6.253   2.914   -12.340 1.00 26.23 ? 1186 CYS A CB  1 
ATOM   603 S  SG  . CYS A 1 80  ? 6.926   4.583   -12.001 1.00 28.89 ? 1186 CYS A SG  1 
ATOM   604 N  N   . GLN A 1 81  ? 3.408   1.040   -13.168 1.00 28.71 ? 1187 GLN A N   1 
ATOM   605 C  CA  . GLN A 1 81  ? 2.835   -0.312  -13.418 1.00 32.58 ? 1187 GLN A CA  1 
ATOM   606 C  C   . GLN A 1 81  ? 3.927   -1.335  -13.123 1.00 30.92 ? 1187 GLN A C   1 
ATOM   607 O  O   . GLN A 1 81  ? 4.189   -2.250  -13.950 1.00 30.44 ? 1187 GLN A O   1 
ATOM   608 C  CB  . GLN A 1 81  ? 2.222   -0.450  -14.819 1.00 37.54 ? 1187 GLN A CB  1 
ATOM   609 C  CG  . GLN A 1 81  ? 1.382   0.757   -15.199 1.00 43.05 ? 1187 GLN A CG  1 
ATOM   610 C  CD  . GLN A 1 81  ? 1.056   0.778   -16.672 1.00 54.84 ? 1187 GLN A CD  1 
ATOM   611 O  OE1 . GLN A 1 81  ? 1.606   1.560   -17.452 1.00 62.55 ? 1187 GLN A OE1 1 
ATOM   612 N  NE2 . GLN A 1 81  ? 0.168   -0.116  -17.071 1.00 53.84 ? 1187 GLN A NE2 1 
ATOM   613 N  N   . ALA A 1 82  ? 4.531   -1.218  -11.948 1.00 27.93 ? 1188 ALA A N   1 
ATOM   614 C  CA  . ALA A 1 82  ? 5.646   -2.098  -11.536 1.00 29.69 ? 1188 ALA A CA  1 
ATOM   615 C  C   . ALA A 1 82  ? 5.722   -2.162  -10.026 1.00 26.12 ? 1188 ALA A C   1 
ATOM   616 O  O   . ALA A 1 82  ? 5.255   -1.235  -9.359  1.00 24.22 ? 1188 ALA A O   1 
ATOM   617 C  CB  . ALA A 1 82  ? 6.974   -1.621  -12.078 1.00 30.45 ? 1188 ALA A CB  1 
ATOM   618 N  N   . TYR A 1 83  ? 6.316   -3.229  -9.531  1.00 25.76 ? 1189 TYR A N   1 
ATOM   619 C  CA  . TYR A 1 83  ? 6.722   -3.277  -8.120  1.00 24.20 ? 1189 TYR A CA  1 
ATOM   620 C  C   . TYR A 1 83  ? 7.982   -2.438  -7.964  1.00 26.90 ? 1189 TYR A C   1 
ATOM   621 O  O   . TYR A 1 83  ? 8.782   -2.351  -8.905  1.00 26.33 ? 1189 TYR A O   1 
ATOM   622 C  CB  . TYR A 1 83  ? 7.015   -4.693  -7.679  1.00 26.02 ? 1189 TYR A CB  1 
ATOM   623 C  CG  . TYR A 1 83  ? 5.815   -5.588  -7.782  1.00 27.81 ? 1189 TYR A CG  1 
ATOM   624 C  CD1 . TYR A 1 83  ? 4.889   -5.600  -6.758  1.00 31.37 ? 1189 TYR A CD1 1 
ATOM   625 C  CD2 . TYR A 1 83  ? 5.638   -6.451  -8.850  1.00 32.78 ? 1189 TYR A CD2 1 
ATOM   626 C  CE1 . TYR A 1 83  ? 3.813   -6.471  -6.789  1.00 33.29 ? 1189 TYR A CE1 1 
ATOM   627 C  CE2 . TYR A 1 83  ? 4.530   -7.273  -8.929  1.00 36.16 ? 1189 TYR A CE2 1 
ATOM   628 C  CZ  . TYR A 1 83  ? 3.630   -7.298  -7.880  1.00 37.27 ? 1189 TYR A CZ  1 
ATOM   629 O  OH  . TYR A 1 83  ? 2.553   -8.144  -7.938  1.00 38.79 ? 1189 TYR A OH  1 
ATOM   630 N  N   . VAL A 1 84  ? 8.127   -1.842  -6.810  1.00 24.30 ? 1190 VAL A N   1 
ATOM   631 C  CA  . VAL A 1 84  ? 9.253   -0.963  -6.439  1.00 23.16 ? 1190 VAL A CA  1 
ATOM   632 C  C   . VAL A 1 84  ? 9.775   -1.389  -5.098  1.00 26.86 ? 1190 VAL A C   1 
ATOM   633 O  O   . VAL A 1 84  ? 8.984   -1.684  -4.173  1.00 27.45 ? 1190 VAL A O   1 
ATOM   634 C  CB  . VAL A 1 84  ? 8.810   0.511   -6.417  1.00 24.80 ? 1190 VAL A CB  1 
ATOM   635 C  CG1 . VAL A 1 84  ? 9.975   1.446   -6.124  1.00 26.64 ? 1190 VAL A CG1 1 
ATOM   636 C  CG2 . VAL A 1 84  ? 8.140   0.882   -7.719  1.00 26.46 ? 1190 VAL A CG2 1 
ATOM   637 N  N   . HIS A 1 85  ? 11.094  -1.419  -4.941  1.00 26.90 ? 1191 HIS A N   1 
ATOM   638 C  CA  . HIS A 1 85  ? 11.699  -1.600  -3.614  1.00 26.44 ? 1191 HIS A CA  1 
ATOM   639 C  C   . HIS A 1 85  ? 12.862  -0.638  -3.484  1.00 26.33 ? 1191 HIS A C   1 
ATOM   640 O  O   . HIS A 1 85  ? 13.647  -0.526  -4.429  1.00 28.26 ? 1191 HIS A O   1 
ATOM   641 C  CB  . HIS A 1 85  ? 12.070  -3.053  -3.312  1.00 30.26 ? 1191 HIS A CB  1 
ATOM   642 C  CG  . HIS A 1 85  ? 12.623  -3.173  -1.949  1.00 33.41 ? 1191 HIS A CG  1 
ATOM   643 N  ND1 . HIS A 1 85  ? 11.827  -2.981  -0.829  1.00 33.73 ? 1191 HIS A ND1 1 
ATOM   644 C  CD2 . HIS A 1 85  ? 13.898  -3.271  -1.498  1.00 35.85 ? 1191 HIS A CD2 1 
ATOM   645 C  CE1 . HIS A 1 85  ? 12.595  -3.022  0.247   1.00 37.40 ? 1191 HIS A CE1 1 
ATOM   646 N  NE2 . HIS A 1 85  ? 13.857  -3.192  -0.136  1.00 39.05 ? 1191 HIS A NE2 1 
ATOM   647 N  N   . HIS A 1 86  ? 12.873  0.074   -2.388  1.00 26.45 ? 1192 HIS A N   1 
ATOM   648 C  CA  . HIS A 1 86  ? 13.876  1.115   -2.105  1.00 28.81 ? 1192 HIS A CA  1 
ATOM   649 C  C   . HIS A 1 86  ? 13.998  1.256   -0.594  1.00 30.30 ? 1192 HIS A C   1 
ATOM   650 O  O   . HIS A 1 86  ? 13.041  0.938   0.137   1.00 30.19 ? 1192 HIS A O   1 
ATOM   651 C  CB  . HIS A 1 86  ? 13.489  2.370   -2.916  1.00 25.78 ? 1192 HIS A CB  1 
ATOM   652 C  CG  . HIS A 1 86  ? 14.429  3.514   -2.797  1.00 29.75 ? 1192 HIS A CG  1 
ATOM   653 N  ND1 . HIS A 1 86  ? 14.407  4.378   -1.725  1.00 33.70 ? 1192 HIS A ND1 1 
ATOM   654 C  CD2 . HIS A 1 86  ? 15.392  3.972   -3.638  1.00 33.98 ? 1192 HIS A CD2 1 
ATOM   655 C  CE1 . HIS A 1 86  ? 15.318  5.320   -1.903  1.00 35.35 ? 1192 HIS A CE1 1 
ATOM   656 N  NE2 . HIS A 1 86  ? 15.955  5.081   -3.056  1.00 33.55 ? 1192 HIS A NE2 1 
ATOM   657 N  N   . GLN A 1 87  ? 15.141  1.747   -0.131  1.00 32.77 ? 1193 GLN A N   1 
ATOM   658 C  CA  . GLN A 1 87  ? 15.382  2.052   1.304   1.00 34.46 ? 1193 GLN A CA  1 
ATOM   659 C  C   . GLN A 1 87  ? 14.260  2.938   1.869   1.00 36.16 ? 1193 GLN A C   1 
ATOM   660 O  O   . GLN A 1 87  ? 13.941  2.807   3.071   1.00 37.17 ? 1193 GLN A O   1 
ATOM   661 C  CB  . GLN A 1 87  ? 16.759  2.716   1.500   1.00 41.00 ? 1193 GLN A CB  1 
ATOM   662 N  N   . ALA A 1 88  ? 13.633  3.796   1.067   1.00 33.76 ? 1194 ALA A N   1 
ATOM   663 C  CA  . ALA A 1 88  ? 12.530  4.690   1.509   1.00 33.97 ? 1194 ALA A CA  1 
ATOM   664 C  C   . ALA A 1 88  ? 11.282  3.871   1.935   1.00 33.20 ? 1194 ALA A C   1 
ATOM   665 O  O   . ALA A 1 88  ? 10.417  4.440   2.632   1.00 35.26 ? 1194 ALA A O   1 
ATOM   666 C  CB  . ALA A 1 88  ? 12.194  5.673   0.425   1.00 37.24 ? 1194 ALA A CB  1 
ATOM   667 N  N   . LEU A 1 89  ? 11.170  2.605   1.511   1.00 30.72 ? 1195 LEU A N   1 
ATOM   668 C  CA  . LEU A 1 89  ? 10.034  1.691   1.840   1.00 30.25 ? 1195 LEU A CA  1 
ATOM   669 C  C   . LEU A 1 89  ? 10.377  0.753   3.000   1.00 33.80 ? 1195 LEU A C   1 
ATOM   670 O  O   . LEU A 1 89  ? 9.489   -0.018  3.449   1.00 31.22 ? 1195 LEU A O   1 
ATOM   671 C  CB  . LEU A 1 89  ? 9.706   0.877   0.598   1.00 30.32 ? 1195 LEU A CB  1 
ATOM   672 C  CG  . LEU A 1 89  ? 9.267   1.686   -0.616  1.00 29.81 ? 1195 LEU A CG  1 
ATOM   673 C  CD1 . LEU A 1 89  ? 8.935   0.779   -1.765  1.00 29.46 ? 1195 LEU A CD1 1 
ATOM   674 C  CD2 . LEU A 1 89  ? 8.074   2.554   -0.276  1.00 33.79 ? 1195 LEU A CD2 1 
ATOM   675 N  N   . LEU A 1 90  ? 11.604  0.778   3.514   1.00 32.35 ? 1196 LEU A N   1 
ATOM   676 C  CA  . LEU A 1 90  ? 12.036  -0.272  4.474   1.00 34.05 ? 1196 LEU A CA  1 
ATOM   677 C  C   . LEU A 1 90  ? 11.322  -0.035  5.802   1.00 31.98 ? 1196 LEU A C   1 
ATOM   678 O  O   . LEU A 1 90  ? 10.890  -1.030  6.372   1.00 35.67 ? 1196 LEU A O   1 
ATOM   679 C  CB  . LEU A 1 90  ? 13.566  -0.302  4.633   1.00 36.86 ? 1196 LEU A CB  1 
ATOM   680 C  CG  . LEU A 1 90  ? 14.308  -1.146  3.592   1.00 44.11 ? 1196 LEU A CG  1 
ATOM   681 C  CD1 . LEU A 1 90  ? 15.825  -0.937  3.643   1.00 47.97 ? 1196 LEU A CD1 1 
ATOM   682 C  CD2 . LEU A 1 90  ? 13.965  -2.617  3.743   1.00 44.36 ? 1196 LEU A CD2 1 
ATOM   683 N  N   . ASP A 1 91  ? 11.140  1.217   6.249   1.00 35.37 ? 1197 ASP A N   1 
ATOM   684 C  CA  . ASP A 1 91  ? 10.445  1.538   7.533   1.00 36.45 ? 1197 ASP A CA  1 
ATOM   685 C  C   . ASP A 1 91  ? 9.039   0.928   7.506   1.00 34.38 ? 1197 ASP A C   1 
ATOM   686 O  O   . ASP A 1 91  ? 8.667   0.219   8.467   1.00 35.18 ? 1197 ASP A O   1 
ATOM   687 C  CB  . ASP A 1 91  ? 10.279  3.049   7.761   1.00 39.41 ? 1197 ASP A CB  1 
ATOM   688 N  N   . VAL A 1 92  ? 8.254   1.226   6.457   1.00 31.42 ? 1198 VAL A N   1 
ATOM   689 C  CA  . VAL A 1 92  ? 6.855   0.728   6.371   1.00 30.55 ? 1198 VAL A CA  1 
ATOM   690 C  C   . VAL A 1 92  ? 6.849   -0.800  6.245   1.00 28.93 ? 1198 VAL A C   1 
ATOM   691 O  O   . VAL A 1 92  ? 6.037   -1.438  6.907   1.00 30.48 ? 1198 VAL A O   1 
ATOM   692 C  CB  . VAL A 1 92  ? 6.053   1.466   5.290   1.00 33.77 ? 1198 VAL A CB  1 
ATOM   693 C  CG1 . VAL A 1 92  ? 6.461   1.114   3.876   1.00 33.54 ? 1198 VAL A CG1 1 
ATOM   694 C  CG2 . VAL A 1 92  ? 4.571   1.263   5.479   1.00 37.14 ? 1198 VAL A CG2 1 
ATOM   695 N  N   . LYS A 1 93  ? 7.716   -1.399  5.432   1.00 26.81 ? 1199 LYS A N   1 
ATOM   696 C  CA  . LYS A 1 93  ? 7.728   -2.870  5.285   1.00 26.22 ? 1199 LYS A CA  1 
ATOM   697 C  C   . LYS A 1 93  ? 8.074   -3.555  6.595   1.00 27.41 ? 1199 LYS A C   1 
ATOM   698 O  O   . LYS A 1 93  ? 7.469   -4.590  6.911   1.00 28.61 ? 1199 LYS A O   1 
ATOM   699 C  CB  . LYS A 1 93  ? 8.705   -3.297  4.195   1.00 26.84 ? 1199 LYS A CB  1 
ATOM   700 C  CG  . LYS A 1 93  ? 8.204   -2.906  2.825   1.00 27.60 ? 1199 LYS A CG  1 
ATOM   701 C  CD  . LYS A 1 93  ? 9.012   -3.483  1.710   1.00 28.65 ? 1199 LYS A CD  1 
ATOM   702 C  CE  . LYS A 1 93  ? 8.438   -3.172  0.354   1.00 28.36 ? 1199 LYS A CE  1 
ATOM   703 N  NZ  . LYS A 1 93  ? 9.135   -3.965  -0.679  1.00 29.67 ? 1199 LYS A NZ  1 
ATOM   704 N  N   . ASN A 1 94  ? 9.058   -3.021  7.320   1.00 29.82 ? 1200 ASN A N   1 
ATOM   705 C  CA  . ASN A 1 94  ? 9.508   -3.655  8.578   1.00 30.41 ? 1200 ASN A CA  1 
ATOM   706 C  C   . ASN A 1 94  ? 8.366   -3.568  9.600   1.00 27.10 ? 1200 ASN A C   1 
ATOM   707 O  O   . ASN A 1 94  ? 8.143   -4.545  10.333  1.00 30.21 ? 1200 ASN A O   1 
ATOM   708 C  CB  . ASN A 1 94  ? 10.761  -3.009  9.161   1.00 33.44 ? 1200 ASN A CB  1 
ATOM   709 C  CG  . ASN A 1 94  ? 12.021  -3.254  8.352   1.00 36.46 ? 1200 ASN A CG  1 
ATOM   710 O  OD1 . ASN A 1 94  ? 12.128  -4.211  7.610   1.00 37.72 ? 1200 ASN A OD1 1 
ATOM   711 N  ND2 . ASN A 1 94  ? 12.984  -2.363  8.495   1.00 47.54 ? 1200 ASN A ND2 1 
ATOM   712 N  N   . ILE A 1 95  ? 7.678   -2.454  9.679   1.00 28.75 ? 1201 ILE A N   1 
ATOM   713 C  CA  . ILE A 1 95  ? 6.562   -2.316  10.660  1.00 31.54 ? 1201 ILE A CA  1 
ATOM   714 C  C   . ILE A 1 95  ? 5.424   -3.254  10.253  1.00 30.01 ? 1201 ILE A C   1 
ATOM   715 O  O   . ILE A 1 95  ? 4.812   -3.933  11.141  1.00 31.50 ? 1201 ILE A O   1 
ATOM   716 C  CB  . ILE A 1 95  ? 6.138   -0.844  10.760  1.00 36.52 ? 1201 ILE A CB  1 
ATOM   717 C  CG1 . ILE A 1 95  ? 7.199   -0.059  11.533  1.00 44.38 ? 1201 ILE A CG1 1 
ATOM   718 C  CG2 . ILE A 1 95  ? 4.759   -0.701  11.385  1.00 42.00 ? 1201 ILE A CG2 1 
ATOM   719 C  CD1 . ILE A 1 95  ? 7.191   1.416   11.251  1.00 51.68 ? 1201 ILE A CD1 1 
ATOM   720 N  N   . ALA A 1 96  ? 5.081   -3.289  8.976   1.00 27.01 ? 1202 ALA A N   1 
ATOM   721 C  CA  . ALA A 1 96  ? 4.047   -4.222  8.481   1.00 27.71 ? 1202 ALA A CA  1 
ATOM   722 C  C   . ALA A 1 96  ? 4.464   -5.673  8.805   1.00 29.11 ? 1202 ALA A C   1 
ATOM   723 O  O   . ALA A 1 96  ? 3.645   -6.484  9.323   1.00 30.15 ? 1202 ALA A O   1 
ATOM   724 C  CB  . ALA A 1 96  ? 3.805   -4.001  7.015   1.00 30.02 ? 1202 ALA A CB  1 
ATOM   725 N  N   . HIS A 1 97  ? 5.723   -6.041  8.575   1.00 29.18 ? 1203 HIS A N   1 
ATOM   726 C  CA  . HIS A 1 97  ? 6.194   -7.430  8.829   1.00 30.12 ? 1203 HIS A CA  1 
ATOM   727 C  C   . HIS A 1 97  ? 6.035   -7.759  10.315  1.00 29.76 ? 1203 HIS A C   1 
ATOM   728 O  O   . HIS A 1 97  ? 5.597   -8.884  10.627  1.00 31.28 ? 1203 HIS A O   1 
ATOM   729 C  CB  . HIS A 1 97  ? 7.627   -7.628  8.304   1.00 32.19 ? 1203 HIS A CB  1 
ATOM   730 C  CG  . HIS A 1 97  ? 8.105   -9.024  8.434   1.00 34.06 ? 1203 HIS A CG  1 
ATOM   731 N  ND1 . HIS A 1 97  ? 8.639   -9.498  9.626   1.00 35.88 ? 1203 HIS A ND1 1 
ATOM   732 C  CD2 . HIS A 1 97  ? 8.138   -10.045 7.552   1.00 38.57 ? 1203 HIS A CD2 1 
ATOM   733 C  CE1 . HIS A 1 97  ? 8.938   -10.764 9.470   1.00 36.63 ? 1203 HIS A CE1 1 
ATOM   734 N  NE2 . HIS A 1 97  ? 8.632   -11.128 8.215   1.00 42.99 ? 1203 HIS A NE2 1 
ATOM   735 N  N   . GLN A 1 98  ? 6.393   -6.837  11.190  1.00 30.70 ? 1204 GLN A N   1 
ATOM   736 C  CA  . GLN A 1 98  ? 6.321   -7.055  12.658  1.00 34.22 ? 1204 GLN A CA  1 
ATOM   737 C  C   . GLN A 1 98  ? 4.859   -7.233  13.062  1.00 35.24 ? 1204 GLN A C   1 
ATOM   738 O  O   . GLN A 1 98  ? 4.584   -8.127  13.886  1.00 35.54 ? 1204 GLN A O   1 
ATOM   739 C  CB  . GLN A 1 98  ? 6.926   -5.898  13.429  1.00 39.28 ? 1204 GLN A CB  1 
ATOM   740 C  CG  . GLN A 1 98  ? 8.445   -5.889  13.420  1.00 50.60 ? 1204 GLN A CG  1 
ATOM   741 C  CD  . GLN A 1 98  ? 9.001   -4.563  13.885  1.00 63.66 ? 1204 GLN A CD  1 
ATOM   742 O  OE1 . GLN A 1 98  ? 8.309   -3.759  14.512  1.00 66.28 ? 1204 GLN A OE1 1 
ATOM   743 N  NE2 . GLN A 1 98  ? 10.259  -4.305  13.552  1.00 69.87 ? 1204 GLN A NE2 1 
ATOM   744 N  N   . ASN A 1 99  ? 3.954   -6.414  12.526  1.00 34.20 ? 1205 ASN A N   1 
ATOM   745 C  CA  . ASN A 1 99  ? 2.499   -6.528  12.827  1.00 34.11 ? 1205 ASN A CA  1 
ATOM   746 C  C   . ASN A 1 99  ? 1.943   -7.848  12.264  1.00 32.57 ? 1205 ASN A C   1 
ATOM   747 O  O   . ASN A 1 99  ? 1.100   -8.487  12.963  1.00 34.89 ? 1205 ASN A O   1 
ATOM   748 C  CB  . ASN A 1 99  ? 1.710   -5.322  12.298  1.00 34.04 ? 1205 ASN A CB  1 
ATOM   749 C  CG  . ASN A 1 99  ? 0.260   -5.332  12.766  1.00 44.21 ? 1205 ASN A CG  1 
ATOM   750 O  OD1 . ASN A 1 99  ? -0.658  -5.691  12.028  1.00 40.05 ? 1205 ASN A OD1 1 
ATOM   751 N  ND2 . ASN A 1 99  ? 0.035   -5.013  14.025  1.00 39.26 ? 1205 ASN A ND2 1 
ATOM   752 N  N   . LYS A 1 100 ? 2.378   -8.283  11.075  1.00 30.55 ? 1206 LYS A N   1 
ATOM   753 C  CA  . LYS A 1 100 ? 1.853   -9.492  10.398  1.00 32.51 ? 1206 LYS A CA  1 
ATOM   754 C  C   . LYS A 1 100 ? 2.354   -10.760 11.108  1.00 35.46 ? 1206 LYS A C   1 
ATOM   755 O  O   . LYS A 1 100 ? 1.526   -11.668 11.314  1.00 34.37 ? 1206 LYS A O   1 
ATOM   756 C  CB  . LYS A 1 100 ? 2.262   -9.576  8.925   1.00 31.06 ? 1206 LYS A CB  1 
ATOM   757 C  CG  . LYS A 1 100 ? 1.493   -10.602 8.108   1.00 29.43 ? 1206 LYS A CG  1 
ATOM   758 C  CD  . LYS A 1 100 ? 1.583   -10.450 6.608   1.00 30.77 ? 1206 LYS A CD  1 
ATOM   759 C  CE  . LYS A 1 100 ? 0.896   -11.546 5.814   1.00 30.18 ? 1206 LYS A CE  1 
ATOM   760 N  NZ  . LYS A 1 100 ? -0.546  -11.283 5.622   1.00 33.31 ? 1206 LYS A NZ  1 
ATOM   761 N  N   . PHE A 1 101 ? 3.653   -10.819 11.437  1.00 35.87 ? 1207 PHE A N   1 
ATOM   762 C  CA  . PHE A 1 101 ? 4.362   -12.052 11.900  1.00 39.25 ? 1207 PHE A CA  1 
ATOM   763 C  C   . PHE A 1 101 ? 4.992   -11.830 13.284  1.00 45.15 ? 1207 PHE A C   1 
ATOM   764 O  O   . PHE A 1 101 ? 4.455   -11.122 14.142  1.00 48.98 ? 1207 PHE A O   1 
ATOM   765 C  CB  . PHE A 1 101 ? 5.486   -12.443 10.931  1.00 40.78 ? 1207 PHE A CB  1 
ATOM   766 C  CG  . PHE A 1 101 ? 5.060   -12.703 9.506   1.00 39.05 ? 1207 PHE A CG  1 
ATOM   767 C  CD1 . PHE A 1 101 ? 4.466   -13.901 9.140   1.00 41.04 ? 1207 PHE A CD1 1 
ATOM   768 C  CD2 . PHE A 1 101 ? 5.273   -11.751 8.519   1.00 38.95 ? 1207 PHE A CD2 1 
ATOM   769 C  CE1 . PHE A 1 101 ? 4.070   -14.125 7.826   1.00 40.98 ? 1207 PHE A CE1 1 
ATOM   770 C  CE2 . PHE A 1 101 ? 4.900   -11.983 7.206   1.00 40.75 ? 1207 PHE A CE2 1 
ATOM   771 C  CZ  . PHE A 1 101 ? 4.289   -13.172 6.859   1.00 43.16 ? 1207 PHE A CZ  1 
HETATM 772 ZN ZN  . ZN  B 2 .   ? -4.125  7.425   -0.821  1.00 26.97 ? 1301 ZN  A ZN  1 
HETATM 773 ZN ZN  . ZN  C 2 .   ? -13.183 -3.172  -1.251  1.00 27.33 ? 1302 ZN  A ZN  1 
HETATM 774 ZN ZN  . ZN  D 2 .   ? 6.248   5.176   -9.867  1.00 26.17 ? 1303 ZN  A ZN  1 
HETATM 775 C  C1  . ZUE E 3 .   ? -0.446  -9.546  -4.969  1.00 39.07 ? 1304 ZUE A C1  1 
HETATM 776 C  C2  . ZUE E 3 .   ? -1.013  -9.539  -3.699  1.00 41.89 ? 1304 ZUE A C2  1 
HETATM 777 C  C3  . ZUE E 3 .   ? -2.383  -9.641  -3.580  1.00 40.34 ? 1304 ZUE A C3  1 
HETATM 778 C  C4  . ZUE E 3 .   ? -3.175  -9.733  -4.693  1.00 44.98 ? 1304 ZUE A C4  1 
HETATM 779 C  C5  . ZUE E 3 .   ? -2.615  -9.761  -5.951  1.00 42.88 ? 1304 ZUE A C5  1 
HETATM 780 C  C6  . ZUE E 3 .   ? -1.238  -9.683  -6.108  1.00 37.48 ? 1304 ZUE A C6  1 
HETATM 781 C  C7  . ZUE E 3 .   ? -0.614  -9.642  -7.466  1.00 33.17 ? 1304 ZUE A C7  1 
HETATM 782 N  N1  . ZUE E 3 .   ? -0.882  -5.237  -9.293  1.00 29.36 ? 1304 ZUE A N1  1 
HETATM 783 N  N2  . ZUE E 3 .   ? -2.529  -3.607  -9.658  1.00 30.24 ? 1304 ZUE A N2  1 
HETATM 784 C  C8  . ZUE E 3 .   ? -0.866  -7.317  -8.156  1.00 31.14 ? 1304 ZUE A C8  1 
HETATM 785 C  C9  . ZUE E 3 .   ? -0.124  -6.015  -8.365  1.00 29.46 ? 1304 ZUE A C9  1 
HETATM 786 C  C10 . ZUE E 3 .   ? -1.766  -4.275  -8.866  1.00 29.16 ? 1304 ZUE A C10 1 
HETATM 787 C  C11 . ZUE E 3 .   ? -1.873  -4.124  -7.384  1.00 26.06 ? 1304 ZUE A C11 1 
HETATM 788 C  C12 . ZUE E 3 .   ? -2.894  -3.098  -6.948  1.00 27.49 ? 1304 ZUE A C12 1 
HETATM 789 C  C13 . ZUE E 3 .   ? -4.358  -3.504  -7.088  1.00 28.42 ? 1304 ZUE A C13 1 
HETATM 790 C  C14 . ZUE E 3 .   ? -2.391  -3.834  -11.028 1.00 32.72 ? 1304 ZUE A C14 1 
HETATM 791 O  O4  . ZUE E 3 .   ? -2.084  -7.410  -8.397  1.00 32.80 ? 1304 ZUE A O4  1 
HETATM 792 N  N   . ZUE E 3 .   ? -0.106  -8.303  -7.711  1.00 30.53 ? 1304 ZUE A N   1 
HETATM 793 O  O   . ZUE E 3 .   ? 0.874   -9.318  -5.221  1.00 47.91 ? 1304 ZUE A O   1 
HETATM 794 C  C   . ZUE E 3 .   ? 1.716   -9.023  -4.127  1.00 48.35 ? 1304 ZUE A C   1 
HETATM 795 C  C20 . ZUE E 3 .   ? -0.725  -5.556  -10.649 1.00 32.32 ? 1304 ZUE A C20 1 
HETATM 796 O  O3  . ZUE E 3 .   ? -0.094  -6.541  -10.979 1.00 35.76 ? 1304 ZUE A O3  1 
HETATM 797 C  C15 . ZUE E 3 .   ? -1.491  -4.768  -11.545 1.00 32.20 ? 1304 ZUE A C15 1 
HETATM 798 C  C16 . ZUE E 3 .   ? -1.382  -4.988  -12.919 1.00 37.57 ? 1304 ZUE A C16 1 
HETATM 799 C  C17 . ZUE E 3 .   ? -2.211  -4.293  -13.777 1.00 36.24 ? 1304 ZUE A C17 1 
HETATM 800 C  C18 . ZUE E 3 .   ? -3.128  -3.387  -13.294 1.00 37.93 ? 1304 ZUE A C18 1 
HETATM 801 C  C19 . ZUE E 3 .   ? -3.197  -3.156  -11.935 1.00 32.19 ? 1304 ZUE A C19 1 
HETATM 802 CL CL  . ZUE E 3 .   ? -4.265  -1.945  -11.350 1.00 42.27 ? 1304 ZUE A CL  1 
HETATM 803 O  O2  . ZUE E 3 .   ? -4.736  -4.681  -7.052  1.00 30.45 ? 1304 ZUE A O2  1 
HETATM 804 O  O1  . ZUE E 3 .   ? -5.155  -2.478  -7.137  1.00 26.75 ? 1304 ZUE A O1  1 
HETATM 805 O  O   . HOH F 4 .   ? -3.309  -0.367  8.325   1.00 30.91 ? 1401 HOH A O   1 
HETATM 806 O  O   . HOH F 4 .   ? -5.283  14.357  -5.553  1.00 48.64 ? 1402 HOH A O   1 
HETATM 807 O  O   . HOH F 4 .   ? -4.166  -6.952  -6.111  1.00 32.17 ? 1403 HOH A O   1 
HETATM 808 O  O   . HOH F 4 .   ? -12.044 3.480   -3.270  1.00 34.63 ? 1404 HOH A O   1 
HETATM 809 O  O   . HOH F 4 .   ? -2.391  13.165  -6.122  1.00 44.89 ? 1405 HOH A O   1 
HETATM 810 O  O   . HOH F 4 .   ? 16.924  0.748   -4.252  1.00 37.85 ? 1406 HOH A O   1 
HETATM 811 O  O   . HOH F 4 .   ? -0.337  7.986   14.449  1.00 53.49 ? 1407 HOH A O   1 
HETATM 812 O  O   . HOH F 4 .   ? -0.272  0.604   17.413  1.00 52.05 ? 1408 HOH A O   1 
HETATM 813 O  O   . HOH F 4 .   ? -12.172 -8.378  -9.574  1.00 41.54 ? 1409 HOH A O   1 
HETATM 814 O  O   . HOH F 4 .   ? -3.303  6.748   -13.296 1.00 38.89 ? 1410 HOH A O   1 
HETATM 815 O  O   . HOH F 4 .   ? 10.338  6.960   3.446   1.00 44.21 ? 1411 HOH A O   1 
HETATM 816 O  O   . HOH F 4 .   ? 8.048   9.880   4.176   1.00 44.36 ? 1412 HOH A O   1 
HETATM 817 O  O   . HOH F 4 .   ? 3.624   3.325   -17.066 1.00 49.61 ? 1413 HOH A O   1 
HETATM 818 O  O   . HOH F 4 .   ? -14.394 -0.732  6.295   1.00 40.18 ? 1414 HOH A O   1 
HETATM 819 O  O   . HOH F 4 .   ? 9.017   10.138  0.437   1.00 43.59 ? 1415 HOH A O   1 
HETATM 820 O  O   . HOH F 4 .   ? 4.281   -3.312  13.681  1.00 46.27 ? 1416 HOH A O   1 
HETATM 821 O  O   . HOH F 4 .   ? 8.108   -4.097  -3.405  1.00 26.30 ? 1417 HOH A O   1 
HETATM 822 O  O   . HOH F 4 .   ? -7.760  -2.371  -6.455  1.00 26.18 ? 1418 HOH A O   1 
HETATM 823 O  O   . HOH F 4 .   ? -1.477  -13.304 4.098   1.00 46.42 ? 1419 HOH A O   1 
HETATM 824 O  O   . HOH F 4 .   ? -10.113 0.590   6.323   1.00 33.51 ? 1420 HOH A O   1 
HETATM 825 O  O   . HOH F 4 .   ? -7.451  -9.357  6.724   1.00 37.40 ? 1421 HOH A O   1 
HETATM 826 O  O   . HOH F 4 .   ? -11.710 -0.573  -9.550  1.00 41.79 ? 1422 HOH A O   1 
HETATM 827 O  O   . HOH F 4 .   ? 6.000   14.513  -2.310  1.00 54.07 ? 1423 HOH A O   1 
HETATM 828 O  O   . HOH F 4 .   ? 1.401   6.513   -2.463  1.00 28.37 ? 1424 HOH A O   1 
HETATM 829 O  O   . HOH F 4 .   ? 12.631  3.475   5.363   1.00 42.83 ? 1425 HOH A O   1 
HETATM 830 O  O   . HOH F 4 .   ? 1.002   -13.124 13.562  1.00 37.06 ? 1426 HOH A O   1 
HETATM 831 O  O   . HOH F 4 .   ? -4.468  -9.564  6.879   1.00 36.25 ? 1427 HOH A O   1 
HETATM 832 O  O   . HOH F 4 .   ? -6.159  -6.481  5.651   1.00 30.82 ? 1428 HOH A O   1 
HETATM 833 O  O   . HOH F 4 .   ? -6.401  3.711   7.753   1.00 42.58 ? 1429 HOH A O   1 
HETATM 834 O  O   . HOH F 4 .   ? -1.572  -9.031  12.545  1.00 34.01 ? 1430 HOH A O   1 
HETATM 835 O  O   . HOH F 4 .   ? 8.860   3.601   4.753   1.00 34.33 ? 1431 HOH A O   1 
HETATM 836 O  O   . HOH F 4 .   ? -7.594  11.839  -9.070  1.00 34.16 ? 1432 HOH A O   1 
HETATM 837 O  O   . HOH F 4 .   ? -6.179  -11.729 1.988   1.00 55.51 ? 1433 HOH A O   1 
HETATM 838 O  O   . HOH F 4 .   ? -2.782  -7.418  -1.009  1.00 28.58 ? 1434 HOH A O   1 
HETATM 839 O  O   . HOH F 4 .   ? -10.926 -12.041 -9.287  1.00 38.36 ? 1435 HOH A O   1 
HETATM 840 O  O   . HOH F 4 .   ? -3.129  2.382   7.991   1.00 37.33 ? 1436 HOH A O   1 
HETATM 841 O  O   . HOH F 4 .   ? -13.795 -11.047 -6.615  1.00 44.73 ? 1437 HOH A O   1 
HETATM 842 O  O   . HOH F 4 .   ? 10.893  12.055  -8.006  1.00 43.09 ? 1438 HOH A O   1 
HETATM 843 O  O   . HOH F 4 .   ? 17.366  1.989   -1.872  1.00 34.07 ? 1439 HOH A O   1 
HETATM 844 O  O   . HOH F 4 .   ? -6.460  -8.401  -5.575  1.00 29.74 ? 1440 HOH A O   1 
HETATM 845 O  O   . HOH F 4 .   ? -8.325  4.098   -11.374 1.00 43.55 ? 1441 HOH A O   1 
HETATM 846 O  O   . HOH F 4 .   ? 7.260   5.777   5.470   1.00 45.85 ? 1442 HOH A O   1 
HETATM 847 O  O   . HOH F 4 .   ? -9.092  2.963   5.186   1.00 34.26 ? 1443 HOH A O   1 
HETATM 848 O  O   . HOH F 4 .   ? 7.357   -5.054  -11.570 1.00 36.86 ? 1444 HOH A O   1 
HETATM 849 O  O   . HOH F 4 .   ? 11.205  9.541   -6.174  1.00 32.66 ? 1445 HOH A O   1 
HETATM 850 O  O   . HOH F 4 .   ? -5.936  -8.431  3.386   1.00 27.88 ? 1446 HOH A O   1 
HETATM 851 O  O   . HOH F 4 .   ? 6.111   12.091  -8.504  1.00 36.76 ? 1447 HOH A O   1 
HETATM 852 O  O   . HOH F 4 .   ? -11.285 4.506   4.155   1.00 48.65 ? 1448 HOH A O   1 
HETATM 853 O  O   . HOH F 4 .   ? -1.543  -9.324  -14.174 1.00 39.02 ? 1449 HOH A O   1 
HETATM 854 O  O   . HOH F 4 .   ? -1.016  -0.053  -12.628 1.00 43.04 ? 1450 HOH A O   1 
HETATM 855 O  O   . HOH F 4 .   ? -14.443 -10.421 3.897   1.00 43.19 ? 1451 HOH A O   1 
HETATM 856 O  O   . HOH F 4 .   ? -8.834  -5.185  12.054  1.00 45.92 ? 1452 HOH A O   1 
HETATM 857 O  O   . HOH F 4 .   ? -15.636 -9.927  -5.495  1.00 45.22 ? 1453 HOH A O   1 
HETATM 858 O  O   . HOH F 4 .   ? 3.906   7.381   -15.450 1.00 43.19 ? 1454 HOH A O   1 
HETATM 859 O  O   . HOH F 4 .   ? 6.208   6.365   -14.590 1.00 36.20 ? 1455 HOH A O   1 
HETATM 860 O  O   . HOH F 4 .   ? -14.428 -13.627 -7.613  1.00 37.78 ? 1456 HOH A O   1 
# 
loop_
_pdbx_poly_seq_scheme.asym_id 
_pdbx_poly_seq_scheme.entity_id 
_pdbx_poly_seq_scheme.seq_id 
_pdbx_poly_seq_scheme.mon_id 
_pdbx_poly_seq_scheme.ndb_seq_num 
_pdbx_poly_seq_scheme.pdb_seq_num 
_pdbx_poly_seq_scheme.auth_seq_num 
_pdbx_poly_seq_scheme.pdb_mon_id 
_pdbx_poly_seq_scheme.auth_mon_id 
_pdbx_poly_seq_scheme.pdb_strand_id 
_pdbx_poly_seq_scheme.pdb_ins_code 
_pdbx_poly_seq_scheme.hetero 
A 1 1   GLY 1   1107 ?    ?   ?   A . n 
A 1 2   SER 2   1108 ?    ?   ?   A . n 
A 1 3   PRO 3   1109 1109 PRO PRO A . n 
A 1 4   LEU 4   1110 1110 LEU LEU A . n 
A 1 5   PRO 5   1111 1111 PRO PRO A . n 
A 1 6   TRP 6   1112 1112 TRP TRP A . n 
A 1 7   CYS 7   1113 1113 CYS CYS A . n 
A 1 8   PRO 8   1114 1114 PRO PRO A . n 
A 1 9   HIS 9   1115 1115 HIS HIS A . n 
A 1 10  LEU 10  1116 1116 LEU LEU A . n 
A 1 11  VAL 11  1117 1117 VAL VAL A . n 
A 1 12  ALA 12  1118 1118 ALA ALA A . n 
A 1 13  VAL 13  1119 1119 VAL VAL A . n 
A 1 14  CYS 14  1120 1120 CYS CYS A . n 
A 1 15  PRO 15  1121 1121 PRO PRO A . n 
A 1 16  ILE 16  1122 1122 ILE ILE A . n 
A 1 17  PRO 17  1123 1123 PRO PRO A . n 
A 1 18  ALA 18  1124 1124 ALA ALA A . n 
A 1 19  ALA 19  1125 1125 ALA ALA A . n 
A 1 20  GLY 20  1126 1126 GLY GLY A . n 
A 1 21  LEU 21  1127 1127 LEU LEU A . n 
A 1 22  ASP 22  1128 1128 ASP ASP A . n 
A 1 23  VAL 23  1129 1129 VAL VAL A . n 
A 1 24  THR 24  1130 1130 THR THR A . n 
A 1 25  GLN 25  1131 1131 GLN GLN A . n 
A 1 26  PRO 26  1132 1132 PRO PRO A . n 
A 1 27  CYS 27  1133 1133 CYS CYS A . n 
A 1 28  GLY 28  1134 1134 GLY GLY A . n 
A 1 29  ASP 29  1135 1135 ASP ASP A . n 
A 1 30  CYS 30  1136 1136 CYS CYS A . n 
A 1 31  GLY 31  1137 1137 GLY GLY A . n 
A 1 32  THR 32  1138 1138 THR THR A . n 
A 1 33  ILE 33  1139 1139 ILE ILE A . n 
A 1 34  GLN 34  1140 1140 GLN GLN A . n 
A 1 35  GLU 35  1141 1141 GLU GLU A . n 
A 1 36  ASN 36  1142 1142 ASN ASN A . n 
A 1 37  TRP 37  1143 1143 TRP TRP A . n 
A 1 38  VAL 38  1144 1144 VAL VAL A . n 
A 1 39  CYS 39  1145 1145 CYS CYS A . n 
A 1 40  LEU 40  1146 1146 LEU LEU A . n 
A 1 41  SER 41  1147 1147 SER SER A . n 
A 1 42  CYS 42  1148 1148 CYS CYS A . n 
A 1 43  TYR 43  1149 1149 TYR TYR A . n 
A 1 44  GLN 44  1150 1150 GLN GLN A . n 
A 1 45  VAL 45  1151 1151 VAL VAL A . n 
A 1 46  TYR 46  1152 1152 TYR TYR A . n 
A 1 47  CYS 47  1153 1153 CYS CYS A . n 
A 1 48  GLY 48  1154 1154 GLY GLY A . n 
A 1 49  ARG 49  1155 1155 ARG ARG A . n 
A 1 50  TYR 50  1156 1156 TYR TYR A . n 
A 1 51  ILE 51  1157 1157 ILE ILE A . n 
A 1 52  ASN 52  1158 1158 ASN ASN A . n 
A 1 53  GLY 53  1159 1159 GLY GLY A . n 
A 1 54  HIS 54  1160 1160 HIS HIS A . n 
A 1 55  MET 55  1161 1161 MET MET A . n 
A 1 56  LEU 56  1162 1162 LEU LEU A . n 
A 1 57  GLN 57  1163 1163 GLN GLN A . n 
A 1 58  HIS 58  1164 1164 HIS HIS A . n 
A 1 59  HIS 59  1165 1165 HIS HIS A . n 
A 1 60  GLY 60  1166 1166 GLY GLY A . n 
A 1 61  ASN 61  1167 1167 ASN ASN A . n 
A 1 62  SER 62  1168 1168 SER SER A . n 
A 1 63  GLY 63  1169 1169 GLY GLY A . n 
A 1 64  HIS 64  1170 1170 HIS HIS A . n 
A 1 65  PRO 65  1171 1171 PRO PRO A . n 
A 1 66  LEU 66  1172 1172 LEU LEU A . n 
A 1 67  VAL 67  1173 1173 VAL VAL A . n 
A 1 68  LEU 68  1174 1174 LEU LEU A . n 
A 1 69  SER 69  1175 1175 SER SER A . n 
A 1 70  TYR 70  1176 1176 TYR TYR A . n 
A 1 71  ILE 71  1177 1177 ILE ILE A . n 
A 1 72  ASP 72  1178 1178 ASP ASP A . n 
A 1 73  LEU 73  1179 1179 LEU LEU A . n 
A 1 74  SER 74  1180 1180 SER SER A . n 
A 1 75  ALA 75  1181 1181 ALA ALA A . n 
A 1 76  TRP 76  1182 1182 TRP TRP A . n 
A 1 77  CYS 77  1183 1183 CYS CYS A . n 
A 1 78  TYR 78  1184 1184 TYR TYR A . n 
A 1 79  TYR 79  1185 1185 TYR TYR A . n 
A 1 80  CYS 80  1186 1186 CYS CYS A . n 
A 1 81  GLN 81  1187 1187 GLN GLN A . n 
A 1 82  ALA 82  1188 1188 ALA ALA A . n 
A 1 83  TYR 83  1189 1189 TYR TYR A . n 
A 1 84  VAL 84  1190 1190 VAL VAL A . n 
A 1 85  HIS 85  1191 1191 HIS HIS A . n 
A 1 86  HIS 86  1192 1192 HIS HIS A . n 
A 1 87  GLN 87  1193 1193 GLN GLN A . n 
A 1 88  ALA 88  1194 1194 ALA ALA A . n 
A 1 89  LEU 89  1195 1195 LEU LEU A . n 
A 1 90  LEU 90  1196 1196 LEU LEU A . n 
A 1 91  ASP 91  1197 1197 ASP ASP A . n 
A 1 92  VAL 92  1198 1198 VAL VAL A . n 
A 1 93  LYS 93  1199 1199 LYS LYS A . n 
A 1 94  ASN 94  1200 1200 ASN ASN A . n 
A 1 95  ILE 95  1201 1201 ILE ILE A . n 
A 1 96  ALA 96  1202 1202 ALA ALA A . n 
A 1 97  HIS 97  1203 1203 HIS HIS A . n 
A 1 98  GLN 98  1204 1204 GLN GLN A . n 
A 1 99  ASN 99  1205 1205 ASN ASN A . n 
A 1 100 LYS 100 1206 1206 LYS LYS A . n 
A 1 101 PHE 101 1207 1207 PHE PHE A . n 
A 1 102 GLY 102 1208 ?    ?   ?   A . n 
A 1 103 GLU 103 1209 ?    ?   ?   A . n 
A 1 104 ASP 104 1210 ?    ?   ?   A . n 
A 1 105 MET 105 1211 ?    ?   ?   A . n 
A 1 106 PRO 106 1212 ?    ?   ?   A . n 
A 1 107 HIS 107 1213 ?    ?   ?   A . n 
# 
_pdbx_contact_author.id                 2 
_pdbx_contact_author.email              Cheryl.Arrowsmith@uhnresearch.ca 
_pdbx_contact_author.name_first         Cheryl 
_pdbx_contact_author.name_last          Arrowsmith 
_pdbx_contact_author.name_mi            H 
_pdbx_contact_author.role               'principal investigator/group leader' 
_pdbx_contact_author.identifier_ORCID   0000-0002-4971-3250 
# 
_pdbx_SG_project.id                    1 
_pdbx_SG_project.project_name          ? 
_pdbx_SG_project.full_name_of_center   'Structural Genomics Consortium' 
_pdbx_SG_project.initial_of_center     SGC 
# 
loop_
_pdbx_nonpoly_scheme.asym_id 
_pdbx_nonpoly_scheme.entity_id 
_pdbx_nonpoly_scheme.mon_id 
_pdbx_nonpoly_scheme.ndb_seq_num 
_pdbx_nonpoly_scheme.pdb_seq_num 
_pdbx_nonpoly_scheme.auth_seq_num 
_pdbx_nonpoly_scheme.pdb_mon_id 
_pdbx_nonpoly_scheme.auth_mon_id 
_pdbx_nonpoly_scheme.pdb_strand_id 
_pdbx_nonpoly_scheme.pdb_ins_code 
B 2 ZN  1  1301 1301 ZN  ZN  A . 
C 2 ZN  1  1302 1302 ZN  ZN  A . 
D 2 ZN  1  1303 1303 ZN  ZN  A . 
E 3 ZUE 1  1304 1501 ZUE 135 A . 
F 4 HOH 1  1401 91   HOH HOH A . 
F 4 HOH 2  1402 56   HOH HOH A . 
F 4 HOH 3  1403 88   HOH HOH A . 
F 4 HOH 4  1404 90   HOH HOH A . 
F 4 HOH 5  1405 37   HOH HOH A . 
F 4 HOH 6  1406 92   HOH HOH A . 
F 4 HOH 7  1407 8    HOH HOH A . 
F 4 HOH 8  1408 35   HOH HOH A . 
F 4 HOH 9  1409 30   HOH HOH A . 
F 4 HOH 10 1410 46   HOH HOH A . 
F 4 HOH 11 1411 58   HOH HOH A . 
F 4 HOH 12 1412 7    HOH HOH A . 
F 4 HOH 13 1413 34   HOH HOH A . 
F 4 HOH 14 1414 27   HOH HOH A . 
F 4 HOH 15 1415 11   HOH HOH A . 
F 4 HOH 16 1416 31   HOH HOH A . 
F 4 HOH 17 1417 6    HOH HOH A . 
F 4 HOH 18 1418 2    HOH HOH A . 
F 4 HOH 19 1419 54   HOH HOH A . 
F 4 HOH 20 1420 4    HOH HOH A . 
F 4 HOH 21 1421 32   HOH HOH A . 
F 4 HOH 22 1422 42   HOH HOH A . 
F 4 HOH 23 1423 64   HOH HOH A . 
F 4 HOH 24 1424 93   HOH HOH A . 
F 4 HOH 25 1425 29   HOH HOH A . 
F 4 HOH 26 1426 41   HOH HOH A . 
F 4 HOH 27 1427 38   HOH HOH A . 
F 4 HOH 28 1428 14   HOH HOH A . 
F 4 HOH 29 1429 21   HOH HOH A . 
F 4 HOH 30 1430 16   HOH HOH A . 
F 4 HOH 31 1431 17   HOH HOH A . 
F 4 HOH 32 1432 10   HOH HOH A . 
F 4 HOH 33 1433 25   HOH HOH A . 
F 4 HOH 34 1434 1    HOH HOH A . 
F 4 HOH 35 1435 9    HOH HOH A . 
F 4 HOH 36 1436 57   HOH HOH A . 
F 4 HOH 37 1437 82   HOH HOH A . 
F 4 HOH 38 1438 79   HOH HOH A . 
F 4 HOH 39 1439 89   HOH HOH A . 
F 4 HOH 40 1440 87   HOH HOH A . 
F 4 HOH 41 1441 28   HOH HOH A . 
F 4 HOH 42 1442 47   HOH HOH A . 
F 4 HOH 43 1443 39   HOH HOH A . 
F 4 HOH 44 1444 20   HOH HOH A . 
F 4 HOH 45 1445 18   HOH HOH A . 
F 4 HOH 46 1446 12   HOH HOH A . 
F 4 HOH 47 1447 22   HOH HOH A . 
F 4 HOH 48 1448 24   HOH HOH A . 
F 4 HOH 49 1449 44   HOH HOH A . 
F 4 HOH 50 1450 48   HOH HOH A . 
F 4 HOH 51 1451 43   HOH HOH A . 
F 4 HOH 52 1452 26   HOH HOH A . 
F 4 HOH 53 1453 95   HOH HOH A . 
F 4 HOH 54 1454 86   HOH HOH A . 
F 4 HOH 55 1455 94   HOH HOH A . 
F 4 HOH 56 1456 15   HOH HOH A . 
# 
_pdbx_struct_assembly.id                   1 
_pdbx_struct_assembly.details              author_defined_assembly 
_pdbx_struct_assembly.method_details       ? 
_pdbx_struct_assembly.oligomeric_details   monomeric 
_pdbx_struct_assembly.oligomeric_count     1 
# 
_pdbx_struct_assembly_gen.assembly_id       1 
_pdbx_struct_assembly_gen.oper_expression   1 
_pdbx_struct_assembly_gen.asym_id_list      A,B,C,D,E,F 
# 
_pdbx_struct_oper_list.id                   1 
_pdbx_struct_oper_list.type                 'identity operation' 
_pdbx_struct_oper_list.name                 1_555 
_pdbx_struct_oper_list.symmetry_operation   x,y,z 
_pdbx_struct_oper_list.matrix[1][1]         1.0000000000 
_pdbx_struct_oper_list.matrix[1][2]         0.0000000000 
_pdbx_struct_oper_list.matrix[1][3]         0.0000000000 
_pdbx_struct_oper_list.vector[1]            0.0000000000 
_pdbx_struct_oper_list.matrix[2][1]         0.0000000000 
_pdbx_struct_oper_list.matrix[2][2]         1.0000000000 
_pdbx_struct_oper_list.matrix[2][3]         0.0000000000 
_pdbx_struct_oper_list.vector[2]            0.0000000000 
_pdbx_struct_oper_list.matrix[3][1]         0.0000000000 
_pdbx_struct_oper_list.matrix[3][2]         0.0000000000 
_pdbx_struct_oper_list.matrix[3][3]         1.0000000000 
_pdbx_struct_oper_list.vector[3]            0.0000000000 
# 
loop_
_pdbx_struct_conn_angle.id 
_pdbx_struct_conn_angle.ptnr1_label_atom_id 
_pdbx_struct_conn_angle.ptnr1_label_alt_id 
_pdbx_struct_conn_angle.ptnr1_label_asym_id 
_pdbx_struct_conn_angle.ptnr1_label_comp_id 
_pdbx_struct_conn_angle.ptnr1_label_seq_id 
_pdbx_struct_conn_angle.ptnr1_auth_atom_id 
_pdbx_struct_conn_angle.ptnr1_auth_asym_id 
_pdbx_struct_conn_angle.ptnr1_auth_comp_id 
_pdbx_struct_conn_angle.ptnr1_auth_seq_id 
_pdbx_struct_conn_angle.ptnr1_PDB_ins_code 
_pdbx_struct_conn_angle.ptnr1_symmetry 
_pdbx_struct_conn_angle.ptnr2_label_atom_id 
_pdbx_struct_conn_angle.ptnr2_label_alt_id 
_pdbx_struct_conn_angle.ptnr2_label_asym_id 
_pdbx_struct_conn_angle.ptnr2_label_comp_id 
_pdbx_struct_conn_angle.ptnr2_label_seq_id 
_pdbx_struct_conn_angle.ptnr2_auth_atom_id 
_pdbx_struct_conn_angle.ptnr2_auth_asym_id 
_pdbx_struct_conn_angle.ptnr2_auth_comp_id 
_pdbx_struct_conn_angle.ptnr2_auth_seq_id 
_pdbx_struct_conn_angle.ptnr2_PDB_ins_code 
_pdbx_struct_conn_angle.ptnr2_symmetry 
_pdbx_struct_conn_angle.ptnr3_label_atom_id 
_pdbx_struct_conn_angle.ptnr3_label_alt_id 
_pdbx_struct_conn_angle.ptnr3_label_asym_id 
_pdbx_struct_conn_angle.ptnr3_label_comp_id 
_pdbx_struct_conn_angle.ptnr3_label_seq_id 
_pdbx_struct_conn_angle.ptnr3_auth_atom_id 
_pdbx_struct_conn_angle.ptnr3_auth_asym_id 
_pdbx_struct_conn_angle.ptnr3_auth_comp_id 
_pdbx_struct_conn_angle.ptnr3_auth_seq_id 
_pdbx_struct_conn_angle.ptnr3_PDB_ins_code 
_pdbx_struct_conn_angle.ptnr3_symmetry 
_pdbx_struct_conn_angle.value 
_pdbx_struct_conn_angle.value_esd 
1  SG  ? A CYS 7  ? A CYS 1113 ? 1_555 ZN ? D ZN . ? A ZN 1303 ? 1_555 ND1 ? A HIS 9  ? A HIS 1115 ? 1_555 109.7 ? 
2  SG  ? A CYS 7  ? A CYS 1113 ? 1_555 ZN ? D ZN . ? A ZN 1303 ? 1_555 SG  ? A CYS 77 ? A CYS 1183 ? 1_555 116.8 ? 
3  ND1 ? A HIS 9  ? A HIS 1115 ? 1_555 ZN ? D ZN . ? A ZN 1303 ? 1_555 SG  ? A CYS 77 ? A CYS 1183 ? 1_555 98.1  ? 
4  SG  ? A CYS 7  ? A CYS 1113 ? 1_555 ZN ? D ZN . ? A ZN 1303 ? 1_555 SG  ? A CYS 80 ? A CYS 1186 ? 1_555 112.5 ? 
5  ND1 ? A HIS 9  ? A HIS 1115 ? 1_555 ZN ? D ZN . ? A ZN 1303 ? 1_555 SG  ? A CYS 80 ? A CYS 1186 ? 1_555 105.0 ? 
6  SG  ? A CYS 77 ? A CYS 1183 ? 1_555 ZN ? D ZN . ? A ZN 1303 ? 1_555 SG  ? A CYS 80 ? A CYS 1186 ? 1_555 113.1 ? 
7  SG  ? A CYS 27 ? A CYS 1133 ? 1_555 ZN ? C ZN . ? A ZN 1302 ? 1_555 SG  ? A CYS 30 ? A CYS 1136 ? 1_555 109.8 ? 
8  SG  ? A CYS 27 ? A CYS 1133 ? 1_555 ZN ? C ZN . ? A ZN 1302 ? 1_555 SG  ? A CYS 47 ? A CYS 1153 ? 1_555 113.0 ? 
9  SG  ? A CYS 30 ? A CYS 1136 ? 1_555 ZN ? C ZN . ? A ZN 1302 ? 1_555 SG  ? A CYS 47 ? A CYS 1153 ? 1_555 113.8 ? 
10 SG  ? A CYS 27 ? A CYS 1133 ? 1_555 ZN ? C ZN . ? A ZN 1302 ? 1_555 ND1 ? A HIS 54 ? A HIS 1160 ? 1_555 104.6 ? 
11 SG  ? A CYS 30 ? A CYS 1136 ? 1_555 ZN ? C ZN . ? A ZN 1302 ? 1_555 ND1 ? A HIS 54 ? A HIS 1160 ? 1_555 111.9 ? 
12 SG  ? A CYS 47 ? A CYS 1153 ? 1_555 ZN ? C ZN . ? A ZN 1302 ? 1_555 ND1 ? A HIS 54 ? A HIS 1160 ? 1_555 103.1 ? 
13 SG  ? A CYS 39 ? A CYS 1145 ? 1_555 ZN ? B ZN . ? A ZN 1301 ? 1_555 SG  ? A CYS 42 ? A CYS 1148 ? 1_555 115.2 ? 
14 SG  ? A CYS 39 ? A CYS 1145 ? 1_555 ZN ? B ZN . ? A ZN 1301 ? 1_555 NE2 ? A HIS 58 ? A HIS 1164 ? 1_555 115.4 ? 
15 SG  ? A CYS 42 ? A CYS 1148 ? 1_555 ZN ? B ZN . ? A ZN 1301 ? 1_555 NE2 ? A HIS 58 ? A HIS 1164 ? 1_555 100.4 ? 
16 SG  ? A CYS 39 ? A CYS 1145 ? 1_555 ZN ? B ZN . ? A ZN 1301 ? 1_555 ND1 ? A HIS 64 ? A HIS 1170 ? 1_555 110.3 ? 
17 SG  ? A CYS 42 ? A CYS 1148 ? 1_555 ZN ? B ZN . ? A ZN 1301 ? 1_555 ND1 ? A HIS 64 ? A HIS 1170 ? 1_555 104.4 ? 
18 NE2 ? A HIS 58 ? A HIS 1164 ? 1_555 ZN ? B ZN . ? A ZN 1301 ? 1_555 ND1 ? A HIS 64 ? A HIS 1170 ? 1_555 110.3 ? 
# 
loop_
_pdbx_audit_revision_history.ordinal 
_pdbx_audit_revision_history.data_content_type 
_pdbx_audit_revision_history.major_revision 
_pdbx_audit_revision_history.minor_revision 
_pdbx_audit_revision_history.revision_date 
1 'Structure model' 1 0 2023-05-03 
2 'Structure model' 1 1 2023-08-09 
3 'Structure model' 1 2 2023-08-16 
# 
_pdbx_audit_revision_details.ordinal             1 
_pdbx_audit_revision_details.revision_ordinal    1 
_pdbx_audit_revision_details.data_content_type   'Structure model' 
_pdbx_audit_revision_details.provider            repository 
_pdbx_audit_revision_details.type                'Initial release' 
_pdbx_audit_revision_details.description         ? 
_pdbx_audit_revision_details.details             ? 
# 
loop_
_pdbx_audit_revision_group.ordinal 
_pdbx_audit_revision_group.revision_ordinal 
_pdbx_audit_revision_group.data_content_type 
_pdbx_audit_revision_group.group 
1 2 'Structure model' 'Database references' 
2 3 'Structure model' 'Data collection'     
3 3 'Structure model' 'Database references' 
# 
loop_
_pdbx_audit_revision_category.ordinal 
_pdbx_audit_revision_category.revision_ordinal 
_pdbx_audit_revision_category.data_content_type 
_pdbx_audit_revision_category.category 
1 2 'Structure model' citation        
2 2 'Structure model' citation_author 
3 3 'Structure model' chem_comp_atom  
4 3 'Structure model' chem_comp_bond  
5 3 'Structure model' citation        
# 
loop_
_pdbx_audit_revision_item.ordinal 
_pdbx_audit_revision_item.revision_ordinal 
_pdbx_audit_revision_item.data_content_type 
_pdbx_audit_revision_item.item 
1  2 'Structure model' '_citation.country'                 
2  2 'Structure model' '_citation.journal_abbrev'          
3  2 'Structure model' '_citation.journal_id_ASTM'         
4  2 'Structure model' '_citation.journal_id_CSD'          
5  2 'Structure model' '_citation.journal_id_ISSN'         
6  2 'Structure model' '_citation.pdbx_database_id_DOI'    
7  2 'Structure model' '_citation.pdbx_database_id_PubMed' 
8  2 'Structure model' '_citation.title'                   
9  2 'Structure model' '_citation.year'                    
10 3 'Structure model' '_citation.journal_volume'          
11 3 'Structure model' '_citation.page_first'              
12 3 'Structure model' '_citation.page_last'               
# 
loop_
_software.citation_id 
_software.classification 
_software.compiler_name 
_software.compiler_version 
_software.contact_author 
_software.contact_author_email 
_software.date 
_software.description 
_software.dependencies 
_software.hardware 
_software.language 
_software.location 
_software.mods 
_software.name 
_software.os 
_software.os_version 
_software.type 
_software.version 
_software.pdbx_ordinal 
? refinement       ? ? ? ? ? ? ? ? ? ? ? REFMAC  ? ? ? 5.8.0267 1 
? 'data scaling'   ? ? ? ? ? ? ? ? ? ? ? Aimless ? ? ? .        2 
? 'data reduction' ? ? ? ? ? ? ? ? ? ? ? xia2    ? ? ? .        3 
# 
_pdbx_entry_details.entry_id                 8G45 
_pdbx_entry_details.nonpolymer_details       ? 
_pdbx_entry_details.sequence_details         ? 
_pdbx_entry_details.compound_details         ? 
_pdbx_entry_details.source_details           ? 
_pdbx_entry_details.has_ligand_of_interest   Y 
# 
_pdbx_validate_torsion.id              1 
_pdbx_validate_torsion.PDB_model_num   1 
_pdbx_validate_torsion.auth_comp_id    ILE 
_pdbx_validate_torsion.auth_asym_id    A 
_pdbx_validate_torsion.auth_seq_id     1157 
_pdbx_validate_torsion.PDB_ins_code    ? 
_pdbx_validate_torsion.label_alt_id    ? 
_pdbx_validate_torsion.phi             -98.36 
_pdbx_validate_torsion.psi             -98.55 
# 
loop_
_pdbx_unobs_or_zero_occ_atoms.id 
_pdbx_unobs_or_zero_occ_atoms.PDB_model_num 
_pdbx_unobs_or_zero_occ_atoms.polymer_flag 
_pdbx_unobs_or_zero_occ_atoms.occupancy_flag 
_pdbx_unobs_or_zero_occ_atoms.auth_asym_id 
_pdbx_unobs_or_zero_occ_atoms.auth_comp_id 
_pdbx_unobs_or_zero_occ_atoms.auth_seq_id 
_pdbx_unobs_or_zero_occ_atoms.PDB_ins_code 
_pdbx_unobs_or_zero_occ_atoms.auth_atom_id 
_pdbx_unobs_or_zero_occ_atoms.label_alt_id 
_pdbx_unobs_or_zero_occ_atoms.label_asym_id 
_pdbx_unobs_or_zero_occ_atoms.label_comp_id 
_pdbx_unobs_or_zero_occ_atoms.label_seq_id 
_pdbx_unobs_or_zero_occ_atoms.label_atom_id 
1 1 Y 1 A GLN 1193 ? CG  ? A GLN 87 CG  
2 1 Y 1 A GLN 1193 ? CD  ? A GLN 87 CD  
3 1 Y 1 A GLN 1193 ? OE1 ? A GLN 87 OE1 
4 1 Y 1 A GLN 1193 ? NE2 ? A GLN 87 NE2 
5 1 Y 1 A ASP 1197 ? CG  ? A ASP 91 CG  
6 1 Y 1 A ASP 1197 ? OD1 ? A ASP 91 OD1 
7 1 Y 1 A ASP 1197 ? OD2 ? A ASP 91 OD2 
# 
loop_
_pdbx_unobs_or_zero_occ_residues.id 
_pdbx_unobs_or_zero_occ_residues.PDB_model_num 
_pdbx_unobs_or_zero_occ_residues.polymer_flag 
_pdbx_unobs_or_zero_occ_residues.occupancy_flag 
_pdbx_unobs_or_zero_occ_residues.auth_asym_id 
_pdbx_unobs_or_zero_occ_residues.auth_comp_id 
_pdbx_unobs_or_zero_occ_residues.auth_seq_id 
_pdbx_unobs_or_zero_occ_residues.PDB_ins_code 
_pdbx_unobs_or_zero_occ_residues.label_asym_id 
_pdbx_unobs_or_zero_occ_residues.label_comp_id 
_pdbx_unobs_or_zero_occ_residues.label_seq_id 
1 1 Y 1 A GLY 1107 ? A GLY 1   
2 1 Y 1 A SER 1108 ? A SER 2   
3 1 Y 1 A GLY 1208 ? A GLY 102 
4 1 Y 1 A GLU 1209 ? A GLU 103 
5 1 Y 1 A ASP 1210 ? A ASP 104 
6 1 Y 1 A MET 1211 ? A MET 105 
7 1 Y 1 A PRO 1212 ? A PRO 106 
8 1 Y 1 A HIS 1213 ? A HIS 107 
# 
loop_
_chem_comp_atom.comp_id 
_chem_comp_atom.atom_id 
_chem_comp_atom.type_symbol 
_chem_comp_atom.pdbx_aromatic_flag 
_chem_comp_atom.pdbx_stereo_config 
_chem_comp_atom.pdbx_ordinal 
ALA N    N  N N 1   
ALA CA   C  N S 2   
ALA C    C  N N 3   
ALA O    O  N N 4   
ALA CB   C  N N 5   
ALA OXT  O  N N 6   
ALA H    H  N N 7   
ALA H2   H  N N 8   
ALA HA   H  N N 9   
ALA HB1  H  N N 10  
ALA HB2  H  N N 11  
ALA HB3  H  N N 12  
ALA HXT  H  N N 13  
ARG N    N  N N 14  
ARG CA   C  N S 15  
ARG C    C  N N 16  
ARG O    O  N N 17  
ARG CB   C  N N 18  
ARG CG   C  N N 19  
ARG CD   C  N N 20  
ARG NE   N  N N 21  
ARG CZ   C  N N 22  
ARG NH1  N  N N 23  
ARG NH2  N  N N 24  
ARG OXT  O  N N 25  
ARG H    H  N N 26  
ARG H2   H  N N 27  
ARG HA   H  N N 28  
ARG HB2  H  N N 29  
ARG HB3  H  N N 30  
ARG HG2  H  N N 31  
ARG HG3  H  N N 32  
ARG HD2  H  N N 33  
ARG HD3  H  N N 34  
ARG HE   H  N N 35  
ARG HH11 H  N N 36  
ARG HH12 H  N N 37  
ARG HH21 H  N N 38  
ARG HH22 H  N N 39  
ARG HXT  H  N N 40  
ASN N    N  N N 41  
ASN CA   C  N S 42  
ASN C    C  N N 43  
ASN O    O  N N 44  
ASN CB   C  N N 45  
ASN CG   C  N N 46  
ASN OD1  O  N N 47  
ASN ND2  N  N N 48  
ASN OXT  O  N N 49  
ASN H    H  N N 50  
ASN H2   H  N N 51  
ASN HA   H  N N 52  
ASN HB2  H  N N 53  
ASN HB3  H  N N 54  
ASN HD21 H  N N 55  
ASN HD22 H  N N 56  
ASN HXT  H  N N 57  
ASP N    N  N N 58  
ASP CA   C  N S 59  
ASP C    C  N N 60  
ASP O    O  N N 61  
ASP CB   C  N N 62  
ASP CG   C  N N 63  
ASP OD1  O  N N 64  
ASP OD2  O  N N 65  
ASP OXT  O  N N 66  
ASP H    H  N N 67  
ASP H2   H  N N 68  
ASP HA   H  N N 69  
ASP HB2  H  N N 70  
ASP HB3  H  N N 71  
ASP HD2  H  N N 72  
ASP HXT  H  N N 73  
CYS N    N  N N 74  
CYS CA   C  N R 75  
CYS C    C  N N 76  
CYS O    O  N N 77  
CYS CB   C  N N 78  
CYS SG   S  N N 79  
CYS OXT  O  N N 80  
CYS H    H  N N 81  
CYS H2   H  N N 82  
CYS HA   H  N N 83  
CYS HB2  H  N N 84  
CYS HB3  H  N N 85  
CYS HG   H  N N 86  
CYS HXT  H  N N 87  
GLN N    N  N N 88  
GLN CA   C  N S 89  
GLN C    C  N N 90  
GLN O    O  N N 91  
GLN CB   C  N N 92  
GLN CG   C  N N 93  
GLN CD   C  N N 94  
GLN OE1  O  N N 95  
GLN NE2  N  N N 96  
GLN OXT  O  N N 97  
GLN H    H  N N 98  
GLN H2   H  N N 99  
GLN HA   H  N N 100 
GLN HB2  H  N N 101 
GLN HB3  H  N N 102 
GLN HG2  H  N N 103 
GLN HG3  H  N N 104 
GLN HE21 H  N N 105 
GLN HE22 H  N N 106 
GLN HXT  H  N N 107 
GLU N    N  N N 108 
GLU CA   C  N S 109 
GLU C    C  N N 110 
GLU O    O  N N 111 
GLU CB   C  N N 112 
GLU CG   C  N N 113 
GLU CD   C  N N 114 
GLU OE1  O  N N 115 
GLU OE2  O  N N 116 
GLU OXT  O  N N 117 
GLU H    H  N N 118 
GLU H2   H  N N 119 
GLU HA   H  N N 120 
GLU HB2  H  N N 121 
GLU HB3  H  N N 122 
GLU HG2  H  N N 123 
GLU HG3  H  N N 124 
GLU HE2  H  N N 125 
GLU HXT  H  N N 126 
GLY N    N  N N 127 
GLY CA   C  N N 128 
GLY C    C  N N 129 
GLY O    O  N N 130 
GLY OXT  O  N N 131 
GLY H    H  N N 132 
GLY H2   H  N N 133 
GLY HA2  H  N N 134 
GLY HA3  H  N N 135 
GLY HXT  H  N N 136 
HIS N    N  N N 137 
HIS CA   C  N S 138 
HIS C    C  N N 139 
HIS O    O  N N 140 
HIS CB   C  N N 141 
HIS CG   C  Y N 142 
HIS ND1  N  Y N 143 
HIS CD2  C  Y N 144 
HIS CE1  C  Y N 145 
HIS NE2  N  Y N 146 
HIS OXT  O  N N 147 
HIS H    H  N N 148 
HIS H2   H  N N 149 
HIS HA   H  N N 150 
HIS HB2  H  N N 151 
HIS HB3  H  N N 152 
HIS HD1  H  N N 153 
HIS HD2  H  N N 154 
HIS HE1  H  N N 155 
HIS HE2  H  N N 156 
HIS HXT  H  N N 157 
HOH O    O  N N 158 
HOH H1   H  N N 159 
HOH H2   H  N N 160 
ILE N    N  N N 161 
ILE CA   C  N S 162 
ILE C    C  N N 163 
ILE O    O  N N 164 
ILE CB   C  N S 165 
ILE CG1  C  N N 166 
ILE CG2  C  N N 167 
ILE CD1  C  N N 168 
ILE OXT  O  N N 169 
ILE H    H  N N 170 
ILE H2   H  N N 171 
ILE HA   H  N N 172 
ILE HB   H  N N 173 
ILE HG12 H  N N 174 
ILE HG13 H  N N 175 
ILE HG21 H  N N 176 
ILE HG22 H  N N 177 
ILE HG23 H  N N 178 
ILE HD11 H  N N 179 
ILE HD12 H  N N 180 
ILE HD13 H  N N 181 
ILE HXT  H  N N 182 
LEU N    N  N N 183 
LEU CA   C  N S 184 
LEU C    C  N N 185 
LEU O    O  N N 186 
LEU CB   C  N N 187 
LEU CG   C  N N 188 
LEU CD1  C  N N 189 
LEU CD2  C  N N 190 
LEU OXT  O  N N 191 
LEU H    H  N N 192 
LEU H2   H  N N 193 
LEU HA   H  N N 194 
LEU HB2  H  N N 195 
LEU HB3  H  N N 196 
LEU HG   H  N N 197 
LEU HD11 H  N N 198 
LEU HD12 H  N N 199 
LEU HD13 H  N N 200 
LEU HD21 H  N N 201 
LEU HD22 H  N N 202 
LEU HD23 H  N N 203 
LEU HXT  H  N N 204 
LYS N    N  N N 205 
LYS CA   C  N S 206 
LYS C    C  N N 207 
LYS O    O  N N 208 
LYS CB   C  N N 209 
LYS CG   C  N N 210 
LYS CD   C  N N 211 
LYS CE   C  N N 212 
LYS NZ   N  N N 213 
LYS OXT  O  N N 214 
LYS H    H  N N 215 
LYS H2   H  N N 216 
LYS HA   H  N N 217 
LYS HB2  H  N N 218 
LYS HB3  H  N N 219 
LYS HG2  H  N N 220 
LYS HG3  H  N N 221 
LYS HD2  H  N N 222 
LYS HD3  H  N N 223 
LYS HE2  H  N N 224 
LYS HE3  H  N N 225 
LYS HZ1  H  N N 226 
LYS HZ2  H  N N 227 
LYS HZ3  H  N N 228 
LYS HXT  H  N N 229 
MET N    N  N N 230 
MET CA   C  N S 231 
MET C    C  N N 232 
MET O    O  N N 233 
MET CB   C  N N 234 
MET CG   C  N N 235 
MET SD   S  N N 236 
MET CE   C  N N 237 
MET OXT  O  N N 238 
MET H    H  N N 239 
MET H2   H  N N 240 
MET HA   H  N N 241 
MET HB2  H  N N 242 
MET HB3  H  N N 243 
MET HG2  H  N N 244 
MET HG3  H  N N 245 
MET HE1  H  N N 246 
MET HE2  H  N N 247 
MET HE3  H  N N 248 
MET HXT  H  N N 249 
PHE N    N  N N 250 
PHE CA   C  N S 251 
PHE C    C  N N 252 
PHE O    O  N N 253 
PHE CB   C  N N 254 
PHE CG   C  Y N 255 
PHE CD1  C  Y N 256 
PHE CD2  C  Y N 257 
PHE CE1  C  Y N 258 
PHE CE2  C  Y N 259 
PHE CZ   C  Y N 260 
PHE OXT  O  N N 261 
PHE H    H  N N 262 
PHE H2   H  N N 263 
PHE HA   H  N N 264 
PHE HB2  H  N N 265 
PHE HB3  H  N N 266 
PHE HD1  H  N N 267 
PHE HD2  H  N N 268 
PHE HE1  H  N N 269 
PHE HE2  H  N N 270 
PHE HZ   H  N N 271 
PHE HXT  H  N N 272 
PRO N    N  N N 273 
PRO CA   C  N S 274 
PRO C    C  N N 275 
PRO O    O  N N 276 
PRO CB   C  N N 277 
PRO CG   C  N N 278 
PRO CD   C  N N 279 
PRO OXT  O  N N 280 
PRO H    H  N N 281 
PRO HA   H  N N 282 
PRO HB2  H  N N 283 
PRO HB3  H  N N 284 
PRO HG2  H  N N 285 
PRO HG3  H  N N 286 
PRO HD2  H  N N 287 
PRO HD3  H  N N 288 
PRO HXT  H  N N 289 
SER N    N  N N 290 
SER CA   C  N S 291 
SER C    C  N N 292 
SER O    O  N N 293 
SER CB   C  N N 294 
SER OG   O  N N 295 
SER OXT  O  N N 296 
SER H    H  N N 297 
SER H2   H  N N 298 
SER HA   H  N N 299 
SER HB2  H  N N 300 
SER HB3  H  N N 301 
SER HG   H  N N 302 
SER HXT  H  N N 303 
THR N    N  N N 304 
THR CA   C  N S 305 
THR C    C  N N 306 
THR O    O  N N 307 
THR CB   C  N R 308 
THR OG1  O  N N 309 
THR CG2  C  N N 310 
THR OXT  O  N N 311 
THR H    H  N N 312 
THR H2   H  N N 313 
THR HA   H  N N 314 
THR HB   H  N N 315 
THR HG1  H  N N 316 
THR HG21 H  N N 317 
THR HG22 H  N N 318 
THR HG23 H  N N 319 
THR HXT  H  N N 320 
TRP N    N  N N 321 
TRP CA   C  N S 322 
TRP C    C  N N 323 
TRP O    O  N N 324 
TRP CB   C  N N 325 
TRP CG   C  Y N 326 
TRP CD1  C  Y N 327 
TRP CD2  C  Y N 328 
TRP NE1  N  Y N 329 
TRP CE2  C  Y N 330 
TRP CE3  C  Y N 331 
TRP CZ2  C  Y N 332 
TRP CZ3  C  Y N 333 
TRP CH2  C  Y N 334 
TRP OXT  O  N N 335 
TRP H    H  N N 336 
TRP H2   H  N N 337 
TRP HA   H  N N 338 
TRP HB2  H  N N 339 
TRP HB3  H  N N 340 
TRP HD1  H  N N 341 
TRP HE1  H  N N 342 
TRP HE3  H  N N 343 
TRP HZ2  H  N N 344 
TRP HZ3  H  N N 345 
TRP HH2  H  N N 346 
TRP HXT  H  N N 347 
TYR N    N  N N 348 
TYR CA   C  N S 349 
TYR C    C  N N 350 
TYR O    O  N N 351 
TYR CB   C  N N 352 
TYR CG   C  Y N 353 
TYR CD1  C  Y N 354 
TYR CD2  C  Y N 355 
TYR CE1  C  Y N 356 
TYR CE2  C  Y N 357 
TYR CZ   C  Y N 358 
TYR OH   O  N N 359 
TYR OXT  O  N N 360 
TYR H    H  N N 361 
TYR H2   H  N N 362 
TYR HA   H  N N 363 
TYR HB2  H  N N 364 
TYR HB3  H  N N 365 
TYR HD1  H  N N 366 
TYR HD2  H  N N 367 
TYR HE1  H  N N 368 
TYR HE2  H  N N 369 
TYR HH   H  N N 370 
TYR HXT  H  N N 371 
VAL N    N  N N 372 
VAL CA   C  N S 373 
VAL C    C  N N 374 
VAL O    O  N N 375 
VAL CB   C  N N 376 
VAL CG1  C  N N 377 
VAL CG2  C  N N 378 
VAL OXT  O  N N 379 
VAL H    H  N N 380 
VAL H2   H  N N 381 
VAL HA   H  N N 382 
VAL HB   H  N N 383 
VAL HG11 H  N N 384 
VAL HG12 H  N N 385 
VAL HG13 H  N N 386 
VAL HG21 H  N N 387 
VAL HG22 H  N N 388 
VAL HG23 H  N N 389 
VAL HXT  H  N N 390 
ZN  ZN   ZN N N 391 
ZUE C1   C  Y N 392 
ZUE C2   C  Y N 393 
ZUE C3   C  Y N 394 
ZUE C4   C  Y N 395 
ZUE C5   C  Y N 396 
ZUE C6   C  Y N 397 
ZUE C7   C  N N 398 
ZUE N1   N  N N 399 
ZUE N2   N  N N 400 
ZUE C8   C  N N 401 
ZUE C9   C  N N 402 
ZUE C10  C  N N 403 
ZUE C11  C  N N 404 
ZUE C12  C  N N 405 
ZUE C13  C  N N 406 
ZUE C14  C  Y N 407 
ZUE O4   O  N N 408 
ZUE N    N  N N 409 
ZUE O    O  N N 410 
ZUE C    C  N N 411 
ZUE C20  C  N N 412 
ZUE O3   O  N N 413 
ZUE C15  C  Y N 414 
ZUE C16  C  Y N 415 
ZUE C17  C  Y N 416 
ZUE C18  C  Y N 417 
ZUE C19  C  Y N 418 
ZUE CL   CL N N 419 
ZUE O2   O  N N 420 
ZUE O1   O  N N 421 
ZUE H1   H  N N 422 
ZUE H2   H  N N 423 
ZUE H3   H  N N 424 
ZUE H4   H  N N 425 
ZUE H5   H  N N 426 
ZUE H6   H  N N 427 
ZUE H7   H  N N 428 
ZUE H8   H  N N 429 
ZUE H9   H  N N 430 
ZUE H10  H  N N 431 
ZUE H11  H  N N 432 
ZUE H12  H  N N 433 
ZUE H13  H  N N 434 
ZUE H14  H  N N 435 
ZUE H15  H  N N 436 
ZUE H16  H  N N 437 
ZUE H17  H  N N 438 
ZUE H18  H  N N 439 
ZUE H19  H  N N 440 
ZUE H20  H  N N 441 
# 
loop_
_chem_comp_bond.comp_id 
_chem_comp_bond.atom_id_1 
_chem_comp_bond.atom_id_2 
_chem_comp_bond.value_order 
_chem_comp_bond.pdbx_aromatic_flag 
_chem_comp_bond.pdbx_stereo_config 
_chem_comp_bond.pdbx_ordinal 
ALA N   CA   sing N N 1   
ALA N   H    sing N N 2   
ALA N   H2   sing N N 3   
ALA CA  C    sing N N 4   
ALA CA  CB   sing N N 5   
ALA CA  HA   sing N N 6   
ALA C   O    doub N N 7   
ALA C   OXT  sing N N 8   
ALA CB  HB1  sing N N 9   
ALA CB  HB2  sing N N 10  
ALA CB  HB3  sing N N 11  
ALA OXT HXT  sing N N 12  
ARG N   CA   sing N N 13  
ARG N   H    sing N N 14  
ARG N   H2   sing N N 15  
ARG CA  C    sing N N 16  
ARG CA  CB   sing N N 17  
ARG CA  HA   sing N N 18  
ARG C   O    doub N N 19  
ARG C   OXT  sing N N 20  
ARG CB  CG   sing N N 21  
ARG CB  HB2  sing N N 22  
ARG CB  HB3  sing N N 23  
ARG CG  CD   sing N N 24  
ARG CG  HG2  sing N N 25  
ARG CG  HG3  sing N N 26  
ARG CD  NE   sing N N 27  
ARG CD  HD2  sing N N 28  
ARG CD  HD3  sing N N 29  
ARG NE  CZ   sing N N 30  
ARG NE  HE   sing N N 31  
ARG CZ  NH1  sing N N 32  
ARG CZ  NH2  doub N N 33  
ARG NH1 HH11 sing N N 34  
ARG NH1 HH12 sing N N 35  
ARG NH2 HH21 sing N N 36  
ARG NH2 HH22 sing N N 37  
ARG OXT HXT  sing N N 38  
ASN N   CA   sing N N 39  
ASN N   H    sing N N 40  
ASN N   H2   sing N N 41  
ASN CA  C    sing N N 42  
ASN CA  CB   sing N N 43  
ASN CA  HA   sing N N 44  
ASN C   O    doub N N 45  
ASN C   OXT  sing N N 46  
ASN CB  CG   sing N N 47  
ASN CB  HB2  sing N N 48  
ASN CB  HB3  sing N N 49  
ASN CG  OD1  doub N N 50  
ASN CG  ND2  sing N N 51  
ASN ND2 HD21 sing N N 52  
ASN ND2 HD22 sing N N 53  
ASN OXT HXT  sing N N 54  
ASP N   CA   sing N N 55  
ASP N   H    sing N N 56  
ASP N   H2   sing N N 57  
ASP CA  C    sing N N 58  
ASP CA  CB   sing N N 59  
ASP CA  HA   sing N N 60  
ASP C   O    doub N N 61  
ASP C   OXT  sing N N 62  
ASP CB  CG   sing N N 63  
ASP CB  HB2  sing N N 64  
ASP CB  HB3  sing N N 65  
ASP CG  OD1  doub N N 66  
ASP CG  OD2  sing N N 67  
ASP OD2 HD2  sing N N 68  
ASP OXT HXT  sing N N 69  
CYS N   CA   sing N N 70  
CYS N   H    sing N N 71  
CYS N   H2   sing N N 72  
CYS CA  C    sing N N 73  
CYS CA  CB   sing N N 74  
CYS CA  HA   sing N N 75  
CYS C   O    doub N N 76  
CYS C   OXT  sing N N 77  
CYS CB  SG   sing N N 78  
CYS CB  HB2  sing N N 79  
CYS CB  HB3  sing N N 80  
CYS SG  HG   sing N N 81  
CYS OXT HXT  sing N N 82  
GLN N   CA   sing N N 83  
GLN N   H    sing N N 84  
GLN N   H2   sing N N 85  
GLN CA  C    sing N N 86  
GLN CA  CB   sing N N 87  
GLN CA  HA   sing N N 88  
GLN C   O    doub N N 89  
GLN C   OXT  sing N N 90  
GLN CB  CG   sing N N 91  
GLN CB  HB2  sing N N 92  
GLN CB  HB3  sing N N 93  
GLN CG  CD   sing N N 94  
GLN CG  HG2  sing N N 95  
GLN CG  HG3  sing N N 96  
GLN CD  OE1  doub N N 97  
GLN CD  NE2  sing N N 98  
GLN NE2 HE21 sing N N 99  
GLN NE2 HE22 sing N N 100 
GLN OXT HXT  sing N N 101 
GLU N   CA   sing N N 102 
GLU N   H    sing N N 103 
GLU N   H2   sing N N 104 
GLU CA  C    sing N N 105 
GLU CA  CB   sing N N 106 
GLU CA  HA   sing N N 107 
GLU C   O    doub N N 108 
GLU C   OXT  sing N N 109 
GLU CB  CG   sing N N 110 
GLU CB  HB2  sing N N 111 
GLU CB  HB3  sing N N 112 
GLU CG  CD   sing N N 113 
GLU CG  HG2  sing N N 114 
GLU CG  HG3  sing N N 115 
GLU CD  OE1  doub N N 116 
GLU CD  OE2  sing N N 117 
GLU OE2 HE2  sing N N 118 
GLU OXT HXT  sing N N 119 
GLY N   CA   sing N N 120 
GLY N   H    sing N N 121 
GLY N   H2   sing N N 122 
GLY CA  C    sing N N 123 
GLY CA  HA2  sing N N 124 
GLY CA  HA3  sing N N 125 
GLY C   O    doub N N 126 
GLY C   OXT  sing N N 127 
GLY OXT HXT  sing N N 128 
HIS N   CA   sing N N 129 
HIS N   H    sing N N 130 
HIS N   H2   sing N N 131 
HIS CA  C    sing N N 132 
HIS CA  CB   sing N N 133 
HIS CA  HA   sing N N 134 
HIS C   O    doub N N 135 
HIS C   OXT  sing N N 136 
HIS CB  CG   sing N N 137 
HIS CB  HB2  sing N N 138 
HIS CB  HB3  sing N N 139 
HIS CG  ND1  sing Y N 140 
HIS CG  CD2  doub Y N 141 
HIS ND1 CE1  doub Y N 142 
HIS ND1 HD1  sing N N 143 
HIS CD2 NE2  sing Y N 144 
HIS CD2 HD2  sing N N 145 
HIS CE1 NE2  sing Y N 146 
HIS CE1 HE1  sing N N 147 
HIS NE2 HE2  sing N N 148 
HIS OXT HXT  sing N N 149 
HOH O   H1   sing N N 150 
HOH O   H2   sing N N 151 
ILE N   CA   sing N N 152 
ILE N   H    sing N N 153 
ILE N   H2   sing N N 154 
ILE CA  C    sing N N 155 
ILE CA  CB   sing N N 156 
ILE CA  HA   sing N N 157 
ILE C   O    doub N N 158 
ILE C   OXT  sing N N 159 
ILE CB  CG1  sing N N 160 
ILE CB  CG2  sing N N 161 
ILE CB  HB   sing N N 162 
ILE CG1 CD1  sing N N 163 
ILE CG1 HG12 sing N N 164 
ILE CG1 HG13 sing N N 165 
ILE CG2 HG21 sing N N 166 
ILE CG2 HG22 sing N N 167 
ILE CG2 HG23 sing N N 168 
ILE CD1 HD11 sing N N 169 
ILE CD1 HD12 sing N N 170 
ILE CD1 HD13 sing N N 171 
ILE OXT HXT  sing N N 172 
LEU N   CA   sing N N 173 
LEU N   H    sing N N 174 
LEU N   H2   sing N N 175 
LEU CA  C    sing N N 176 
LEU CA  CB   sing N N 177 
LEU CA  HA   sing N N 178 
LEU C   O    doub N N 179 
LEU C   OXT  sing N N 180 
LEU CB  CG   sing N N 181 
LEU CB  HB2  sing N N 182 
LEU CB  HB3  sing N N 183 
LEU CG  CD1  sing N N 184 
LEU CG  CD2  sing N N 185 
LEU CG  HG   sing N N 186 
LEU CD1 HD11 sing N N 187 
LEU CD1 HD12 sing N N 188 
LEU CD1 HD13 sing N N 189 
LEU CD2 HD21 sing N N 190 
LEU CD2 HD22 sing N N 191 
LEU CD2 HD23 sing N N 192 
LEU OXT HXT  sing N N 193 
LYS N   CA   sing N N 194 
LYS N   H    sing N N 195 
LYS N   H2   sing N N 196 
LYS CA  C    sing N N 197 
LYS CA  CB   sing N N 198 
LYS CA  HA   sing N N 199 
LYS C   O    doub N N 200 
LYS C   OXT  sing N N 201 
LYS CB  CG   sing N N 202 
LYS CB  HB2  sing N N 203 
LYS CB  HB3  sing N N 204 
LYS CG  CD   sing N N 205 
LYS CG  HG2  sing N N 206 
LYS CG  HG3  sing N N 207 
LYS CD  CE   sing N N 208 
LYS CD  HD2  sing N N 209 
LYS CD  HD3  sing N N 210 
LYS CE  NZ   sing N N 211 
LYS CE  HE2  sing N N 212 
LYS CE  HE3  sing N N 213 
LYS NZ  HZ1  sing N N 214 
LYS NZ  HZ2  sing N N 215 
LYS NZ  HZ3  sing N N 216 
LYS OXT HXT  sing N N 217 
MET N   CA   sing N N 218 
MET N   H    sing N N 219 
MET N   H2   sing N N 220 
MET CA  C    sing N N 221 
MET CA  CB   sing N N 222 
MET CA  HA   sing N N 223 
MET C   O    doub N N 224 
MET C   OXT  sing N N 225 
MET CB  CG   sing N N 226 
MET CB  HB2  sing N N 227 
MET CB  HB3  sing N N 228 
MET CG  SD   sing N N 229 
MET CG  HG2  sing N N 230 
MET CG  HG3  sing N N 231 
MET SD  CE   sing N N 232 
MET CE  HE1  sing N N 233 
MET CE  HE2  sing N N 234 
MET CE  HE3  sing N N 235 
MET OXT HXT  sing N N 236 
PHE N   CA   sing N N 237 
PHE N   H    sing N N 238 
PHE N   H2   sing N N 239 
PHE CA  C    sing N N 240 
PHE CA  CB   sing N N 241 
PHE CA  HA   sing N N 242 
PHE C   O    doub N N 243 
PHE C   OXT  sing N N 244 
PHE CB  CG   sing N N 245 
PHE CB  HB2  sing N N 246 
PHE CB  HB3  sing N N 247 
PHE CG  CD1  doub Y N 248 
PHE CG  CD2  sing Y N 249 
PHE CD1 CE1  sing Y N 250 
PHE CD1 HD1  sing N N 251 
PHE CD2 CE2  doub Y N 252 
PHE CD2 HD2  sing N N 253 
PHE CE1 CZ   doub Y N 254 
PHE CE1 HE1  sing N N 255 
PHE CE2 CZ   sing Y N 256 
PHE CE2 HE2  sing N N 257 
PHE CZ  HZ   sing N N 258 
PHE OXT HXT  sing N N 259 
PRO N   CA   sing N N 260 
PRO N   CD   sing N N 261 
PRO N   H    sing N N 262 
PRO CA  C    sing N N 263 
PRO CA  CB   sing N N 264 
PRO CA  HA   sing N N 265 
PRO C   O    doub N N 266 
PRO C   OXT  sing N N 267 
PRO CB  CG   sing N N 268 
PRO CB  HB2  sing N N 269 
PRO CB  HB3  sing N N 270 
PRO CG  CD   sing N N 271 
PRO CG  HG2  sing N N 272 
PRO CG  HG3  sing N N 273 
PRO CD  HD2  sing N N 274 
PRO CD  HD3  sing N N 275 
PRO OXT HXT  sing N N 276 
SER N   CA   sing N N 277 
SER N   H    sing N N 278 
SER N   H2   sing N N 279 
SER CA  C    sing N N 280 
SER CA  CB   sing N N 281 
SER CA  HA   sing N N 282 
SER C   O    doub N N 283 
SER C   OXT  sing N N 284 
SER CB  OG   sing N N 285 
SER CB  HB2  sing N N 286 
SER CB  HB3  sing N N 287 
SER OG  HG   sing N N 288 
SER OXT HXT  sing N N 289 
THR N   CA   sing N N 290 
THR N   H    sing N N 291 
THR N   H2   sing N N 292 
THR CA  C    sing N N 293 
THR CA  CB   sing N N 294 
THR CA  HA   sing N N 295 
THR C   O    doub N N 296 
THR C   OXT  sing N N 297 
THR CB  OG1  sing N N 298 
THR CB  CG2  sing N N 299 
THR CB  HB   sing N N 300 
THR OG1 HG1  sing N N 301 
THR CG2 HG21 sing N N 302 
THR CG2 HG22 sing N N 303 
THR CG2 HG23 sing N N 304 
THR OXT HXT  sing N N 305 
TRP N   CA   sing N N 306 
TRP N   H    sing N N 307 
TRP N   H2   sing N N 308 
TRP CA  C    sing N N 309 
TRP CA  CB   sing N N 310 
TRP CA  HA   sing N N 311 
TRP C   O    doub N N 312 
TRP C   OXT  sing N N 313 
TRP CB  CG   sing N N 314 
TRP CB  HB2  sing N N 315 
TRP CB  HB3  sing N N 316 
TRP CG  CD1  doub Y N 317 
TRP CG  CD2  sing Y N 318 
TRP CD1 NE1  sing Y N 319 
TRP CD1 HD1  sing N N 320 
TRP CD2 CE2  doub Y N 321 
TRP CD2 CE3  sing Y N 322 
TRP NE1 CE2  sing Y N 323 
TRP NE1 HE1  sing N N 324 
TRP CE2 CZ2  sing Y N 325 
TRP CE3 CZ3  doub Y N 326 
TRP CE3 HE3  sing N N 327 
TRP CZ2 CH2  doub Y N 328 
TRP CZ2 HZ2  sing N N 329 
TRP CZ3 CH2  sing Y N 330 
TRP CZ3 HZ3  sing N N 331 
TRP CH2 HH2  sing N N 332 
TRP OXT HXT  sing N N 333 
TYR N   CA   sing N N 334 
TYR N   H    sing N N 335 
TYR N   H2   sing N N 336 
TYR CA  C    sing N N 337 
TYR CA  CB   sing N N 338 
TYR CA  HA   sing N N 339 
TYR C   O    doub N N 340 
TYR C   OXT  sing N N 341 
TYR CB  CG   sing N N 342 
TYR CB  HB2  sing N N 343 
TYR CB  HB3  sing N N 344 
TYR CG  CD1  doub Y N 345 
TYR CG  CD2  sing Y N 346 
TYR CD1 CE1  sing Y N 347 
TYR CD1 HD1  sing N N 348 
TYR CD2 CE2  doub Y N 349 
TYR CD2 HD2  sing N N 350 
TYR CE1 CZ   doub Y N 351 
TYR CE1 HE1  sing N N 352 
TYR CE2 CZ   sing Y N 353 
TYR CE2 HE2  sing N N 354 
TYR CZ  OH   sing N N 355 
TYR OH  HH   sing N N 356 
TYR OXT HXT  sing N N 357 
VAL N   CA   sing N N 358 
VAL N   H    sing N N 359 
VAL N   H2   sing N N 360 
VAL CA  C    sing N N 361 
VAL CA  CB   sing N N 362 
VAL CA  HA   sing N N 363 
VAL C   O    doub N N 364 
VAL C   OXT  sing N N 365 
VAL CB  CG1  sing N N 366 
VAL CB  CG2  sing N N 367 
VAL CB  HB   sing N N 368 
VAL CG1 HG11 sing N N 369 
VAL CG1 HG12 sing N N 370 
VAL CG1 HG13 sing N N 371 
VAL CG2 HG21 sing N N 372 
VAL CG2 HG22 sing N N 373 
VAL CG2 HG23 sing N N 374 
VAL OXT HXT  sing N N 375 
ZUE CL  C19  sing N N 376 
ZUE C18 C17  doub Y N 377 
ZUE C18 C19  sing Y N 378 
ZUE C17 C16  sing Y N 379 
ZUE C19 C14  doub Y N 380 
ZUE C16 C15  doub Y N 381 
ZUE C14 C15  sing Y N 382 
ZUE C14 N2   sing N N 383 
ZUE C15 C20  sing N N 384 
ZUE N2  C10  doub N N 385 
ZUE O1  C13  doub N N 386 
ZUE C10 N1   sing N N 387 
ZUE C10 C11  sing N N 388 
ZUE C20 N1   sing N N 389 
ZUE C20 O3   doub N N 390 
ZUE C12 C13  sing N N 391 
ZUE C12 C11  sing N N 392 
ZUE C13 O2   sing N N 393 
ZUE N1  C9   sing N N 394 
ZUE C9  C8   sing N N 395 
ZUE C8  O4   doub N N 396 
ZUE C8  N    sing N N 397 
ZUE N   C7   sing N N 398 
ZUE C7  C6   sing N N 399 
ZUE C6  C5   doub Y N 400 
ZUE C6  C1   sing Y N 401 
ZUE O   C    sing N N 402 
ZUE O   C1   sing N N 403 
ZUE C5  C4   sing Y N 404 
ZUE C1  C2   doub Y N 405 
ZUE C4  C3   doub Y N 406 
ZUE C2  C3   sing Y N 407 
ZUE C2  H1   sing N N 408 
ZUE C3  H2   sing N N 409 
ZUE C4  H3   sing N N 410 
ZUE C5  H4   sing N N 411 
ZUE C7  H5   sing N N 412 
ZUE C7  H6   sing N N 413 
ZUE C9  H7   sing N N 414 
ZUE C9  H8   sing N N 415 
ZUE C11 H9   sing N N 416 
ZUE C11 H10  sing N N 417 
ZUE C12 H11  sing N N 418 
ZUE C12 H12  sing N N 419 
ZUE N   H13  sing N N 420 
ZUE C   H14  sing N N 421 
ZUE C   H15  sing N N 422 
ZUE C   H16  sing N N 423 
ZUE C16 H17  sing N N 424 
ZUE C17 H18  sing N N 425 
ZUE C18 H19  sing N N 426 
ZUE O2  H20  sing N N 427 
# 
_pdbx_audit_support.funding_organization   'Other government' 
_pdbx_audit_support.country                ? 
_pdbx_audit_support.grant_number           ? 
_pdbx_audit_support.ordinal                1 
# 
_pdbx_entity_instance_feature.ordinal        1 
_pdbx_entity_instance_feature.comp_id        ZUE 
_pdbx_entity_instance_feature.asym_id        ? 
_pdbx_entity_instance_feature.seq_num        ? 
_pdbx_entity_instance_feature.auth_comp_id   ZUE 
_pdbx_entity_instance_feature.auth_asym_id   ? 
_pdbx_entity_instance_feature.auth_seq_num   ? 
_pdbx_entity_instance_feature.feature_type   'SUBJECT OF INVESTIGATION' 
_pdbx_entity_instance_feature.details        ? 
# 
loop_
_pdbx_entity_nonpoly.entity_id 
_pdbx_entity_nonpoly.name 
_pdbx_entity_nonpoly.comp_id 
2 'ZINC ION'                                                                                                      ZN  
3 '3-[8-chloro-3-(2-{[(2-methoxyphenyl)methyl]amino}-2-oxoethyl)-4-oxo-3,4-dihydroquinazolin-2-yl]propanoic acid' ZUE 
4 water                                                                                                           HOH 
# 
_pdbx_initial_refinement_model.id               1 
_pdbx_initial_refinement_model.entity_id_list   ? 
_pdbx_initial_refinement_model.type             'experimental model' 
_pdbx_initial_refinement_model.source_name      PDB 
_pdbx_initial_refinement_model.accession_code   5KH7 
_pdbx_initial_refinement_model.details          ? 
# 
_pdbx_struct_assembly_auth_evidence.id                     1 
_pdbx_struct_assembly_auth_evidence.assembly_id            1 
_pdbx_struct_assembly_auth_evidence.experimental_support   'gel filtration' 
_pdbx_struct_assembly_auth_evidence.details                ? 
# 
